data_268D
# 
_entry.id   268D 
# 
_audit_conform.dict_name       mmcif_pdbx.dic 
_audit_conform.dict_version    5.387 
_audit_conform.dict_location   http://mmcif.pdb.org/dictionaries/ascii/mmcif_pdbx.dic 
# 
loop_
_database_2.database_id 
_database_2.database_code 
_database_2.pdbx_database_accession 
_database_2.pdbx_DOI 
PDB   268D         pdb_0000268d 10.2210/pdb268d/pdb 
RCSB  GDLB42       ?            ?                   
WWPDB D_1000177680 ?            ?                   
# 
loop_
_pdbx_audit_revision_history.ordinal 
_pdbx_audit_revision_history.data_content_type 
_pdbx_audit_revision_history.major_revision 
_pdbx_audit_revision_history.minor_revision 
_pdbx_audit_revision_history.revision_date 
1 'Structure model' 1 0 1996-08-28 
2 'Structure model' 1 1 2008-05-22 
3 'Structure model' 1 2 2011-07-13 
4 'Structure model' 1 3 2012-02-29 
5 'Structure model' 1 4 2024-02-14 
# 
_pdbx_audit_revision_details.ordinal             1 
_pdbx_audit_revision_details.revision_ordinal    1 
_pdbx_audit_revision_details.data_content_type   'Structure model' 
_pdbx_audit_revision_details.provider            repository 
_pdbx_audit_revision_details.type                'Initial release' 
_pdbx_audit_revision_details.description         ? 
_pdbx_audit_revision_details.details             ? 
# 
loop_
_pdbx_audit_revision_group.ordinal 
_pdbx_audit_revision_group.revision_ordinal 
_pdbx_audit_revision_group.data_content_type 
_pdbx_audit_revision_group.group 
1 2 'Structure model' 'Version format compliance' 
2 3 'Structure model' 'Version format compliance' 
3 4 'Structure model' Other                       
4 5 'Structure model' 'Data collection'           
5 5 'Structure model' 'Database references'       
6 5 'Structure model' 'Derived calculations'      
# 
loop_
_pdbx_audit_revision_category.ordinal 
_pdbx_audit_revision_category.revision_ordinal 
_pdbx_audit_revision_category.data_content_type 
_pdbx_audit_revision_category.category 
1 5 'Structure model' chem_comp_atom         
2 5 'Structure model' chem_comp_bond         
3 5 'Structure model' database_2             
4 5 'Structure model' pdbx_struct_conn_angle 
5 5 'Structure model' struct_conn            
6 5 'Structure model' struct_conn_type       
7 5 'Structure model' struct_site            
# 
loop_
_pdbx_audit_revision_item.ordinal 
_pdbx_audit_revision_item.revision_ordinal 
_pdbx_audit_revision_item.data_content_type 
_pdbx_audit_revision_item.item 
1  5 'Structure model' '_database_2.pdbx_DOI'                        
2  5 'Structure model' '_database_2.pdbx_database_accession'         
3  5 'Structure model' '_pdbx_struct_conn_angle.ptnr1_auth_asym_id'  
4  5 'Structure model' '_pdbx_struct_conn_angle.ptnr1_auth_seq_id'   
5  5 'Structure model' '_pdbx_struct_conn_angle.ptnr1_label_asym_id' 
6  5 'Structure model' '_pdbx_struct_conn_angle.ptnr3_auth_asym_id'  
7  5 'Structure model' '_pdbx_struct_conn_angle.ptnr3_auth_seq_id'   
8  5 'Structure model' '_pdbx_struct_conn_angle.ptnr3_label_asym_id' 
9  5 'Structure model' '_pdbx_struct_conn_angle.value'               
10 5 'Structure model' '_struct_conn.conn_type_id'                   
11 5 'Structure model' '_struct_conn.id'                             
12 5 'Structure model' '_struct_conn.pdbx_dist_value'                
13 5 'Structure model' '_struct_conn.pdbx_leaving_atom_flag'         
14 5 'Structure model' '_struct_conn.ptnr1_auth_asym_id'             
15 5 'Structure model' '_struct_conn.ptnr1_auth_comp_id'             
16 5 'Structure model' '_struct_conn.ptnr1_auth_seq_id'              
17 5 'Structure model' '_struct_conn.ptnr1_label_asym_id'            
18 5 'Structure model' '_struct_conn.ptnr1_label_atom_id'            
19 5 'Structure model' '_struct_conn.ptnr1_label_comp_id'            
20 5 'Structure model' '_struct_conn.ptnr1_label_seq_id'             
21 5 'Structure model' '_struct_conn.ptnr2_auth_asym_id'             
22 5 'Structure model' '_struct_conn.ptnr2_auth_comp_id'             
23 5 'Structure model' '_struct_conn.ptnr2_auth_seq_id'              
24 5 'Structure model' '_struct_conn.ptnr2_label_asym_id'            
25 5 'Structure model' '_struct_conn.ptnr2_label_atom_id'            
26 5 'Structure model' '_struct_conn.ptnr2_label_comp_id'            
27 5 'Structure model' '_struct_conn.ptnr2_label_seq_id'             
28 5 'Structure model' '_struct_conn_type.id'                        
29 5 'Structure model' '_struct_site.pdbx_auth_asym_id'              
30 5 'Structure model' '_struct_site.pdbx_auth_comp_id'              
31 5 'Structure model' '_struct_site.pdbx_auth_seq_id'               
# 
_pdbx_database_status.status_code                     REL 
_pdbx_database_status.entry_id                        268D 
_pdbx_database_status.recvd_initial_deposition_date   1996-07-12 
_pdbx_database_status.deposit_site                    NDB 
_pdbx_database_status.process_site                    NDB 
_pdbx_database_status.status_code_sf                  REL 
_pdbx_database_status.status_code_mr                  ? 
_pdbx_database_status.SG_entry                        ? 
_pdbx_database_status.status_code_cs                  ? 
_pdbx_database_status.methods_development_category    ? 
_pdbx_database_status.pdb_format_compatible           Y 
_pdbx_database_status.status_code_nmr_data            ? 
# 
loop_
_pdbx_database_related.db_name 
_pdbx_database_related.db_id 
_pdbx_database_related.content_type 
_pdbx_database_related.details 
PDB 265D unspecified . 
PDB 266D unspecified . 
PDB 267D unspecified . 
PDB 269D unspecified . 
PDB 270D unspecified . 
PDB 271D unspecified . 
# 
loop_
_audit_author.name 
_audit_author.pdbx_ordinal 
'Partridge, B.L.' 1 
'Salisbury, S.A.' 2 
# 
loop_
_citation.id 
_citation.title 
_citation.journal_abbrev 
_citation.journal_volume 
_citation.page_first 
_citation.page_last 
_citation.year 
_citation.journal_id_ASTM 
_citation.country 
_citation.journal_id_ISSN 
_citation.journal_id_CSD 
_citation.book_publisher 
_citation.pdbx_database_id_PubMed 
_citation.pdbx_database_id_DOI 
1       'Structural Studies on Nucleic Acids' 'Thesis, University of Cambridge' ? ? ? 1996 ? UK ? 2108 ? ? ? 
primary ?                                     'To be Published'                 ? ? ? 1996 ? ?  ? 0353 ? ? ? 
# 
loop_
_citation_author.citation_id 
_citation_author.name 
_citation_author.ordinal 
_citation_author.identifier_ORCID 
primary 'Partridge, B.L.' 1 ? 
primary 'Salisbury, S.A.' 2 ? 
1       'Partridge, B.L.' 3 ? 
# 
loop_
_entity.id 
_entity.type 
_entity.src_method 
_entity.pdbx_description 
_entity.formula_weight 
_entity.pdbx_number_of_molecules 
_entity.pdbx_ec 
_entity.pdbx_mutation 
_entity.pdbx_fragment 
_entity.details 
1 polymer     syn 
;DNA (5'-D(*CP*GP*CP*GP*AP*AP*TP*TP*(5CM)P*GP*CP*G)-3')
;
3677.419 2   ? ? ? ? 
2 non-polymer syn BERENIL                                                  281.316  1   ? ? ? ? 
3 non-polymer syn 'MAGNESIUM ION'                                          24.305   1   ? ? ? ? 
4 water       nat water                                                    18.015   111 ? ? ? ? 
# 
_entity_poly.entity_id                      1 
_entity_poly.type                           polydeoxyribonucleotide 
_entity_poly.nstd_linkage                   no 
_entity_poly.nstd_monomer                   yes 
_entity_poly.pdbx_seq_one_letter_code       '(DC)(DG)(DC)(DG)(DA)(DA)(DT)(DT)(5CM)(DG)(DC)(DG)' 
_entity_poly.pdbx_seq_one_letter_code_can   CGCGAATTCGCG 
_entity_poly.pdbx_strand_id                 A,B 
_entity_poly.pdbx_target_identifier         ? 
# 
loop_
_pdbx_entity_nonpoly.entity_id 
_pdbx_entity_nonpoly.name 
_pdbx_entity_nonpoly.comp_id 
2 BERENIL         BRN 
3 'MAGNESIUM ION' MG  
4 water           HOH 
# 
loop_
_entity_poly_seq.entity_id 
_entity_poly_seq.num 
_entity_poly_seq.mon_id 
_entity_poly_seq.hetero 
1 1  DC  n 
1 2  DG  n 
1 3  DC  n 
1 4  DG  n 
1 5  DA  n 
1 6  DA  n 
1 7  DT  n 
1 8  DT  n 
1 9  5CM n 
1 10 DG  n 
1 11 DC  n 
1 12 DG  n 
# 
loop_
_chem_comp.id 
_chem_comp.type 
_chem_comp.mon_nstd_flag 
_chem_comp.name 
_chem_comp.pdbx_synonyms 
_chem_comp.formula 
_chem_comp.formula_weight 
5CM 'DNA linking' n "5-METHYL-2'-DEOXY-CYTIDINE-5'-MONOPHOSPHATE" ?                                                          
'C10 H16 N3 O7 P' 321.224 
BRN non-polymer   . BERENIL                                       
;DIMINAZINE ACETURATE; 1,3-TRIS-(4'AMIDINOPHENYL)TRIAZINE
;
'C14 H15 N7'      281.316 
DA  'DNA linking' y "2'-DEOXYADENOSINE-5'-MONOPHOSPHATE"          ?                                                          
'C10 H14 N5 O6 P' 331.222 
DC  'DNA linking' y "2'-DEOXYCYTIDINE-5'-MONOPHOSPHATE"           ?                                                          
'C9 H14 N3 O7 P'  307.197 
DG  'DNA linking' y "2'-DEOXYGUANOSINE-5'-MONOPHOSPHATE"          ?                                                          
'C10 H14 N5 O7 P' 347.221 
DT  'DNA linking' y "THYMIDINE-5'-MONOPHOSPHATE"                  ?                                                          
'C10 H15 N2 O8 P' 322.208 
HOH non-polymer   . WATER                                         ?                                                          
'H2 O'            18.015  
MG  non-polymer   . 'MAGNESIUM ION'                               ?                                                          
'Mg 2'            24.305  
# 
loop_
_pdbx_poly_seq_scheme.asym_id 
_pdbx_poly_seq_scheme.entity_id 
_pdbx_poly_seq_scheme.seq_id 
_pdbx_poly_seq_scheme.mon_id 
_pdbx_poly_seq_scheme.ndb_seq_num 
_pdbx_poly_seq_scheme.pdb_seq_num 
_pdbx_poly_seq_scheme.auth_seq_num 
_pdbx_poly_seq_scheme.pdb_mon_id 
_pdbx_poly_seq_scheme.auth_mon_id 
_pdbx_poly_seq_scheme.pdb_strand_id 
_pdbx_poly_seq_scheme.pdb_ins_code 
_pdbx_poly_seq_scheme.hetero 
A 1 1  DC  1  1  1  DC  C  A . n 
A 1 2  DG  2  2  2  DG  G  A . n 
A 1 3  DC  3  3  3  DC  C  A . n 
A 1 4  DG  4  4  4  DG  G  A . n 
A 1 5  DA  5  5  5  DA  A  A . n 
A 1 6  DA  6  6  6  DA  A  A . n 
A 1 7  DT  7  7  7  DT  T  A . n 
A 1 8  DT  8  8  8  DT  T  A . n 
A 1 9  5CM 9  9  9  5CM +C A . n 
A 1 10 DG  10 10 10 DG  G  A . n 
A 1 11 DC  11 11 11 DC  C  A . n 
A 1 12 DG  12 12 12 DG  G  A . n 
B 1 1  DC  1  13 13 DC  C  B . n 
B 1 2  DG  2  14 14 DG  G  B . n 
B 1 3  DC  3  15 15 DC  C  B . n 
B 1 4  DG  4  16 16 DG  G  B . n 
B 1 5  DA  5  17 17 DA  A  B . n 
B 1 6  DA  6  18 18 DA  A  B . n 
B 1 7  DT  7  19 19 DT  T  B . n 
B 1 8  DT  8  20 20 DT  T  B . n 
B 1 9  5CM 9  21 21 5CM +C B . n 
B 1 10 DG  10 22 22 DG  G  B . n 
B 1 11 DC  11 23 23 DC  C  B . n 
B 1 12 DG  12 24 24 DG  G  B . n 
# 
loop_
_pdbx_nonpoly_scheme.asym_id 
_pdbx_nonpoly_scheme.entity_id 
_pdbx_nonpoly_scheme.mon_id 
_pdbx_nonpoly_scheme.ndb_seq_num 
_pdbx_nonpoly_scheme.pdb_seq_num 
_pdbx_nonpoly_scheme.auth_seq_num 
_pdbx_nonpoly_scheme.pdb_mon_id 
_pdbx_nonpoly_scheme.auth_mon_id 
_pdbx_nonpoly_scheme.pdb_strand_id 
_pdbx_nonpoly_scheme.pdb_ins_code 
C 2 BRN 1  25  25  BRN BRN A . 
D 3 MG  1  26  26  MG  MO6 A . 
E 4 HOH 1  28  28  HOH HOH A . 
E 4 HOH 2  29  29  HOH HOH A . 
E 4 HOH 3  30  30  HOH HOH A . 
E 4 HOH 4  31  31  HOH HOH A . 
E 4 HOH 5  32  32  HOH HOH A . 
E 4 HOH 6  33  33  HOH HOH A . 
E 4 HOH 7  34  34  HOH HOH A . 
E 4 HOH 8  35  35  HOH HOH A . 
E 4 HOH 9  38  38  HOH HOH A . 
E 4 HOH 10 40  40  HOH HOH A . 
E 4 HOH 11 41  41  HOH HOH A . 
E 4 HOH 12 42  42  HOH HOH A . 
E 4 HOH 13 43  43  HOH HOH A . 
E 4 HOH 14 44  44  HOH HOH A . 
E 4 HOH 15 45  45  HOH HOH A . 
E 4 HOH 16 46  46  HOH HOH A . 
E 4 HOH 17 48  48  HOH HOH A . 
E 4 HOH 18 50  50  HOH HOH A . 
E 4 HOH 19 52  52  HOH HOH A . 
E 4 HOH 20 54  54  HOH HOH A . 
E 4 HOH 21 55  55  HOH HOH A . 
E 4 HOH 22 58  58  HOH HOH A . 
E 4 HOH 23 61  61  HOH HOH A . 
E 4 HOH 24 62  62  HOH HOH A . 
E 4 HOH 25 63  63  HOH HOH A . 
E 4 HOH 26 64  64  HOH HOH A . 
E 4 HOH 27 68  68  HOH HOH A . 
E 4 HOH 28 70  70  HOH HOH A . 
E 4 HOH 29 75  75  HOH HOH A . 
E 4 HOH 30 77  77  HOH HOH A . 
E 4 HOH 31 78  78  HOH HOH A . 
E 4 HOH 32 81  81  HOH HOH A . 
E 4 HOH 33 82  82  HOH HOH A . 
E 4 HOH 34 85  85  HOH HOH A . 
E 4 HOH 35 87  87  HOH HOH A . 
E 4 HOH 36 88  88  HOH HOH A . 
E 4 HOH 37 89  89  HOH HOH A . 
E 4 HOH 38 91  91  HOH HOH A . 
E 4 HOH 39 92  92  HOH HOH A . 
E 4 HOH 40 93  93  HOH HOH A . 
E 4 HOH 41 95  95  HOH HOH A . 
E 4 HOH 42 100 100 HOH HOH A . 
E 4 HOH 43 101 101 HOH HOH A . 
E 4 HOH 44 103 103 HOH HOH A . 
E 4 HOH 45 105 105 HOH HOH A . 
E 4 HOH 46 106 106 HOH HOH A . 
E 4 HOH 47 107 107 HOH HOH A . 
E 4 HOH 48 110 110 HOH HOH A . 
E 4 HOH 49 111 111 HOH HOH A . 
E 4 HOH 50 112 112 HOH HOH A . 
E 4 HOH 51 114 114 HOH HOH A . 
E 4 HOH 52 115 115 HOH HOH A . 
E 4 HOH 53 120 120 HOH HOH A . 
E 4 HOH 54 123 123 HOH HOH A . 
E 4 HOH 55 126 126 HOH HOH A . 
E 4 HOH 56 127 127 HOH HOH A . 
E 4 HOH 57 130 130 HOH HOH A . 
E 4 HOH 58 132 26  HOH MO6 A . 
E 4 HOH 59 133 26  HOH MO6 A . 
E 4 HOH 60 135 26  HOH MO6 A . 
E 4 HOH 61 136 26  HOH MO6 A . 
E 4 HOH 62 137 26  HOH MO6 A . 
F 4 HOH 1  27  27  HOH HOH B . 
F 4 HOH 2  36  36  HOH HOH B . 
F 4 HOH 3  37  37  HOH HOH B . 
F 4 HOH 4  39  39  HOH HOH B . 
F 4 HOH 5  47  47  HOH HOH B . 
F 4 HOH 6  49  49  HOH HOH B . 
F 4 HOH 7  51  51  HOH HOH B . 
F 4 HOH 8  53  53  HOH HOH B . 
F 4 HOH 9  56  56  HOH HOH B . 
F 4 HOH 10 57  57  HOH HOH B . 
F 4 HOH 11 59  59  HOH HOH B . 
F 4 HOH 12 60  60  HOH HOH B . 
F 4 HOH 13 65  65  HOH HOH B . 
F 4 HOH 14 66  66  HOH HOH B . 
F 4 HOH 15 67  67  HOH HOH B . 
F 4 HOH 16 69  69  HOH HOH B . 
F 4 HOH 17 71  71  HOH HOH B . 
F 4 HOH 18 72  72  HOH HOH B . 
F 4 HOH 19 73  73  HOH HOH B . 
F 4 HOH 20 74  74  HOH HOH B . 
F 4 HOH 21 76  76  HOH HOH B . 
F 4 HOH 22 79  79  HOH HOH B . 
F 4 HOH 23 80  80  HOH HOH B . 
F 4 HOH 24 83  83  HOH HOH B . 
F 4 HOH 25 84  84  HOH HOH B . 
F 4 HOH 26 86  86  HOH HOH B . 
F 4 HOH 27 90  90  HOH HOH B . 
F 4 HOH 28 94  94  HOH HOH B . 
F 4 HOH 29 96  96  HOH HOH B . 
F 4 HOH 30 97  97  HOH HOH B . 
F 4 HOH 31 98  98  HOH HOH B . 
F 4 HOH 32 99  99  HOH HOH B . 
F 4 HOH 33 102 102 HOH HOH B . 
F 4 HOH 34 104 104 HOH HOH B . 
F 4 HOH 35 108 108 HOH HOH B . 
F 4 HOH 36 109 109 HOH HOH B . 
F 4 HOH 37 113 113 HOH HOH B . 
F 4 HOH 38 116 116 HOH HOH B . 
F 4 HOH 39 117 117 HOH HOH B . 
F 4 HOH 40 118 118 HOH HOH B . 
F 4 HOH 41 119 119 HOH HOH B . 
F 4 HOH 42 121 121 HOH HOH B . 
F 4 HOH 43 122 122 HOH HOH B . 
F 4 HOH 44 124 124 HOH HOH B . 
F 4 HOH 45 125 125 HOH HOH B . 
F 4 HOH 46 128 128 HOH HOH B . 
F 4 HOH 47 129 129 HOH HOH B . 
F 4 HOH 48 131 131 HOH HOH B . 
F 4 HOH 49 134 26  HOH MO6 B . 
# 
loop_
_software.name 
_software.classification 
_software.version 
_software.citation_id 
_software.pdbx_ordinal 
NUCLSQ refinement       . ? 1 
RIGAKU 'data reduction' . ? 2 
RIGAKU 'data scaling'   . ? 3 
# 
_cell.entry_id           268D 
_cell.length_a           24.744 
_cell.length_b           40.193 
_cell.length_c           65.322 
_cell.angle_alpha        90.00 
_cell.angle_beta         90.00 
_cell.angle_gamma        90.00 
_cell.Z_PDB              8 
_cell.pdbx_unique_axis   ? 
_cell.length_a_esd       ? 
_cell.length_b_esd       ? 
_cell.length_c_esd       ? 
_cell.angle_alpha_esd    ? 
_cell.angle_beta_esd     ? 
_cell.angle_gamma_esd    ? 
# 
_symmetry.entry_id                         268D 
_symmetry.space_group_name_H-M             'P 21 21 21' 
_symmetry.pdbx_full_space_group_name_H-M   ? 
_symmetry.cell_setting                     ? 
_symmetry.Int_Tables_number                19 
_symmetry.space_group_name_Hall            ? 
# 
_exptl.entry_id          268D 
_exptl.method            'X-RAY DIFFRACTION' 
_exptl.crystals_number   ? 
# 
_exptl_crystal.id                    1 
_exptl_crystal.density_meas          ? 
_exptl_crystal.density_percent_sol   44.30 
_exptl_crystal.density_Matthews      2.21 
_exptl_crystal.description           ? 
_exptl_crystal.F_000                 ? 
_exptl_crystal.preparation           ? 
# 
_exptl_crystal_grow.crystal_id      1 
_exptl_crystal_grow.method          ? 
_exptl_crystal_grow.temp            ? 
_exptl_crystal_grow.temp_details    ? 
_exptl_crystal_grow.pH              7.10 
_exptl_crystal_grow.pdbx_details    'pH 7.10' 
_exptl_crystal_grow.pdbx_pH_range   ? 
# 
loop_
_exptl_crystal_grow_comp.crystal_id 
_exptl_crystal_grow_comp.id 
_exptl_crystal_grow_comp.sol_id 
_exptl_crystal_grow_comp.name 
_exptl_crystal_grow_comp.volume 
_exptl_crystal_grow_comp.conc 
_exptl_crystal_grow_comp.details 
1 1 1 WATER           ? ? ? 
1 2 1 'NA CACODYLATE' ? ? ? 
# 
_diffrn.id                     1 
_diffrn.ambient_temp           100.00 
_diffrn.ambient_temp_details   ? 
_diffrn.crystal_id             1 
# 
_diffrn_detector.diffrn_id              1 
_diffrn_detector.detector               'IMAGE PLATE' 
_diffrn_detector.type                   'RIGAKU RAXIS IIC' 
_diffrn_detector.pdbx_collection_date   1995-05-19 
_diffrn_detector.details                ? 
# 
_diffrn_radiation.diffrn_id                        1 
_diffrn_radiation.wavelength_id                    1 
_diffrn_radiation.pdbx_monochromatic_or_laue_m_l   M 
_diffrn_radiation.monochromator                    GRAPHITE 
_diffrn_radiation.pdbx_diffrn_protocol             ? 
_diffrn_radiation.pdbx_scattering_type             x-ray 
# 
_diffrn_radiation_wavelength.id           1 
_diffrn_radiation_wavelength.wavelength   . 
_diffrn_radiation_wavelength.wt           1.0 
# 
_diffrn_source.diffrn_id                   1 
_diffrn_source.source                      'ROTATING ANODE' 
_diffrn_source.type                        'RIGAKU RU200' 
_diffrn_source.pdbx_synchrotron_site       ? 
_diffrn_source.pdbx_synchrotron_beamline   ? 
_diffrn_source.pdbx_wavelength             ? 
_diffrn_source.pdbx_wavelength_list        ? 
# 
_reflns.entry_id                     268D 
_reflns.observed_criterion_sigma_I   ? 
_reflns.observed_criterion_sigma_F   ? 
_reflns.d_resolution_low             40.200 
_reflns.d_resolution_high            2.020 
_reflns.number_obs                   10301 
_reflns.number_all                   ? 
_reflns.percent_possible_obs         ? 
_reflns.pdbx_Rmerge_I_obs            0.0567 
_reflns.pdbx_Rsym_value              ? 
_reflns.pdbx_netI_over_sigmaI        ? 
_reflns.B_iso_Wilson_estimate        ? 
_reflns.pdbx_redundancy              ? 
_reflns.pdbx_ordinal                 1 
_reflns.pdbx_diffrn_id               1 
_reflns.R_free_details               ? 
_reflns.pdbx_chi_squared             ? 
_reflns.pdbx_scaling_rejects         ? 
# 
_refine.entry_id                                 268D 
_refine.ls_number_reflns_obs                     4308 
_refine.ls_number_reflns_all                     ? 
_refine.pdbx_ls_sigma_I                          ? 
_refine.pdbx_ls_sigma_F                          4.000 
_refine.pdbx_data_cutoff_high_absF               ? 
_refine.pdbx_data_cutoff_low_absF                ? 
_refine.pdbx_data_cutoff_high_rms_absF           ? 
_refine.ls_d_res_low                             ? 
_refine.ls_d_res_high                            2.020 
_refine.ls_percent_reflns_obs                    90.500 
_refine.ls_R_factor_obs                          0.16 
_refine.ls_R_factor_all                          ? 
_refine.ls_R_factor_R_work                       ? 
_refine.ls_R_factor_R_free                       ? 
_refine.ls_R_factor_R_free_error                 ? 
_refine.ls_R_factor_R_free_error_details         ? 
_refine.ls_percent_reflns_R_free                 ? 
_refine.ls_number_reflns_R_free                  ? 
_refine.ls_number_parameters                     ? 
_refine.ls_number_restraints                     ? 
_refine.occupancy_min                            ? 
_refine.occupancy_max                            ? 
_refine.B_iso_mean                               ? 
_refine.aniso_B[1][1]                            ? 
_refine.aniso_B[2][2]                            ? 
_refine.aniso_B[3][3]                            ? 
_refine.aniso_B[1][2]                            ? 
_refine.aniso_B[1][3]                            ? 
_refine.aniso_B[2][3]                            ? 
_refine.solvent_model_details                    ? 
_refine.solvent_model_param_ksol                 ? 
_refine.solvent_model_param_bsol                 ? 
_refine.pdbx_ls_cross_valid_method               ? 
_refine.details                                  
;STANDARD R-FACTOR = 16.0% ERROR R-FACTOR = 4.5% WEIGHTED R-FACTOR = 15.1% NUMBER OF REFLECTIONS INCLUDED = 13587 AVERAGE |FO-FC| DISCREPANCY = 19.50 AVERAGE WEIGHTED |FO-FC| DISCREPANCY = 0.03 CORRELATION COEFFICIENT = 101.5% RESOLUTION BREAKDOWN "ALL" R FACTOR = 14.2%
;
_refine.pdbx_starting_model                      ? 
_refine.pdbx_method_to_determine_struct          MIR 
_refine.pdbx_isotropic_thermal_model             ? 
_refine.pdbx_stereochemistry_target_values       ? 
_refine.pdbx_stereochem_target_val_spec_case     ? 
_refine.pdbx_R_Free_selection_details            ? 
_refine.pdbx_overall_ESU_R                       ? 
_refine.pdbx_overall_ESU_R_Free                  ? 
_refine.overall_SU_ML                            ? 
_refine.overall_SU_B                             ? 
_refine.pdbx_refine_id                           'X-RAY DIFFRACTION' 
_refine.pdbx_diffrn_id                           1 
_refine.ls_redundancy_reflns_obs                 ? 
_refine.pdbx_overall_phase_error                 ? 
_refine.correlation_coeff_Fo_to_Fc               ? 
_refine.correlation_coeff_Fo_to_Fc_free          ? 
_refine.pdbx_solvent_vdw_probe_radii             ? 
_refine.pdbx_solvent_ion_probe_radii             ? 
_refine.pdbx_solvent_shrinkage_radii             ? 
_refine.overall_SU_R_Cruickshank_DPI             ? 
_refine.overall_SU_R_free                        ? 
_refine.ls_wR_factor_R_free                      ? 
_refine.ls_wR_factor_R_work                      ? 
_refine.overall_FOM_free_R_set                   ? 
_refine.overall_FOM_work_R_set                   ? 
_refine.pdbx_TLS_residual_ADP_flag               ? 
_refine.pdbx_overall_SU_R_free_Cruickshank_DPI   ? 
_refine.pdbx_overall_SU_R_Blow_DPI               ? 
_refine.pdbx_overall_SU_R_free_Blow_DPI          ? 
# 
_refine_hist.pdbx_refine_id                   'X-RAY DIFFRACTION' 
_refine_hist.cycle_id                         LAST 
_refine_hist.pdbx_number_atoms_protein        0 
_refine_hist.pdbx_number_atoms_nucleic_acid   488 
_refine_hist.pdbx_number_atoms_ligand         22 
_refine_hist.number_atoms_solvent             111 
_refine_hist.number_atoms_total               621 
_refine_hist.d_res_high                       2.020 
_refine_hist.d_res_low                        . 
# 
loop_
_refine_ls_restr.type 
_refine_ls_restr.dev_ideal 
_refine_ls_restr.dev_ideal_target 
_refine_ls_restr.weight 
_refine_ls_restr.number 
_refine_ls_restr.pdbx_refine_id 
_refine_ls_restr.pdbx_restraint_function 
n_bond_d               ?      ?     ? ? 'X-RAY DIFFRACTION' ? 
n_angle_d              ?      ?     ? ? 'X-RAY DIFFRACTION' ? 
n_planar_d             ?      ?     ? ? 'X-RAY DIFFRACTION' ? 
n_hb_or_metal_coord    ?      ?     ? ? 'X-RAY DIFFRACTION' ? 
n_sugar_bond_it        11.089 7.500 ? ? 'X-RAY DIFFRACTION' ? 
n_sugar_angle_it       12.593 7.500 ? ? 'X-RAY DIFFRACTION' ? 
n_phos_bond_it         12.684 7.500 ? ? 'X-RAY DIFFRACTION' ? 
n_phos_angle_it        11.982 7.500 ? ? 'X-RAY DIFFRACTION' ? 
n_bond_angle_restr     ?      ?     ? ? 'X-RAY DIFFRACTION' ? 
n_dihedral_angle_restr ?      ?     ? ? 'X-RAY DIFFRACTION' ? 
n_impr_tor             ?      ?     ? ? 'X-RAY DIFFRACTION' ? 
n_sugar_bond_d         ?      ?     ? ? 'X-RAY DIFFRACTION' ? 
n_sugar_bond_angle_d   ?      ?     ? ? 'X-RAY DIFFRACTION' ? 
n_phos_bond_d          0.036  0.015 ? ? 'X-RAY DIFFRACTION' ? 
n_phos_bond_angle_d    0.072  0.025 ? ? 'X-RAY DIFFRACTION' ? 
n_plane_restr          0.039  0.015 ? ? 'X-RAY DIFFRACTION' ? 
n_chiral_restr         0.074  0.040 ? ? 'X-RAY DIFFRACTION' ? 
n_singtor_nbd          0.162  0.063 ? ? 'X-RAY DIFFRACTION' ? 
n_multtor_nbd          0.287  0.063 ? ? 'X-RAY DIFFRACTION' ? 
n_xhyhbond_nbd         ?      ?     ? ? 'X-RAY DIFFRACTION' ? 
# 
_struct.entry_id                  268D 
_struct.title                     'STRUCTURAL STUDIES ON NUCLEIC ACIDS' 
_struct.pdbx_model_details        ? 
_struct.pdbx_CASP_flag            ? 
_struct.pdbx_model_type_details   ? 
# 
_struct_keywords.entry_id        268D 
_struct_keywords.pdbx_keywords   DNA 
_struct_keywords.text            'B-DNA, DOUBLE HELIX, MODIFIED, COMPLEXED WITH DRUG, DNA' 
# 
loop_
_struct_asym.id 
_struct_asym.pdbx_blank_PDB_chainid_flag 
_struct_asym.pdbx_modified 
_struct_asym.entity_id 
_struct_asym.details 
A N N 1 ? 
B N N 1 ? 
C N N 2 ? 
D N N 3 ? 
E N N 4 ? 
F N N 4 ? 
# 
_struct_ref.id                         1 
_struct_ref.entity_id                  1 
_struct_ref.db_name                    PDB 
_struct_ref.db_code                    268D 
_struct_ref.pdbx_db_accession          268D 
_struct_ref.pdbx_align_begin           ? 
_struct_ref.pdbx_seq_one_letter_code   ? 
_struct_ref.pdbx_db_isoform            ? 
# 
loop_
_struct_ref_seq.align_id 
_struct_ref_seq.ref_id 
_struct_ref_seq.pdbx_PDB_id_code 
_struct_ref_seq.pdbx_strand_id 
_struct_ref_seq.seq_align_beg 
_struct_ref_seq.pdbx_seq_align_beg_ins_code 
_struct_ref_seq.seq_align_end 
_struct_ref_seq.pdbx_seq_align_end_ins_code 
_struct_ref_seq.pdbx_db_accession 
_struct_ref_seq.db_align_beg 
_struct_ref_seq.pdbx_db_align_beg_ins_code 
_struct_ref_seq.db_align_end 
_struct_ref_seq.pdbx_db_align_end_ins_code 
_struct_ref_seq.pdbx_auth_seq_align_beg 
_struct_ref_seq.pdbx_auth_seq_align_end 
1 1 268D A 1 ? 12 ? 268D 1  ? 12 ? 1  12 
2 1 268D B 1 ? 12 ? 268D 13 ? 24 ? 13 24 
# 
_pdbx_struct_assembly.id                   1 
_pdbx_struct_assembly.details              author_defined_assembly 
_pdbx_struct_assembly.method_details       ? 
_pdbx_struct_assembly.oligomeric_details   dimeric 
_pdbx_struct_assembly.oligomeric_count     2 
# 
_pdbx_struct_assembly_gen.assembly_id       1 
_pdbx_struct_assembly_gen.oper_expression   1 
_pdbx_struct_assembly_gen.asym_id_list      A,B,C,D,E,F 
# 
_pdbx_struct_oper_list.id                   1 
_pdbx_struct_oper_list.type                 'identity operation' 
_pdbx_struct_oper_list.name                 1_555 
_pdbx_struct_oper_list.symmetry_operation   x,y,z 
_pdbx_struct_oper_list.matrix[1][1]         1.0000000000 
_pdbx_struct_oper_list.matrix[1][2]         0.0000000000 
_pdbx_struct_oper_list.matrix[1][3]         0.0000000000 
_pdbx_struct_oper_list.vector[1]            0.0000000000 
_pdbx_struct_oper_list.matrix[2][1]         0.0000000000 
_pdbx_struct_oper_list.matrix[2][2]         1.0000000000 
_pdbx_struct_oper_list.matrix[2][3]         0.0000000000 
_pdbx_struct_oper_list.vector[2]            0.0000000000 
_pdbx_struct_oper_list.matrix[3][1]         0.0000000000 
_pdbx_struct_oper_list.matrix[3][2]         0.0000000000 
_pdbx_struct_oper_list.matrix[3][3]         1.0000000000 
_pdbx_struct_oper_list.vector[3]            0.0000000000 
# 
_struct_biol.id        1 
_struct_biol.details   ? 
# 
loop_
_struct_conn.id 
_struct_conn.conn_type_id 
_struct_conn.pdbx_leaving_atom_flag 
_struct_conn.pdbx_PDB_id 
_struct_conn.ptnr1_label_asym_id 
_struct_conn.ptnr1_label_comp_id 
_struct_conn.ptnr1_label_seq_id 
_struct_conn.ptnr1_label_atom_id 
_struct_conn.pdbx_ptnr1_label_alt_id 
_struct_conn.pdbx_ptnr1_PDB_ins_code 
_struct_conn.pdbx_ptnr1_standard_comp_id 
_struct_conn.ptnr1_symmetry 
_struct_conn.ptnr2_label_asym_id 
_struct_conn.ptnr2_label_comp_id 
_struct_conn.ptnr2_label_seq_id 
_struct_conn.ptnr2_label_atom_id 
_struct_conn.pdbx_ptnr2_label_alt_id 
_struct_conn.pdbx_ptnr2_PDB_ins_code 
_struct_conn.ptnr1_auth_asym_id 
_struct_conn.ptnr1_auth_comp_id 
_struct_conn.ptnr1_auth_seq_id 
_struct_conn.ptnr2_auth_asym_id 
_struct_conn.ptnr2_auth_comp_id 
_struct_conn.ptnr2_auth_seq_id 
_struct_conn.ptnr2_symmetry 
_struct_conn.pdbx_ptnr3_label_atom_id 
_struct_conn.pdbx_ptnr3_label_seq_id 
_struct_conn.pdbx_ptnr3_label_comp_id 
_struct_conn.pdbx_ptnr3_label_asym_id 
_struct_conn.pdbx_ptnr3_label_alt_id 
_struct_conn.pdbx_ptnr3_PDB_ins_code 
_struct_conn.details 
_struct_conn.pdbx_dist_value 
_struct_conn.pdbx_value_order 
_struct_conn.pdbx_role 
covale1  covale both ? A DT  8  "O3'" ? ? ? 1_555 A 5CM 9  P  ? ? A DT  8  A 5CM 9   1_555 ? ? ? ? ? ? ?            1.591 ? ? 
covale2  covale both ? A 5CM 9  "O3'" ? ? ? 1_555 A DG  10 P  ? ? A 5CM 9  A DG  10  1_555 ? ? ? ? ? ? ?            1.573 ? ? 
covale3  covale both ? B DT  8  "O3'" ? ? ? 1_555 B 5CM 9  P  ? ? B DT  20 B 5CM 21  1_555 ? ? ? ? ? ? ?            1.572 ? ? 
covale4  covale both ? B 5CM 9  "O3'" ? ? ? 1_555 B DG  10 P  ? ? B 5CM 21 B DG  22  1_555 ? ? ? ? ? ? ?            1.610 ? ? 
metalc1  metalc ?    ? D MG  .  MG    ? ? ? 1_555 E HOH .  O  ? ? A MG  26 A HOH 132 1_555 ? ? ? ? ? ? ?            2.079 ? ? 
metalc2  metalc ?    ? D MG  .  MG    ? ? ? 1_555 E HOH .  O  ? ? A MG  26 A HOH 133 1_555 ? ? ? ? ? ? ?            1.957 ? ? 
metalc3  metalc ?    ? D MG  .  MG    ? ? ? 1_555 E HOH .  O  ? ? A MG  26 A HOH 135 1_555 ? ? ? ? ? ? ?            1.947 ? ? 
metalc4  metalc ?    ? D MG  .  MG    ? ? ? 1_555 E HOH .  O  ? ? A MG  26 A HOH 136 1_555 ? ? ? ? ? ? ?            2.046 ? ? 
metalc5  metalc ?    ? D MG  .  MG    ? ? ? 1_555 E HOH .  O  ? ? A MG  26 A HOH 137 1_555 ? ? ? ? ? ? ?            1.879 ? ? 
metalc6  metalc ?    ? D MG  .  MG    ? ? ? 1_555 F HOH .  O  ? ? A MG  26 B HOH 134 1_555 ? ? ? ? ? ? ?            2.138 ? ? 
hydrog1  hydrog ?    ? A DC  1  N3    ? ? ? 1_555 B DG  12 N1 ? ? A DC  1  B DG  24  1_555 ? ? ? ? ? ? WATSON-CRICK ?     ? ? 
hydrog2  hydrog ?    ? A DC  1  N4    ? ? ? 1_555 B DG  12 O6 ? ? A DC  1  B DG  24  1_555 ? ? ? ? ? ? WATSON-CRICK ?     ? ? 
hydrog3  hydrog ?    ? A DC  1  O2    ? ? ? 1_555 B DG  12 N2 ? ? A DC  1  B DG  24  1_555 ? ? ? ? ? ? WATSON-CRICK ?     ? ? 
hydrog4  hydrog ?    ? A DG  2  N1    ? ? ? 1_555 B DC  11 N3 ? ? A DG  2  B DC  23  1_555 ? ? ? ? ? ? WATSON-CRICK ?     ? ? 
hydrog5  hydrog ?    ? A DG  2  N2    ? ? ? 1_555 B DC  11 O2 ? ? A DG  2  B DC  23  1_555 ? ? ? ? ? ? WATSON-CRICK ?     ? ? 
hydrog6  hydrog ?    ? A DG  2  O6    ? ? ? 1_555 B DC  11 N4 ? ? A DG  2  B DC  23  1_555 ? ? ? ? ? ? WATSON-CRICK ?     ? ? 
hydrog7  hydrog ?    ? A DC  3  N3    ? ? ? 1_555 B DG  10 N1 ? ? A DC  3  B DG  22  1_555 ? ? ? ? ? ? WATSON-CRICK ?     ? ? 
hydrog8  hydrog ?    ? A DC  3  N4    ? ? ? 1_555 B DG  10 O6 ? ? A DC  3  B DG  22  1_555 ? ? ? ? ? ? WATSON-CRICK ?     ? ? 
hydrog9  hydrog ?    ? A DC  3  O2    ? ? ? 1_555 B DG  10 N2 ? ? A DC  3  B DG  22  1_555 ? ? ? ? ? ? WATSON-CRICK ?     ? ? 
hydrog10 hydrog ?    ? A DG  4  N1    ? ? ? 1_555 B 5CM 9  N3 ? ? A DG  4  B 5CM 21  1_555 ? ? ? ? ? ? WATSON-CRICK ?     ? ? 
hydrog11 hydrog ?    ? A DG  4  N2    ? ? ? 1_555 B 5CM 9  O2 ? ? A DG  4  B 5CM 21  1_555 ? ? ? ? ? ? WATSON-CRICK ?     ? ? 
hydrog12 hydrog ?    ? A DG  4  O6    ? ? ? 1_555 B 5CM 9  N4 ? ? A DG  4  B 5CM 21  1_555 ? ? ? ? ? ? WATSON-CRICK ?     ? ? 
hydrog13 hydrog ?    ? A DA  5  N1    ? ? ? 1_555 B DT  8  N3 ? ? A DA  5  B DT  20  1_555 ? ? ? ? ? ? WATSON-CRICK ?     ? ? 
hydrog14 hydrog ?    ? A DA  5  N6    ? ? ? 1_555 B DT  8  O4 ? ? A DA  5  B DT  20  1_555 ? ? ? ? ? ? WATSON-CRICK ?     ? ? 
hydrog15 hydrog ?    ? A DA  6  N1    ? ? ? 1_555 B DT  7  N3 ? ? A DA  6  B DT  19  1_555 ? ? ? ? ? ? WATSON-CRICK ?     ? ? 
hydrog16 hydrog ?    ? A DA  6  N6    ? ? ? 1_555 B DT  7  O4 ? ? A DA  6  B DT  19  1_555 ? ? ? ? ? ? WATSON-CRICK ?     ? ? 
hydrog17 hydrog ?    ? A DT  7  N3    ? ? ? 1_555 B DA  6  N1 ? ? A DT  7  B DA  18  1_555 ? ? ? ? ? ? WATSON-CRICK ?     ? ? 
hydrog18 hydrog ?    ? A DT  7  O4    ? ? ? 1_555 B DA  6  N6 ? ? A DT  7  B DA  18  1_555 ? ? ? ? ? ? WATSON-CRICK ?     ? ? 
hydrog19 hydrog ?    ? A DT  8  N3    ? ? ? 1_555 B DA  5  N1 ? ? A DT  8  B DA  17  1_555 ? ? ? ? ? ? WATSON-CRICK ?     ? ? 
hydrog20 hydrog ?    ? A DT  8  O4    ? ? ? 1_555 B DA  5  N6 ? ? A DT  8  B DA  17  1_555 ? ? ? ? ? ? WATSON-CRICK ?     ? ? 
hydrog21 hydrog ?    ? A 5CM 9  N3    ? ? ? 1_555 B DG  4  N1 ? ? A 5CM 9  B DG  16  1_555 ? ? ? ? ? ? WATSON-CRICK ?     ? ? 
hydrog22 hydrog ?    ? A 5CM 9  N4    ? ? ? 1_555 B DG  4  O6 ? ? A 5CM 9  B DG  16  1_555 ? ? ? ? ? ? WATSON-CRICK ?     ? ? 
hydrog23 hydrog ?    ? A 5CM 9  O2    ? ? ? 1_555 B DG  4  N2 ? ? A 5CM 9  B DG  16  1_555 ? ? ? ? ? ? WATSON-CRICK ?     ? ? 
hydrog24 hydrog ?    ? A DG  10 N1    ? ? ? 1_555 B DC  3  N3 ? ? A DG  10 B DC  15  1_555 ? ? ? ? ? ? WATSON-CRICK ?     ? ? 
hydrog25 hydrog ?    ? A DG  10 N2    ? ? ? 1_555 B DC  3  O2 ? ? A DG  10 B DC  15  1_555 ? ? ? ? ? ? WATSON-CRICK ?     ? ? 
hydrog26 hydrog ?    ? A DG  10 O6    ? ? ? 1_555 B DC  3  N4 ? ? A DG  10 B DC  15  1_555 ? ? ? ? ? ? WATSON-CRICK ?     ? ? 
hydrog27 hydrog ?    ? A DC  11 N3    ? ? ? 1_555 B DG  2  N1 ? ? A DC  11 B DG  14  1_555 ? ? ? ? ? ? WATSON-CRICK ?     ? ? 
hydrog28 hydrog ?    ? A DC  11 N4    ? ? ? 1_555 B DG  2  O6 ? ? A DC  11 B DG  14  1_555 ? ? ? ? ? ? WATSON-CRICK ?     ? ? 
hydrog29 hydrog ?    ? A DC  11 O2    ? ? ? 1_555 B DG  2  N2 ? ? A DC  11 B DG  14  1_555 ? ? ? ? ? ? WATSON-CRICK ?     ? ? 
hydrog30 hydrog ?    ? A DG  12 N1    ? ? ? 1_555 B DC  1  N3 ? ? A DG  12 B DC  13  1_555 ? ? ? ? ? ? WATSON-CRICK ?     ? ? 
hydrog31 hydrog ?    ? A DG  12 N2    ? ? ? 1_555 B DC  1  O2 ? ? A DG  12 B DC  13  1_555 ? ? ? ? ? ? WATSON-CRICK ?     ? ? 
hydrog32 hydrog ?    ? A DG  12 O6    ? ? ? 1_555 B DC  1  N4 ? ? A DG  12 B DC  13  1_555 ? ? ? ? ? ? WATSON-CRICK ?     ? ? 
# 
loop_
_struct_conn_type.id 
_struct_conn_type.criteria 
_struct_conn_type.reference 
covale ? ? 
metalc ? ? 
hydrog ? ? 
# 
loop_
_pdbx_struct_conn_angle.id 
_pdbx_struct_conn_angle.ptnr1_label_atom_id 
_pdbx_struct_conn_angle.ptnr1_label_alt_id 
_pdbx_struct_conn_angle.ptnr1_label_asym_id 
_pdbx_struct_conn_angle.ptnr1_label_comp_id 
_pdbx_struct_conn_angle.ptnr1_label_seq_id 
_pdbx_struct_conn_angle.ptnr1_auth_atom_id 
_pdbx_struct_conn_angle.ptnr1_auth_asym_id 
_pdbx_struct_conn_angle.ptnr1_auth_comp_id 
_pdbx_struct_conn_angle.ptnr1_auth_seq_id 
_pdbx_struct_conn_angle.ptnr1_PDB_ins_code 
_pdbx_struct_conn_angle.ptnr1_symmetry 
_pdbx_struct_conn_angle.ptnr2_label_atom_id 
_pdbx_struct_conn_angle.ptnr2_label_alt_id 
_pdbx_struct_conn_angle.ptnr2_label_asym_id 
_pdbx_struct_conn_angle.ptnr2_label_comp_id 
_pdbx_struct_conn_angle.ptnr2_label_seq_id 
_pdbx_struct_conn_angle.ptnr2_auth_atom_id 
_pdbx_struct_conn_angle.ptnr2_auth_asym_id 
_pdbx_struct_conn_angle.ptnr2_auth_comp_id 
_pdbx_struct_conn_angle.ptnr2_auth_seq_id 
_pdbx_struct_conn_angle.ptnr2_PDB_ins_code 
_pdbx_struct_conn_angle.ptnr2_symmetry 
_pdbx_struct_conn_angle.ptnr3_label_atom_id 
_pdbx_struct_conn_angle.ptnr3_label_alt_id 
_pdbx_struct_conn_angle.ptnr3_label_asym_id 
_pdbx_struct_conn_angle.ptnr3_label_comp_id 
_pdbx_struct_conn_angle.ptnr3_label_seq_id 
_pdbx_struct_conn_angle.ptnr3_auth_atom_id 
_pdbx_struct_conn_angle.ptnr3_auth_asym_id 
_pdbx_struct_conn_angle.ptnr3_auth_comp_id 
_pdbx_struct_conn_angle.ptnr3_auth_seq_id 
_pdbx_struct_conn_angle.ptnr3_PDB_ins_code 
_pdbx_struct_conn_angle.ptnr3_symmetry 
_pdbx_struct_conn_angle.value 
_pdbx_struct_conn_angle.value_esd 
1  O ? E HOH . ? A HOH 132 ? 1_555 MG ? D MG . ? A MG 26 ? 1_555 O ? E HOH . ? A HOH 133 ? 1_555 174.4 ? 
2  O ? E HOH . ? A HOH 132 ? 1_555 MG ? D MG . ? A MG 26 ? 1_555 O ? E HOH . ? A HOH 135 ? 1_555 88.5  ? 
3  O ? E HOH . ? A HOH 133 ? 1_555 MG ? D MG . ? A MG 26 ? 1_555 O ? E HOH . ? A HOH 135 ? 1_555 97.0  ? 
4  O ? E HOH . ? A HOH 132 ? 1_555 MG ? D MG . ? A MG 26 ? 1_555 O ? E HOH . ? A HOH 136 ? 1_555 90.3  ? 
5  O ? E HOH . ? A HOH 133 ? 1_555 MG ? D MG . ? A MG 26 ? 1_555 O ? E HOH . ? A HOH 136 ? 1_555 88.7  ? 
6  O ? E HOH . ? A HOH 135 ? 1_555 MG ? D MG . ? A MG 26 ? 1_555 O ? E HOH . ? A HOH 136 ? 1_555 88.1  ? 
7  O ? E HOH . ? A HOH 132 ? 1_555 MG ? D MG . ? A MG 26 ? 1_555 O ? E HOH . ? A HOH 137 ? 1_555 89.0  ? 
8  O ? E HOH . ? A HOH 133 ? 1_555 MG ? D MG . ? A MG 26 ? 1_555 O ? E HOH . ? A HOH 137 ? 1_555 91.7  ? 
9  O ? E HOH . ? A HOH 135 ? 1_555 MG ? D MG . ? A MG 26 ? 1_555 O ? E HOH . ? A HOH 137 ? 1_555 94.9  ? 
10 O ? E HOH . ? A HOH 136 ? 1_555 MG ? D MG . ? A MG 26 ? 1_555 O ? E HOH . ? A HOH 137 ? 1_555 176.8 ? 
11 O ? E HOH . ? A HOH 132 ? 1_555 MG ? D MG . ? A MG 26 ? 1_555 O ? F HOH . ? B HOH 134 ? 1_555 87.9  ? 
12 O ? E HOH . ? A HOH 133 ? 1_555 MG ? D MG . ? A MG 26 ? 1_555 O ? F HOH . ? B HOH 134 ? 1_555 86.4  ? 
13 O ? E HOH . ? A HOH 135 ? 1_555 MG ? D MG . ? A MG 26 ? 1_555 O ? F HOH . ? B HOH 134 ? 1_555 170.6 ? 
14 O ? E HOH . ? A HOH 136 ? 1_555 MG ? D MG . ? A MG 26 ? 1_555 O ? F HOH . ? B HOH 134 ? 1_555 83.2  ? 
15 O ? E HOH . ? A HOH 137 ? 1_555 MG ? D MG . ? A MG 26 ? 1_555 O ? F HOH . ? B HOH 134 ? 1_555 93.7  ? 
# 
loop_
_struct_site.id 
_struct_site.pdbx_evidence_code 
_struct_site.pdbx_auth_asym_id 
_struct_site.pdbx_auth_comp_id 
_struct_site.pdbx_auth_seq_id 
_struct_site.pdbx_auth_ins_code 
_struct_site.pdbx_num_residues 
_struct_site.details 
AC1 Software A BRN 25 ? 12 'BINDING SITE FOR RESIDUE BRN A 25' 
AC2 Software A MG  26 ? 6  'BINDING SITE FOR RESIDUE MG A 26'  
1   ?        ? ?   ?  ? ?  ?                                   
# 
loop_
_struct_site_gen.id 
_struct_site_gen.site_id 
_struct_site_gen.pdbx_num_res 
_struct_site_gen.label_comp_id 
_struct_site_gen.label_asym_id 
_struct_site_gen.label_seq_id 
_struct_site_gen.pdbx_auth_ins_code 
_struct_site_gen.auth_comp_id 
_struct_site_gen.auth_asym_id 
_struct_site_gen.auth_seq_id 
_struct_site_gen.label_atom_id 
_struct_site_gen.label_alt_id 
_struct_site_gen.symmetry 
_struct_site_gen.details 
1  AC1 12 DA  A 6 ? DA  A 6   . ? 1_555 ? 
2  AC1 12 DT  A 7 ? DT  A 7   . ? 1_555 ? 
3  AC1 12 DT  A 8 ? DT  A 8   . ? 1_555 ? 
4  AC1 12 5CM A 9 ? 5CM A 9   . ? 1_555 ? 
5  AC1 12 HOH E . ? HOH A 95  . ? 1_555 ? 
6  AC1 12 HOH E . ? HOH A 127 . ? 1_555 ? 
7  AC1 12 DA  B 5 ? DA  B 17  . ? 1_555 ? 
8  AC1 12 DA  B 6 ? DA  B 18  . ? 1_555 ? 
9  AC1 12 DT  B 7 ? DT  B 19  . ? 1_555 ? 
10 AC1 12 DT  B 8 ? DT  B 20  . ? 1_555 ? 
11 AC1 12 5CM B 9 ? 5CM B 21  . ? 1_555 ? 
12 AC1 12 HOH F . ? HOH B 104 . ? 1_555 ? 
13 AC2 6  HOH E . ? HOH A 132 . ? 1_555 ? 
14 AC2 6  HOH E . ? HOH A 133 . ? 1_555 ? 
15 AC2 6  HOH E . ? HOH A 135 . ? 1_555 ? 
16 AC2 6  HOH E . ? HOH A 136 . ? 1_555 ? 
17 AC2 6  HOH E . ? HOH A 137 . ? 1_555 ? 
18 AC2 6  HOH F . ? HOH B 134 . ? 1_555 ? 
# 
loop_
_pdbx_validate_close_contact.id 
_pdbx_validate_close_contact.PDB_model_num 
_pdbx_validate_close_contact.auth_atom_id_1 
_pdbx_validate_close_contact.auth_asym_id_1 
_pdbx_validate_close_contact.auth_comp_id_1 
_pdbx_validate_close_contact.auth_seq_id_1 
_pdbx_validate_close_contact.PDB_ins_code_1 
_pdbx_validate_close_contact.label_alt_id_1 
_pdbx_validate_close_contact.auth_atom_id_2 
_pdbx_validate_close_contact.auth_asym_id_2 
_pdbx_validate_close_contact.auth_comp_id_2 
_pdbx_validate_close_contact.auth_seq_id_2 
_pdbx_validate_close_contact.PDB_ins_code_2 
_pdbx_validate_close_contact.label_alt_id_2 
_pdbx_validate_close_contact.dist 
1 1 OP2 A DA  6  ? ? O A HOH 101 ? ? 2.02 
2 1 OP1 A DG  10 ? ? O A HOH 89  ? ? 2.05 
3 1 O6  A DG  4  ? ? O A HOH 106 ? ? 2.08 
4 1 OP1 A DC  11 ? ? O A HOH 64  ? ? 2.16 
5 1 O   B HOH 76 ? ? O B HOH 79  ? ? 2.19 
6 1 O   A HOH 45 ? ? O A HOH 105 ? ? 2.19 
# 
_pdbx_validate_symm_contact.id                1 
_pdbx_validate_symm_contact.PDB_model_num     1 
_pdbx_validate_symm_contact.auth_atom_id_1    OP1 
_pdbx_validate_symm_contact.auth_asym_id_1    B 
_pdbx_validate_symm_contact.auth_comp_id_1    DC 
_pdbx_validate_symm_contact.auth_seq_id_1     15 
_pdbx_validate_symm_contact.PDB_ins_code_1    ? 
_pdbx_validate_symm_contact.label_alt_id_1    ? 
_pdbx_validate_symm_contact.site_symmetry_1   1_555 
_pdbx_validate_symm_contact.auth_atom_id_2    O 
_pdbx_validate_symm_contact.auth_asym_id_2    A 
_pdbx_validate_symm_contact.auth_comp_id_2    HOH 
_pdbx_validate_symm_contact.auth_seq_id_2     55 
_pdbx_validate_symm_contact.PDB_ins_code_2    ? 
_pdbx_validate_symm_contact.label_alt_id_2    ? 
_pdbx_validate_symm_contact.site_symmetry_2   2_664 
_pdbx_validate_symm_contact.dist              2.16 
# 
loop_
_pdbx_validate_rmsd_bond.id 
_pdbx_validate_rmsd_bond.PDB_model_num 
_pdbx_validate_rmsd_bond.auth_atom_id_1 
_pdbx_validate_rmsd_bond.auth_asym_id_1 
_pdbx_validate_rmsd_bond.auth_comp_id_1 
_pdbx_validate_rmsd_bond.auth_seq_id_1 
_pdbx_validate_rmsd_bond.PDB_ins_code_1 
_pdbx_validate_rmsd_bond.label_alt_id_1 
_pdbx_validate_rmsd_bond.auth_atom_id_2 
_pdbx_validate_rmsd_bond.auth_asym_id_2 
_pdbx_validate_rmsd_bond.auth_comp_id_2 
_pdbx_validate_rmsd_bond.auth_seq_id_2 
_pdbx_validate_rmsd_bond.PDB_ins_code_2 
_pdbx_validate_rmsd_bond.label_alt_id_2 
_pdbx_validate_rmsd_bond.bond_value 
_pdbx_validate_rmsd_bond.bond_target_value 
_pdbx_validate_rmsd_bond.bond_deviation 
_pdbx_validate_rmsd_bond.bond_standard_deviation 
_pdbx_validate_rmsd_bond.linker_flag 
1  1 "C5'" A DC 1  ? ? "C4'" A DC 1  ? ? 1.601 1.512 0.089  0.007 N 
2  1 "O4'" A DC 1  ? ? "C1'" A DC 1  ? ? 1.496 1.420 0.076  0.011 N 
3  1 "O4'" A DC 1  ? ? "C4'" A DC 1  ? ? 1.363 1.446 -0.083 0.010 N 
4  1 "O3'" A DC 1  ? ? "C3'" A DC 1  ? ? 1.379 1.419 -0.040 0.006 N 
5  1 N3    A DC 1  ? ? C4    A DC 1  ? ? 1.377 1.335 0.042  0.007 N 
6  1 "O3'" A DC 1  ? ? P     A DG 2  ? ? 1.500 1.607 -0.107 0.012 Y 
7  1 "C5'" A DG 2  ? ? "C4'" A DG 2  ? ? 1.559 1.512 0.047  0.007 N 
8  1 "O4'" A DG 2  ? ? "C4'" A DG 2  ? ? 1.378 1.446 -0.068 0.010 N 
9  1 "O3'" A DG 2  ? ? "C3'" A DG 2  ? ? 1.369 1.419 -0.050 0.006 N 
10 1 N7    A DG 2  ? ? C8    A DG 2  ? ? 1.359 1.305 0.054  0.006 N 
11 1 C6    A DG 4  ? ? N1    A DG 4  ? ? 1.347 1.391 -0.044 0.007 N 
12 1 C5    A DG 4  ? ? N7    A DG 4  ? ? 1.427 1.388 0.039  0.006 N 
13 1 N1    A DA 5  ? ? C2    A DA 5  ? ? 1.407 1.339 0.068  0.009 N 
14 1 C6    A DA 5  ? ? N1    A DA 5  ? ? 1.294 1.351 -0.057 0.007 N 
15 1 C8    A DA 5  ? ? N9    A DA 5  ? ? 1.323 1.373 -0.050 0.008 N 
16 1 C6    A DA 5  ? ? N6    A DA 5  ? ? 1.280 1.335 -0.055 0.008 N 
17 1 C2    A DA 6  ? ? N3    A DA 6  ? ? 1.396 1.331 0.065  0.009 N 
18 1 N3    A DA 6  ? ? C4    A DA 6  ? ? 1.388 1.344 0.044  0.006 N 
19 1 C6    A DA 6  ? ? N1    A DA 6  ? ? 1.409 1.351 0.058  0.007 N 
20 1 C5    A DA 6  ? ? N7    A DA 6  ? ? 1.338 1.388 -0.050 0.006 N 
21 1 C8    A DA 6  ? ? N9    A DA 6  ? ? 1.288 1.373 -0.085 0.008 N 
22 1 "O3'" A DA 6  ? ? P     A DT 7  ? ? 1.494 1.607 -0.113 0.012 Y 
23 1 "C5'" A DT 7  ? ? "C4'" A DT 7  ? ? 1.565 1.512 0.053  0.007 N 
24 1 "C2'" A DT 7  ? ? "C1'" A DT 7  ? ? 1.418 1.518 -0.100 0.010 N 
25 1 "O4'" A DT 7  ? ? "C4'" A DT 7  ? ? 1.329 1.446 -0.117 0.010 N 
26 1 C2    A DT 7  ? ? O2    A DT 7  ? ? 1.279 1.220 0.059  0.008 N 
27 1 "C5'" A DT 8  ? ? "C4'" A DT 8  ? ? 1.557 1.512 0.045  0.007 N 
28 1 "O4'" A DT 8  ? ? "C4'" A DT 8  ? ? 1.344 1.446 -0.102 0.010 N 
29 1 C6    A DT 8  ? ? N1    A DT 8  ? ? 1.428 1.378 0.050  0.007 N 
30 1 C2    A DT 8  ? ? O2    A DT 8  ? ? 1.272 1.220 0.052  0.008 N 
31 1 "O3'" A DG 10 ? ? P     A DC 11 ? ? 1.688 1.607 0.081  0.012 Y 
32 1 "C5'" A DC 11 ? ? "C4'" A DC 11 ? ? 1.562 1.512 0.050  0.007 N 
33 1 C2    A DC 11 ? ? O2    A DC 11 ? ? 1.184 1.240 -0.056 0.009 N 
34 1 C4    A DC 11 ? ? N4    A DC 11 ? ? 1.278 1.335 -0.057 0.009 N 
35 1 C5    A DC 11 ? ? C6    A DC 11 ? ? 1.388 1.339 0.049  0.008 N 
36 1 "C2'" B DC 13 ? ? "C1'" B DC 13 ? ? 1.450 1.518 -0.068 0.010 N 
37 1 "O3'" B DC 13 ? ? "C3'" B DC 13 ? ? 1.368 1.419 -0.051 0.006 N 
38 1 "C5'" B DC 15 ? ? "C4'" B DC 15 ? ? 1.579 1.512 0.067  0.007 N 
39 1 "C2'" B DC 15 ? ? "C1'" B DC 15 ? ? 1.425 1.518 -0.093 0.010 N 
40 1 "O4'" B DC 15 ? ? "C1'" B DC 15 ? ? 1.537 1.420 0.117  0.011 N 
41 1 C6    B DG 16 ? ? N1    B DG 16 ? ? 1.323 1.391 -0.068 0.007 N 
42 1 C5    B DG 16 ? ? N7    B DG 16 ? ? 1.443 1.388 0.055  0.006 N 
43 1 "O4'" B DA 17 ? ? "C4'" B DA 17 ? ? 1.384 1.446 -0.062 0.010 N 
44 1 C5    B DA 17 ? ? N7    B DA 17 ? ? 1.439 1.388 0.051  0.006 N 
45 1 C6    B DA 17 ? ? N6    B DA 17 ? ? 1.431 1.335 0.096  0.008 N 
46 1 N1    B DA 18 ? ? C2    B DA 18 ? ? 1.426 1.339 0.087  0.009 N 
47 1 N3    B DA 18 ? ? C4    B DA 18 ? ? 1.412 1.344 0.068  0.006 N 
48 1 C5    B DA 18 ? ? N7    B DA 18 ? ? 1.450 1.388 0.062  0.006 N 
49 1 N9    B DA 18 ? ? C4    B DA 18 ? ? 1.427 1.374 0.053  0.006 N 
50 1 N3    B DT 19 ? ? C4    B DT 19 ? ? 1.325 1.382 -0.057 0.008 N 
51 1 C5    B DT 19 ? ? C7    B DT 19 ? ? 1.453 1.496 -0.043 0.006 N 
52 1 P     B DT 20 ? ? "O5'" B DT 20 ? ? 1.665 1.593 0.072  0.010 N 
53 1 "C4'" B DT 20 ? ? "C3'" B DT 20 ? ? 1.607 1.529 0.078  0.010 N 
54 1 "C3'" B DT 20 ? ? "C2'" B DT 20 ? ? 1.456 1.516 -0.060 0.008 N 
55 1 "O4'" B DT 20 ? ? "C4'" B DT 20 ? ? 1.377 1.446 -0.069 0.010 N 
56 1 C8    B DG 22 ? ? N9    B DG 22 ? ? 1.422 1.374 0.048  0.007 N 
57 1 C6    B DG 22 ? ? O6    B DG 22 ? ? 1.179 1.237 -0.058 0.009 N 
58 1 "C5'" B DC 23 ? ? "C4'" B DC 23 ? ? 1.441 1.509 -0.068 0.011 N 
59 1 "C2'" B DC 23 ? ? "C1'" B DC 23 ? ? 1.454 1.518 -0.064 0.010 N 
60 1 "O4'" B DC 23 ? ? "C1'" B DC 23 ? ? 1.494 1.420 0.074  0.011 N 
# 
loop_
_pdbx_validate_rmsd_angle.id 
_pdbx_validate_rmsd_angle.PDB_model_num 
_pdbx_validate_rmsd_angle.auth_atom_id_1 
_pdbx_validate_rmsd_angle.auth_asym_id_1 
_pdbx_validate_rmsd_angle.auth_comp_id_1 
_pdbx_validate_rmsd_angle.auth_seq_id_1 
_pdbx_validate_rmsd_angle.PDB_ins_code_1 
_pdbx_validate_rmsd_angle.label_alt_id_1 
_pdbx_validate_rmsd_angle.auth_atom_id_2 
_pdbx_validate_rmsd_angle.auth_asym_id_2 
_pdbx_validate_rmsd_angle.auth_comp_id_2 
_pdbx_validate_rmsd_angle.auth_seq_id_2 
_pdbx_validate_rmsd_angle.PDB_ins_code_2 
_pdbx_validate_rmsd_angle.label_alt_id_2 
_pdbx_validate_rmsd_angle.auth_atom_id_3 
_pdbx_validate_rmsd_angle.auth_asym_id_3 
_pdbx_validate_rmsd_angle.auth_comp_id_3 
_pdbx_validate_rmsd_angle.auth_seq_id_3 
_pdbx_validate_rmsd_angle.PDB_ins_code_3 
_pdbx_validate_rmsd_angle.label_alt_id_3 
_pdbx_validate_rmsd_angle.angle_value 
_pdbx_validate_rmsd_angle.angle_target_value 
_pdbx_validate_rmsd_angle.angle_deviation 
_pdbx_validate_rmsd_angle.angle_standard_deviation 
_pdbx_validate_rmsd_angle.linker_flag 
1   1 "O5'" A DC  1  ? ? "C5'" A DC  1  ? ? "C4'" A DC  1  ? ? 92.48  109.40 -16.92 0.80 N 
2   1 "O4'" A DC  1  ? ? "C4'" A DC  1  ? ? "C3'" A DC  1  ? ? 101.68 104.50 -2.82  0.40 N 
3   1 "C5'" A DC  1  ? ? "C4'" A DC  1  ? ? "O4'" A DC  1  ? ? 123.98 109.80 14.18  1.10 N 
4   1 "C4'" A DC  1  ? ? "C3'" A DC  1  ? ? "C2'" A DC  1  ? ? 108.83 103.10 5.73   0.90 N 
5   1 "O4'" A DC  1  ? ? "C1'" A DC  1  ? ? N1    A DC  1  ? ? 112.47 108.30 4.17   0.30 N 
6   1 "C3'" A DC  1  ? ? "O3'" A DC  1  ? ? P     A DG  2  ? ? 143.26 119.70 23.56  1.20 Y 
7   1 "O5'" A DG  2  ? ? "C5'" A DG  2  ? ? "C4'" A DG  2  ? ? 93.70  109.40 -15.70 0.80 N 
8   1 "O4'" A DG  2  ? ? "C1'" A DG  2  ? ? N9    A DG  2  ? ? 116.00 108.30 7.70   0.30 N 
9   1 C6    A DG  2  ? ? N1    A DG  2  ? ? C2    A DG  2  ? ? 121.15 125.10 -3.95  0.60 N 
10  1 N3    A DG  2  ? ? C2    A DG  2  ? ? N2    A DG  2  ? ? 114.97 119.90 -4.93  0.70 N 
11  1 "C3'" A DG  2  ? ? "O3'" A DG  2  ? ? P     A DC  3  ? ? 141.47 119.70 21.77  1.20 Y 
12  1 "O5'" A DC  3  ? ? P     A DC  3  ? ? OP1   A DC  3  ? ? 123.19 110.70 12.49  1.20 N 
13  1 "C1'" A DC  3  ? ? "O4'" A DC  3  ? ? "C4'" A DC  3  ? ? 103.71 110.10 -6.39  1.00 N 
14  1 "O4'" A DC  3  ? ? "C1'" A DC  3  ? ? N1    A DC  3  ? ? 111.24 108.30 2.94   0.30 N 
15  1 "O5'" A DG  4  ? ? "C5'" A DG  4  ? ? "C4'" A DG  4  ? ? 93.27  109.40 -16.13 0.80 N 
16  1 "C1'" A DG  4  ? ? "O4'" A DG  4  ? ? "C4'" A DG  4  ? ? 114.79 110.30 4.49   0.70 N 
17  1 C6    A DG  4  ? ? N1    A DG  4  ? ? C2    A DG  4  ? ? 119.22 125.10 -5.88  0.60 N 
18  1 N1    A DG  4  ? ? C2    A DG  4  ? ? N3    A DG  4  ? ? 128.88 123.90 4.98   0.60 N 
19  1 C5    A DG  4  ? ? C6    A DG  4  ? ? N1    A DG  4  ? ? 116.32 111.50 4.82   0.50 N 
20  1 N3    A DG  4  ? ? C2    A DG  4  ? ? N2    A DG  4  ? ? 115.42 119.90 -4.48  0.70 N 
21  1 N1    A DG  4  ? ? C6    A DG  4  ? ? O6    A DG  4  ? ? 112.95 119.90 -6.95  0.60 N 
22  1 "C3'" A DG  4  ? ? "O3'" A DG  4  ? ? P     A DA  5  ? ? 138.97 119.70 19.27  1.20 Y 
23  1 "O3'" A DG  4  ? ? P     A DA  5  ? ? "O5'" A DA  5  ? ? 121.34 104.00 17.34  1.90 Y 
24  1 P     A DA  5  ? ? "O5'" A DA  5  ? ? "C5'" A DA  5  ? ? 130.77 120.90 9.87   1.60 N 
25  1 C6    A DA  5  ? ? N1    A DA  5  ? ? C2    A DA  5  ? ? 125.62 118.60 7.02   0.60 N 
26  1 N1    A DA  5  ? ? C2    A DA  5  ? ? N3    A DA  5  ? ? 123.46 129.30 -5.84  0.50 N 
27  1 C5    A DA  5  ? ? C6    A DA  5  ? ? N1    A DA  5  ? ? 112.64 117.70 -5.06  0.50 N 
28  1 "C3'" A DA  5  ? ? "O3'" A DA  5  ? ? P     A DA  6  ? ? 133.85 119.70 14.15  1.20 Y 
29  1 "O4'" A DA  6  ? ? "C4'" A DA  6  ? ? "C3'" A DA  6  ? ? 109.71 106.00 3.71   0.60 N 
30  1 "C1'" A DA  6  ? ? "O4'" A DA  6  ? ? "C4'" A DA  6  ? ? 101.49 110.10 -8.61  1.00 N 
31  1 "O4'" A DA  6  ? ? "C1'" A DA  6  ? ? "C2'" A DA  6  ? ? 110.16 106.80 3.36   0.50 N 
32  1 "O4'" A DA  6  ? ? "C1'" A DA  6  ? ? N9    A DA  6  ? ? 102.99 108.00 -5.01  0.70 N 
33  1 C2    A DA  6  ? ? N3    A DA  6  ? ? C4    A DA  6  ? ? 104.21 110.60 -6.39  0.50 N 
34  1 N3    A DA  6  ? ? C4    A DA  6  ? ? C5    A DA  6  ? ? 131.78 126.80 4.98   0.70 N 
35  1 C5    A DA  6  ? ? C6    A DA  6  ? ? N1    A DA  6  ? ? 113.07 117.70 -4.63  0.50 N 
36  1 C8    A DA  6  ? ? N9    A DA  6  ? ? C4    A DA  6  ? ? 108.87 105.80 3.07   0.40 N 
37  1 N1    A DA  6  ? ? C6    A DA  6  ? ? N6    A DA  6  ? ? 125.79 118.60 7.19   0.60 N 
38  1 "C3'" A DA  6  ? ? "O3'" A DA  6  ? ? P     A DT  7  ? ? 137.75 119.70 18.05  1.20 Y 
39  1 "O3'" A DA  6  ? ? P     A DT  7  ? ? OP1   A DT  7  ? ? 120.41 110.50 9.91   1.10 Y 
40  1 "O5'" A DT  7  ? ? "C5'" A DT  7  ? ? "C4'" A DT  7  ? ? 104.59 109.40 -4.81  0.80 N 
41  1 OP1   A DT  8  ? ? P     A DT  8  ? ? OP2   A DT  8  ? ? 129.94 119.60 10.34  1.50 N 
42  1 "O5'" A DT  8  ? ? "C5'" A DT  8  ? ? "C4'" A DT  8  ? ? 98.01  109.40 -11.39 0.80 N 
43  1 "O4'" A DT  8  ? ? "C1'" A DT  8  ? ? N1    A DT  8  ? ? 103.50 108.00 -4.50  0.70 N 
44  1 N1    A DT  8  ? ? C2    A DT  8  ? ? N3    A DT  8  ? ? 120.15 114.60 5.55   0.60 N 
45  1 C2    A DT  8  ? ? N3    A DT  8  ? ? C4    A DT  8  ? ? 118.93 127.20 -8.27  0.60 N 
46  1 N3    A DT  8  ? ? C4    A DT  8  ? ? C5    A DT  8  ? ? 119.38 115.20 4.18   0.60 N 
47  1 C5    A DT  8  ? ? C6    A DT  8  ? ? N1    A DT  8  ? ? 117.28 123.70 -6.42  0.60 N 
48  1 N1    A DT  8  ? ? C2    A DT  8  ? ? O2    A DT  8  ? ? 117.64 123.10 -5.46  0.80 N 
49  1 N3    A DT  8  ? ? C4    A DT  8  ? ? O4    A DT  8  ? ? 112.64 119.90 -7.26  0.60 N 
50  1 C6    A DT  8  ? ? C5    A DT  8  ? ? C7    A DT  8  ? ? 116.37 122.90 -6.53  0.60 N 
51  1 "C3'" A DT  8  ? ? "O3'" A DT  8  ? ? P     A 5CM 9  ? ? 131.87 119.70 12.17  1.20 Y 
52  1 "C3'" A 5CM 9  ? ? "O3'" A 5CM 9  ? ? P     A DG  10 ? ? 133.24 119.70 13.54  1.20 Y 
53  1 "O3'" A 5CM 9  ? ? P     A DG  10 ? ? OP1   A DG  10 ? ? 118.03 110.50 7.53   1.10 Y 
54  1 "C1'" A DG  10 ? ? "O4'" A DG  10 ? ? "C4'" A DG  10 ? ? 102.96 110.10 -7.14  1.00 N 
55  1 "C3'" A DG  10 ? ? "C2'" A DG  10 ? ? "C1'" A DG  10 ? ? 94.58  102.40 -7.82  0.80 N 
56  1 "O4'" A DG  10 ? ? "C1'" A DG  10 ? ? N9    A DG  10 ? ? 114.71 108.30 6.41   0.30 N 
57  1 N3    A DG  10 ? ? C2    A DG  10 ? ? N2    A DG  10 ? ? 112.08 119.90 -7.82  0.70 N 
58  1 C5    A DG  10 ? ? C6    A DG  10 ? ? O6    A DG  10 ? ? 124.49 128.60 -4.11  0.60 N 
59  1 "O5'" A DC  11 ? ? P     A DC  11 ? ? OP1   A DC  11 ? ? 95.38  105.70 -10.32 0.90 N 
60  1 "O5'" A DC  11 ? ? "C5'" A DC  11 ? ? "C4'" A DC  11 ? ? 104.22 109.40 -5.18  0.80 N 
61  1 "O4'" A DC  11 ? ? "C1'" A DC  11 ? ? "C2'" A DC  11 ? ? 101.03 105.90 -4.87  0.80 N 
62  1 "O4'" A DC  11 ? ? "C1'" A DC  11 ? ? N1    A DC  11 ? ? 110.48 108.30 2.18   0.30 N 
63  1 C2    A DC  11 ? ? N3    A DC  11 ? ? C4    A DC  11 ? ? 122.95 119.90 3.05   0.50 N 
64  1 N3    A DC  11 ? ? C4    A DC  11 ? ? C5    A DC  11 ? ? 118.40 121.90 -3.50  0.40 N 
65  1 N3    A DC  11 ? ? C4    A DC  11 ? ? N4    A DC  11 ? ? 127.06 118.00 9.06   0.70 N 
66  1 C5    A DC  11 ? ? C4    A DC  11 ? ? N4    A DC  11 ? ? 114.53 120.20 -5.67  0.70 N 
67  1 "C3'" A DC  11 ? ? "O3'" A DC  11 ? ? P     A DG  12 ? ? 130.45 119.70 10.75  1.20 Y 
68  1 OP1   A DG  12 ? ? P     A DG  12 ? ? OP2   A DG  12 ? ? 129.73 119.60 10.13  1.50 N 
69  1 "O5'" A DG  12 ? ? P     A DG  12 ? ? OP2   A DG  12 ? ? 99.69  105.70 -6.01  0.90 N 
70  1 "O5'" A DG  12 ? ? "C5'" A DG  12 ? ? "C4'" A DG  12 ? ? 95.85  109.40 -13.55 0.80 N 
71  1 "O4'" A DG  12 ? ? "C1'" A DG  12 ? ? N9    A DG  12 ? ? 114.90 108.30 6.60   0.30 N 
72  1 C6    A DG  12 ? ? N1    A DG  12 ? ? C2    A DG  12 ? ? 119.36 125.10 -5.74  0.60 N 
73  1 N1    A DG  12 ? ? C2    A DG  12 ? ? N3    A DG  12 ? ? 127.67 123.90 3.77   0.60 N 
74  1 C5    A DG  12 ? ? C6    A DG  12 ? ? N1    A DG  12 ? ? 116.08 111.50 4.58   0.50 N 
75  1 "O4'" B DC  13 ? ? "C1'" B DC  13 ? ? N1    B DC  13 ? ? 102.19 108.00 -5.81  0.70 N 
76  1 N1    B DC  13 ? ? C2    B DC  13 ? ? O2    B DC  13 ? ? 122.90 118.90 4.00   0.60 N 
77  1 "C3'" B DC  13 ? ? "O3'" B DC  13 ? ? P     B DG  14 ? ? 131.47 119.70 11.77  1.20 Y 
78  1 "C4'" B DG  14 ? ? "C3'" B DG  14 ? ? "C2'" B DG  14 ? ? 108.77 103.10 5.67   0.90 N 
79  1 "O4'" B DG  14 ? ? "C1'" B DG  14 ? ? N9    B DG  14 ? ? 99.18  108.00 -8.82  0.70 N 
80  1 C6    B DG  14 ? ? N1    B DG  14 ? ? C2    B DG  14 ? ? 121.35 125.10 -3.75  0.60 N 
81  1 C2    B DG  14 ? ? N3    B DG  14 ? ? C4    B DG  14 ? ? 115.02 111.90 3.12   0.50 N 
82  1 C5    B DG  14 ? ? C6    B DG  14 ? ? N1    B DG  14 ? ? 117.07 111.50 5.57   0.50 N 
83  1 C4    B DG  14 ? ? C5    B DG  14 ? ? N7    B DG  14 ? ? 107.94 110.80 -2.86  0.40 N 
84  1 C5    B DG  14 ? ? N7    B DG  14 ? ? C8    B DG  14 ? ? 108.33 104.30 4.03   0.50 N 
85  1 N7    B DG  14 ? ? C8    B DG  14 ? ? N9    B DG  14 ? ? 109.00 113.10 -4.10  0.50 N 
86  1 C6    B DG  14 ? ? C5    B DG  14 ? ? N7    B DG  14 ? ? 135.06 130.40 4.66   0.60 N 
87  1 N1    B DG  14 ? ? C2    B DG  14 ? ? N2    B DG  14 ? ? 122.67 116.20 6.47   0.90 N 
88  1 N3    B DG  14 ? ? C2    B DG  14 ? ? N2    B DG  14 ? ? 113.05 119.90 -6.85  0.70 N 
89  1 C5    B DG  14 ? ? C6    B DG  14 ? ? O6    B DG  14 ? ? 122.03 128.60 -6.57  0.60 N 
90  1 OP1   B DC  15 ? ? P     B DC  15 ? ? OP2   B DC  15 ? ? 137.27 119.60 17.67  1.50 N 
91  1 "O5'" B DC  15 ? ? P     B DC  15 ? ? OP2   B DC  15 ? ? 99.07  105.70 -6.63  0.90 N 
92  1 "O5'" B DC  15 ? ? "C5'" B DC  15 ? ? "C4'" B DC  15 ? ? 91.09  109.40 -18.31 0.80 N 
93  1 "O4'" B DC  15 ? ? "C1'" B DC  15 ? ? N1    B DC  15 ? ? 111.39 108.30 3.09   0.30 N 
94  1 C2    B DC  15 ? ? N3    B DC  15 ? ? C4    B DC  15 ? ? 123.72 119.90 3.82   0.50 N 
95  1 N3    B DC  15 ? ? C4    B DC  15 ? ? C5    B DC  15 ? ? 118.76 121.90 -3.14  0.40 N 
96  1 C5    B DC  15 ? ? C6    B DC  15 ? ? N1    B DC  15 ? ? 124.50 121.00 3.50   0.50 N 
97  1 N1    B DC  15 ? ? C2    B DC  15 ? ? O2    B DC  15 ? ? 114.50 118.90 -4.40  0.60 N 
98  1 N3    B DC  15 ? ? C2    B DC  15 ? ? O2    B DC  15 ? ? 127.15 121.90 5.25   0.70 N 
99  1 N3    B DC  15 ? ? C4    B DC  15 ? ? N4    B DC  15 ? ? 125.95 118.00 7.95   0.70 N 
100 1 C5    B DC  15 ? ? C4    B DC  15 ? ? N4    B DC  15 ? ? 115.04 120.20 -5.16  0.70 N 
101 1 "C3'" B DC  15 ? ? "O3'" B DC  15 ? ? P     B DG  16 ? ? 127.35 119.70 7.65   1.20 Y 
102 1 "O5'" B DG  16 ? ? "C5'" B DG  16 ? ? "C4'" B DG  16 ? ? 99.43  109.40 -9.97  0.80 N 
103 1 "C3'" B DG  16 ? ? "C2'" B DG  16 ? ? "C1'" B DG  16 ? ? 97.32  102.40 -5.08  0.80 N 
104 1 N1    B DG  16 ? ? C2    B DG  16 ? ? N3    B DG  16 ? ? 127.56 123.90 3.66   0.60 N 
105 1 C2    B DG  16 ? ? N3    B DG  16 ? ? C4    B DG  16 ? ? 108.76 111.90 -3.14  0.50 N 
106 1 N3    B DG  16 ? ? C2    B DG  16 ? ? N2    B DG  16 ? ? 114.91 119.90 -4.99  0.70 N 
107 1 "C3'" B DG  16 ? ? "O3'" B DG  16 ? ? P     B DA  17 ? ? 140.09 119.70 20.39  1.20 Y 
108 1 OP1   B DA  17 ? ? P     B DA  17 ? ? OP2   B DA  17 ? ? 103.57 119.60 -16.03 1.50 N 
109 1 P     B DA  17 ? ? "O5'" B DA  17 ? ? "C5'" B DA  17 ? ? 108.59 120.90 -12.31 1.60 N 
110 1 "O4'" B DA  17 ? ? "C4'" B DA  17 ? ? "C3'" B DA  17 ? ? 101.47 104.50 -3.03  0.40 N 
111 1 "C5'" B DA  17 ? ? "C4'" B DA  17 ? ? "O4'" B DA  17 ? ? 118.02 109.80 8.22   1.10 N 
112 1 "C3'" B DA  17 ? ? "C2'" B DA  17 ? ? "C1'" B DA  17 ? ? 96.25  102.40 -6.15  0.80 N 
113 1 "O4'" B DA  17 ? ? "C1'" B DA  17 ? ? "C2'" B DA  17 ? ? 100.81 105.90 -5.09  0.80 N 
114 1 N1    B DA  17 ? ? C2    B DA  17 ? ? N3    B DA  17 ? ? 122.27 129.30 -7.03  0.50 N 
115 1 C2    B DA  17 ? ? N3    B DA  17 ? ? C4    B DA  17 ? ? 115.13 110.60 4.53   0.50 N 
116 1 N1    B DA  17 ? ? C6    B DA  17 ? ? N6    B DA  17 ? ? 123.34 118.60 4.74   0.60 N 
117 1 "O5'" B DA  18 ? ? P     B DA  18 ? ? OP1   B DA  18 ? ? 119.63 110.70 8.93   1.20 N 
118 1 "C1'" B DA  18 ? ? "O4'" B DA  18 ? ? "C4'" B DA  18 ? ? 103.59 110.10 -6.51  1.00 N 
119 1 "O4'" B DA  18 ? ? "C1'" B DA  18 ? ? N9    B DA  18 ? ? 98.52  108.00 -9.48  0.70 N 
120 1 C6    B DA  18 ? ? N1    B DA  18 ? ? C2    B DA  18 ? ? 128.49 118.60 9.89   0.60 N 
121 1 N1    B DA  18 ? ? C2    B DA  18 ? ? N3    B DA  18 ? ? 116.65 129.30 -12.65 0.50 N 
122 1 C2    B DA  18 ? ? N3    B DA  18 ? ? C4    B DA  18 ? ? 116.70 110.60 6.10   0.50 N 
123 1 C8    B DA  18 ? ? N9    B DA  18 ? ? C4    B DA  18 ? ? 109.50 105.80 3.70   0.40 N 
124 1 N9    B DA  18 ? ? C4    B DA  18 ? ? C5    B DA  18 ? ? 103.10 105.80 -2.70  0.40 N 
125 1 N1    B DA  18 ? ? C6    B DA  18 ? ? N6    B DA  18 ? ? 122.48 118.60 3.88   0.60 N 
126 1 "O5'" B DT  19 ? ? "C5'" B DT  19 ? ? "C4'" B DT  19 ? ? 102.28 109.40 -7.12  0.80 N 
127 1 "C1'" B DT  19 ? ? "O4'" B DT  19 ? ? "C4'" B DT  19 ? ? 102.61 110.10 -7.49  1.00 N 
128 1 N1    B DT  19 ? ? C2    B DT  19 ? ? O2    B DT  19 ? ? 118.19 123.10 -4.91  0.80 N 
129 1 N3    B DT  19 ? ? C4    B DT  19 ? ? O4    B DT  19 ? ? 124.81 119.90 4.91   0.60 N 
130 1 C5    B DT  19 ? ? C4    B DT  19 ? ? O4    B DT  19 ? ? 120.00 124.90 -4.90  0.70 N 
131 1 C4    B DT  19 ? ? C5    B DT  19 ? ? C7    B DT  19 ? ? 123.36 119.00 4.36   0.60 N 
132 1 C6    B DT  19 ? ? C5    B DT  19 ? ? C7    B DT  19 ? ? 115.98 122.90 -6.92  0.60 N 
133 1 "C3'" B DT  19 ? ? "O3'" B DT  19 ? ? P     B DT  20 ? ? 130.33 119.70 10.63  1.20 Y 
134 1 "O5'" B DT  20 ? ? P     B DT  20 ? ? OP2   B DT  20 ? ? 99.90  105.70 -5.80  0.90 N 
135 1 "C4'" B DT  20 ? ? "C3'" B DT  20 ? ? "O3'" B DT  20 ? ? 90.63  109.70 -19.07 2.50 N 
136 1 "O4'" B DT  20 ? ? "C1'" B DT  20 ? ? "C2'" B DT  20 ? ? 110.18 106.80 3.38   0.50 N 
137 1 C5    B DT  20 ? ? C6    B DT  20 ? ? N1    B DT  20 ? ? 119.43 123.70 -4.27  0.60 N 
138 1 N3    B DT  20 ? ? C2    B DT  20 ? ? O2    B DT  20 ? ? 117.85 122.30 -4.45  0.60 N 
139 1 C4    B DT  20 ? ? C5    B DT  20 ? ? C7    B DT  20 ? ? 114.42 119.00 -4.58  0.60 N 
140 1 "C3'" B 5CM 21 ? ? "O3'" B 5CM 21 ? ? P     B DG  22 ? ? 128.53 119.70 8.83   1.20 Y 
141 1 OP1   B DG  22 ? ? P     B DG  22 ? ? OP2   B DG  22 ? ? 109.70 119.60 -9.90  1.50 N 
142 1 "O5'" B DG  22 ? ? "C5'" B DG  22 ? ? "C4'" B DG  22 ? ? 94.34  109.40 -15.06 0.80 N 
143 1 "O4'" B DG  22 ? ? "C4'" B DG  22 ? ? "C3'" B DG  22 ? ? 100.46 104.50 -4.04  0.40 N 
144 1 "C3'" B DG  22 ? ? "C2'" B DG  22 ? ? "C1'" B DG  22 ? ? 96.02  102.40 -6.38  0.80 N 
145 1 "O4'" B DG  22 ? ? "C1'" B DG  22 ? ? "C2'" B DG  22 ? ? 96.39  105.90 -9.51  0.80 N 
146 1 C6    B DG  22 ? ? N1    B DG  22 ? ? C2    B DG  22 ? ? 120.80 125.10 -4.30  0.60 N 
147 1 N1    B DG  22 ? ? C2    B DG  22 ? ? N3    B DG  22 ? ? 128.13 123.90 4.23   0.60 N 
148 1 C5    B DG  22 ? ? C6    B DG  22 ? ? N1    B DG  22 ? ? 115.81 111.50 4.31   0.50 N 
149 1 C8    B DG  22 ? ? N9    B DG  22 ? ? C4    B DG  22 ? ? 103.49 106.40 -2.91  0.40 N 
150 1 N9    B DG  22 ? ? C4    B DG  22 ? ? C5    B DG  22 ? ? 107.80 105.40 2.40   0.40 N 
151 1 "O5'" B DC  23 ? ? P     B DC  23 ? ? OP1   B DC  23 ? ? 118.84 110.70 8.14   1.20 N 
152 1 "O5'" B DC  23 ? ? "C5'" B DC  23 ? ? "C4'" B DC  23 ? ? 139.47 111.00 28.47  2.50 N 
153 1 "C5'" B DC  23 ? ? "C4'" B DC  23 ? ? "C3'" B DC  23 ? ? 123.01 115.70 7.31   1.20 N 
154 1 "C5'" B DC  23 ? ? "C4'" B DC  23 ? ? "O4'" B DC  23 ? ? 96.34  109.30 -12.96 1.90 N 
155 1 "C1'" B DC  23 ? ? "O4'" B DC  23 ? ? "C4'" B DC  23 ? ? 102.57 110.10 -7.53  1.00 N 
156 1 "C4'" B DC  23 ? ? "C3'" B DC  23 ? ? "C2'" B DC  23 ? ? 96.29  102.20 -5.91  0.70 N 
157 1 N1    B DC  23 ? ? "C1'" B DC  23 ? ? "C2'" B DC  23 ? ? 126.85 114.30 12.55  1.40 N 
158 1 "O4'" B DC  23 ? ? "C1'" B DC  23 ? ? N1    B DC  23 ? ? 97.85  108.00 -10.15 0.70 N 
159 1 C4    B DC  23 ? ? C5    B DC  23 ? ? C6    B DC  23 ? ? 114.15 117.40 -3.25  0.50 N 
160 1 N1    B DC  23 ? ? C2    B DC  23 ? ? O2    B DC  23 ? ? 115.29 118.90 -3.61  0.60 N 
161 1 N3    B DC  23 ? ? C2    B DC  23 ? ? O2    B DC  23 ? ? 128.14 121.90 6.24   0.70 N 
162 1 "O5'" B DG  24 ? ? P     B DG  24 ? ? OP1   B DG  24 ? ? 98.46  105.70 -7.24  0.90 N 
163 1 "O5'" B DG  24 ? ? "C5'" B DG  24 ? ? "C4'" B DG  24 ? ? 100.84 109.40 -8.56  0.80 N 
164 1 P     B DG  24 ? ? "O5'" B DG  24 ? ? "C5'" B DG  24 ? ? 108.47 120.90 -12.43 1.60 N 
165 1 "O4'" B DG  24 ? ? "C4'" B DG  24 ? ? "C3'" B DG  24 ? ? 110.32 106.00 4.32   0.60 N 
166 1 "C1'" B DG  24 ? ? "O4'" B DG  24 ? ? "C4'" B DG  24 ? ? 102.22 110.10 -7.88  1.00 N 
167 1 "O4'" B DG  24 ? ? "C1'" B DG  24 ? ? "C2'" B DG  24 ? ? 112.63 106.80 5.83   0.50 N 
168 1 "O4'" B DG  24 ? ? "C1'" B DG  24 ? ? N9    B DG  24 ? ? 102.06 108.00 -5.94  0.70 N 
169 1 C6    B DG  24 ? ? N1    B DG  24 ? ? C2    B DG  24 ? ? 118.42 125.10 -6.68  0.60 N 
170 1 N1    B DG  24 ? ? C2    B DG  24 ? ? N3    B DG  24 ? ? 127.68 123.90 3.78   0.60 N 
171 1 C5    B DG  24 ? ? C6    B DG  24 ? ? N1    B DG  24 ? ? 116.49 111.50 4.99   0.50 N 
172 1 N3    B DG  24 ? ? C2    B DG  24 ? ? N2    B DG  24 ? ? 115.65 119.90 -4.25  0.70 N 
# 
_pdbx_validate_planes.id              1 
_pdbx_validate_planes.PDB_model_num   1 
_pdbx_validate_planes.auth_comp_id    DG 
_pdbx_validate_planes.auth_asym_id    A 
_pdbx_validate_planes.auth_seq_id     2 
_pdbx_validate_planes.PDB_ins_code    ? 
_pdbx_validate_planes.label_alt_id    ? 
_pdbx_validate_planes.rmsd            0.063 
_pdbx_validate_planes.type            'SIDE CHAIN' 
# 
loop_
_pdbx_struct_mod_residue.id 
_pdbx_struct_mod_residue.label_asym_id 
_pdbx_struct_mod_residue.label_comp_id 
_pdbx_struct_mod_residue.label_seq_id 
_pdbx_struct_mod_residue.auth_asym_id 
_pdbx_struct_mod_residue.auth_comp_id 
_pdbx_struct_mod_residue.auth_seq_id 
_pdbx_struct_mod_residue.PDB_ins_code 
_pdbx_struct_mod_residue.parent_comp_id 
_pdbx_struct_mod_residue.details 
1 A 5CM 9 A 5CM 9  ? DC ? 
2 B 5CM 9 B 5CM 21 ? DC ? 
# 
_struct_site_keywords.site_id   1 
_struct_site_keywords.text      'MINOR GROOVE BINDER' 
# 
loop_
_chem_comp_atom.comp_id 
_chem_comp_atom.atom_id 
_chem_comp_atom.type_symbol 
_chem_comp_atom.pdbx_aromatic_flag 
_chem_comp_atom.pdbx_stereo_config 
_chem_comp_atom.pdbx_ordinal 
5CM N1     N  N N 1   
5CM C2     C  N N 2   
5CM N3     N  N N 3   
5CM C4     C  N N 4   
5CM C5     C  N N 5   
5CM C5A    C  N N 6   
5CM C6     C  N N 7   
5CM O2     O  N N 8   
5CM N4     N  N N 9   
5CM "C1'"  C  N R 10  
5CM "C2'"  C  N N 11  
5CM "C3'"  C  N S 12  
5CM "C4'"  C  N R 13  
5CM "O4'"  O  N N 14  
5CM "O3'"  O  N N 15  
5CM "C5'"  C  N N 16  
5CM "O5'"  O  N N 17  
5CM P      P  N N 18  
5CM OP1    O  N N 19  
5CM OP2    O  N N 20  
5CM OP3    O  N N 21  
5CM H5A1   H  N N 22  
5CM H5A2   H  N N 23  
5CM H5A3   H  N N 24  
5CM H6     H  N N 25  
5CM HN41   H  N N 26  
5CM HN42   H  N N 27  
5CM "H1'"  H  N N 28  
5CM "H2'"  H  N N 29  
5CM "H2''" H  N N 30  
5CM "H3'"  H  N N 31  
5CM "H4'"  H  N N 32  
5CM "HO3'" H  N N 33  
5CM "H5'"  H  N N 34  
5CM "H5''" H  N N 35  
5CM HOP2   H  N N 36  
5CM HOP3   H  N N 37  
BRN C1     C  Y N 38  
BRN C2     C  Y N 39  
BRN C3     C  Y N 40  
BRN C4     C  Y N 41  
BRN C5     C  Y N 42  
BRN C6     C  Y N 43  
BRN C7     C  N N 44  
BRN NA     N  N N 45  
BRN NB     N  N N 46  
BRN N1     N  N N 47  
BRN N      N  N N 48  
BRN "N1'"  N  N N 49  
BRN "C1'"  C  Y N 50  
BRN "C2'"  C  Y N 51  
BRN "C3'"  C  Y N 52  
BRN "C4'"  C  Y N 53  
BRN "C5'"  C  Y N 54  
BRN "C6'"  C  Y N 55  
BRN "C7'"  C  N N 56  
BRN "NA'"  N  N N 57  
BRN "NB'"  N  N N 58  
BRN H2     H  N N 59  
BRN H3     H  N N 60  
BRN H5     H  N N 61  
BRN H6     H  N N 62  
BRN HA     H  N N 63  
BRN HB1    H  N N 64  
BRN HB2    H  N N 65  
BRN HN1    H  N N 66  
BRN "H2'"  H  N N 67  
BRN "H3'"  H  N N 68  
BRN "H5'"  H  N N 69  
BRN "H6'"  H  N N 70  
BRN "HA'"  H  N N 71  
BRN "HB'1" H  N N 72  
BRN "HB'2" H  N N 73  
DA  OP3    O  N N 74  
DA  P      P  N N 75  
DA  OP1    O  N N 76  
DA  OP2    O  N N 77  
DA  "O5'"  O  N N 78  
DA  "C5'"  C  N N 79  
DA  "C4'"  C  N R 80  
DA  "O4'"  O  N N 81  
DA  "C3'"  C  N S 82  
DA  "O3'"  O  N N 83  
DA  "C2'"  C  N N 84  
DA  "C1'"  C  N R 85  
DA  N9     N  Y N 86  
DA  C8     C  Y N 87  
DA  N7     N  Y N 88  
DA  C5     C  Y N 89  
DA  C6     C  Y N 90  
DA  N6     N  N N 91  
DA  N1     N  Y N 92  
DA  C2     C  Y N 93  
DA  N3     N  Y N 94  
DA  C4     C  Y N 95  
DA  HOP3   H  N N 96  
DA  HOP2   H  N N 97  
DA  "H5'"  H  N N 98  
DA  "H5''" H  N N 99  
DA  "H4'"  H  N N 100 
DA  "H3'"  H  N N 101 
DA  "HO3'" H  N N 102 
DA  "H2'"  H  N N 103 
DA  "H2''" H  N N 104 
DA  "H1'"  H  N N 105 
DA  H8     H  N N 106 
DA  H61    H  N N 107 
DA  H62    H  N N 108 
DA  H2     H  N N 109 
DC  OP3    O  N N 110 
DC  P      P  N N 111 
DC  OP1    O  N N 112 
DC  OP2    O  N N 113 
DC  "O5'"  O  N N 114 
DC  "C5'"  C  N N 115 
DC  "C4'"  C  N R 116 
DC  "O4'"  O  N N 117 
DC  "C3'"  C  N S 118 
DC  "O3'"  O  N N 119 
DC  "C2'"  C  N N 120 
DC  "C1'"  C  N R 121 
DC  N1     N  N N 122 
DC  C2     C  N N 123 
DC  O2     O  N N 124 
DC  N3     N  N N 125 
DC  C4     C  N N 126 
DC  N4     N  N N 127 
DC  C5     C  N N 128 
DC  C6     C  N N 129 
DC  HOP3   H  N N 130 
DC  HOP2   H  N N 131 
DC  "H5'"  H  N N 132 
DC  "H5''" H  N N 133 
DC  "H4'"  H  N N 134 
DC  "H3'"  H  N N 135 
DC  "HO3'" H  N N 136 
DC  "H2'"  H  N N 137 
DC  "H2''" H  N N 138 
DC  "H1'"  H  N N 139 
DC  H41    H  N N 140 
DC  H42    H  N N 141 
DC  H5     H  N N 142 
DC  H6     H  N N 143 
DG  OP3    O  N N 144 
DG  P      P  N N 145 
DG  OP1    O  N N 146 
DG  OP2    O  N N 147 
DG  "O5'"  O  N N 148 
DG  "C5'"  C  N N 149 
DG  "C4'"  C  N R 150 
DG  "O4'"  O  N N 151 
DG  "C3'"  C  N S 152 
DG  "O3'"  O  N N 153 
DG  "C2'"  C  N N 154 
DG  "C1'"  C  N R 155 
DG  N9     N  Y N 156 
DG  C8     C  Y N 157 
DG  N7     N  Y N 158 
DG  C5     C  Y N 159 
DG  C6     C  N N 160 
DG  O6     O  N N 161 
DG  N1     N  N N 162 
DG  C2     C  N N 163 
DG  N2     N  N N 164 
DG  N3     N  N N 165 
DG  C4     C  Y N 166 
DG  HOP3   H  N N 167 
DG  HOP2   H  N N 168 
DG  "H5'"  H  N N 169 
DG  "H5''" H  N N 170 
DG  "H4'"  H  N N 171 
DG  "H3'"  H  N N 172 
DG  "HO3'" H  N N 173 
DG  "H2'"  H  N N 174 
DG  "H2''" H  N N 175 
DG  "H1'"  H  N N 176 
DG  H8     H  N N 177 
DG  H1     H  N N 178 
DG  H21    H  N N 179 
DG  H22    H  N N 180 
DT  OP3    O  N N 181 
DT  P      P  N N 182 
DT  OP1    O  N N 183 
DT  OP2    O  N N 184 
DT  "O5'"  O  N N 185 
DT  "C5'"  C  N N 186 
DT  "C4'"  C  N R 187 
DT  "O4'"  O  N N 188 
DT  "C3'"  C  N S 189 
DT  "O3'"  O  N N 190 
DT  "C2'"  C  N N 191 
DT  "C1'"  C  N R 192 
DT  N1     N  N N 193 
DT  C2     C  N N 194 
DT  O2     O  N N 195 
DT  N3     N  N N 196 
DT  C4     C  N N 197 
DT  O4     O  N N 198 
DT  C5     C  N N 199 
DT  C7     C  N N 200 
DT  C6     C  N N 201 
DT  HOP3   H  N N 202 
DT  HOP2   H  N N 203 
DT  "H5'"  H  N N 204 
DT  "H5''" H  N N 205 
DT  "H4'"  H  N N 206 
DT  "H3'"  H  N N 207 
DT  "HO3'" H  N N 208 
DT  "H2'"  H  N N 209 
DT  "H2''" H  N N 210 
DT  "H1'"  H  N N 211 
DT  H3     H  N N 212 
DT  H71    H  N N 213 
DT  H72    H  N N 214 
DT  H73    H  N N 215 
DT  H6     H  N N 216 
HOH O      O  N N 217 
HOH H1     H  N N 218 
HOH H2     H  N N 219 
MG  MG     MG N N 220 
# 
loop_
_chem_comp_bond.comp_id 
_chem_comp_bond.atom_id_1 
_chem_comp_bond.atom_id_2 
_chem_comp_bond.value_order 
_chem_comp_bond.pdbx_aromatic_flag 
_chem_comp_bond.pdbx_stereo_config 
_chem_comp_bond.pdbx_ordinal 
5CM N1    C2     sing N N 1   
5CM N1    C6     sing N N 2   
5CM N1    "C1'"  sing N N 3   
5CM C2    N3     sing N N 4   
5CM C2    O2     doub N N 5   
5CM N3    C4     doub N N 6   
5CM C4    C5     sing N N 7   
5CM C4    N4     sing N N 8   
5CM C5    C5A    sing N N 9   
5CM C5    C6     doub N N 10  
5CM C5A   H5A1   sing N N 11  
5CM C5A   H5A2   sing N N 12  
5CM C5A   H5A3   sing N N 13  
5CM C6    H6     sing N N 14  
5CM N4    HN41   sing N N 15  
5CM N4    HN42   sing N N 16  
5CM "C1'" "C2'"  sing N N 17  
5CM "C1'" "O4'"  sing N N 18  
5CM "C1'" "H1'"  sing N N 19  
5CM "C2'" "C3'"  sing N N 20  
5CM "C2'" "H2'"  sing N N 21  
5CM "C2'" "H2''" sing N N 22  
5CM "C3'" "C4'"  sing N N 23  
5CM "C3'" "O3'"  sing N N 24  
5CM "C3'" "H3'"  sing N N 25  
5CM "C4'" "O4'"  sing N N 26  
5CM "C4'" "C5'"  sing N N 27  
5CM "C4'" "H4'"  sing N N 28  
5CM "O3'" "HO3'" sing N N 29  
5CM "C5'" "O5'"  sing N N 30  
5CM "C5'" "H5'"  sing N N 31  
5CM "C5'" "H5''" sing N N 32  
5CM "O5'" P      sing N N 33  
5CM P     OP1    doub N N 34  
5CM P     OP2    sing N N 35  
5CM P     OP3    sing N N 36  
5CM OP2   HOP2   sing N N 37  
5CM OP3   HOP3   sing N N 38  
BRN C1    C2     doub Y N 39  
BRN C1    C6     sing Y N 40  
BRN C1    N1     sing N N 41  
BRN C2    C3     sing Y N 42  
BRN C2    H2     sing N N 43  
BRN C3    C4     doub Y N 44  
BRN C3    H3     sing N N 45  
BRN C4    C5     sing Y N 46  
BRN C4    C7     sing N N 47  
BRN C5    C6     doub Y N 48  
BRN C5    H5     sing N N 49  
BRN C6    H6     sing N N 50  
BRN C7    NA     doub N N 51  
BRN C7    NB     sing N N 52  
BRN NA    HA     sing N N 53  
BRN NB    HB1    sing N N 54  
BRN NB    HB2    sing N N 55  
BRN N1    N      sing N N 56  
BRN N1    HN1    sing N N 57  
BRN N     "N1'"  doub N E 58  
BRN "N1'" "C1'"  sing N N 59  
BRN "C1'" "C2'"  doub Y N 60  
BRN "C1'" "C6'"  sing Y N 61  
BRN "C2'" "C3'"  sing Y N 62  
BRN "C2'" "H2'"  sing N N 63  
BRN "C3'" "C4'"  doub Y N 64  
BRN "C3'" "H3'"  sing N N 65  
BRN "C4'" "C5'"  sing Y N 66  
BRN "C4'" "C7'"  sing N N 67  
BRN "C5'" "C6'"  doub Y N 68  
BRN "C5'" "H5'"  sing N N 69  
BRN "C6'" "H6'"  sing N N 70  
BRN "C7'" "NA'"  doub N N 71  
BRN "C7'" "NB'"  sing N N 72  
BRN "NA'" "HA'"  sing N N 73  
BRN "NB'" "HB'1" sing N N 74  
BRN "NB'" "HB'2" sing N N 75  
DA  OP3   P      sing N N 76  
DA  OP3   HOP3   sing N N 77  
DA  P     OP1    doub N N 78  
DA  P     OP2    sing N N 79  
DA  P     "O5'"  sing N N 80  
DA  OP2   HOP2   sing N N 81  
DA  "O5'" "C5'"  sing N N 82  
DA  "C5'" "C4'"  sing N N 83  
DA  "C5'" "H5'"  sing N N 84  
DA  "C5'" "H5''" sing N N 85  
DA  "C4'" "O4'"  sing N N 86  
DA  "C4'" "C3'"  sing N N 87  
DA  "C4'" "H4'"  sing N N 88  
DA  "O4'" "C1'"  sing N N 89  
DA  "C3'" "O3'"  sing N N 90  
DA  "C3'" "C2'"  sing N N 91  
DA  "C3'" "H3'"  sing N N 92  
DA  "O3'" "HO3'" sing N N 93  
DA  "C2'" "C1'"  sing N N 94  
DA  "C2'" "H2'"  sing N N 95  
DA  "C2'" "H2''" sing N N 96  
DA  "C1'" N9     sing N N 97  
DA  "C1'" "H1'"  sing N N 98  
DA  N9    C8     sing Y N 99  
DA  N9    C4     sing Y N 100 
DA  C8    N7     doub Y N 101 
DA  C8    H8     sing N N 102 
DA  N7    C5     sing Y N 103 
DA  C5    C6     sing Y N 104 
DA  C5    C4     doub Y N 105 
DA  C6    N6     sing N N 106 
DA  C6    N1     doub Y N 107 
DA  N6    H61    sing N N 108 
DA  N6    H62    sing N N 109 
DA  N1    C2     sing Y N 110 
DA  C2    N3     doub Y N 111 
DA  C2    H2     sing N N 112 
DA  N3    C4     sing Y N 113 
DC  OP3   P      sing N N 114 
DC  OP3   HOP3   sing N N 115 
DC  P     OP1    doub N N 116 
DC  P     OP2    sing N N 117 
DC  P     "O5'"  sing N N 118 
DC  OP2   HOP2   sing N N 119 
DC  "O5'" "C5'"  sing N N 120 
DC  "C5'" "C4'"  sing N N 121 
DC  "C5'" "H5'"  sing N N 122 
DC  "C5'" "H5''" sing N N 123 
DC  "C4'" "O4'"  sing N N 124 
DC  "C4'" "C3'"  sing N N 125 
DC  "C4'" "H4'"  sing N N 126 
DC  "O4'" "C1'"  sing N N 127 
DC  "C3'" "O3'"  sing N N 128 
DC  "C3'" "C2'"  sing N N 129 
DC  "C3'" "H3'"  sing N N 130 
DC  "O3'" "HO3'" sing N N 131 
DC  "C2'" "C1'"  sing N N 132 
DC  "C2'" "H2'"  sing N N 133 
DC  "C2'" "H2''" sing N N 134 
DC  "C1'" N1     sing N N 135 
DC  "C1'" "H1'"  sing N N 136 
DC  N1    C2     sing N N 137 
DC  N1    C6     sing N N 138 
DC  C2    O2     doub N N 139 
DC  C2    N3     sing N N 140 
DC  N3    C4     doub N N 141 
DC  C4    N4     sing N N 142 
DC  C4    C5     sing N N 143 
DC  N4    H41    sing N N 144 
DC  N4    H42    sing N N 145 
DC  C5    C6     doub N N 146 
DC  C5    H5     sing N N 147 
DC  C6    H6     sing N N 148 
DG  OP3   P      sing N N 149 
DG  OP3   HOP3   sing N N 150 
DG  P     OP1    doub N N 151 
DG  P     OP2    sing N N 152 
DG  P     "O5'"  sing N N 153 
DG  OP2   HOP2   sing N N 154 
DG  "O5'" "C5'"  sing N N 155 
DG  "C5'" "C4'"  sing N N 156 
DG  "C5'" "H5'"  sing N N 157 
DG  "C5'" "H5''" sing N N 158 
DG  "C4'" "O4'"  sing N N 159 
DG  "C4'" "C3'"  sing N N 160 
DG  "C4'" "H4'"  sing N N 161 
DG  "O4'" "C1'"  sing N N 162 
DG  "C3'" "O3'"  sing N N 163 
DG  "C3'" "C2'"  sing N N 164 
DG  "C3'" "H3'"  sing N N 165 
DG  "O3'" "HO3'" sing N N 166 
DG  "C2'" "C1'"  sing N N 167 
DG  "C2'" "H2'"  sing N N 168 
DG  "C2'" "H2''" sing N N 169 
DG  "C1'" N9     sing N N 170 
DG  "C1'" "H1'"  sing N N 171 
DG  N9    C8     sing Y N 172 
DG  N9    C4     sing Y N 173 
DG  C8    N7     doub Y N 174 
DG  C8    H8     sing N N 175 
DG  N7    C5     sing Y N 176 
DG  C5    C6     sing N N 177 
DG  C5    C4     doub Y N 178 
DG  C6    O6     doub N N 179 
DG  C6    N1     sing N N 180 
DG  N1    C2     sing N N 181 
DG  N1    H1     sing N N 182 
DG  C2    N2     sing N N 183 
DG  C2    N3     doub N N 184 
DG  N2    H21    sing N N 185 
DG  N2    H22    sing N N 186 
DG  N3    C4     sing N N 187 
DT  OP3   P      sing N N 188 
DT  OP3   HOP3   sing N N 189 
DT  P     OP1    doub N N 190 
DT  P     OP2    sing N N 191 
DT  P     "O5'"  sing N N 192 
DT  OP2   HOP2   sing N N 193 
DT  "O5'" "C5'"  sing N N 194 
DT  "C5'" "C4'"  sing N N 195 
DT  "C5'" "H5'"  sing N N 196 
DT  "C5'" "H5''" sing N N 197 
DT  "C4'" "O4'"  sing N N 198 
DT  "C4'" "C3'"  sing N N 199 
DT  "C4'" "H4'"  sing N N 200 
DT  "O4'" "C1'"  sing N N 201 
DT  "C3'" "O3'"  sing N N 202 
DT  "C3'" "C2'"  sing N N 203 
DT  "C3'" "H3'"  sing N N 204 
DT  "O3'" "HO3'" sing N N 205 
DT  "C2'" "C1'"  sing N N 206 
DT  "C2'" "H2'"  sing N N 207 
DT  "C2'" "H2''" sing N N 208 
DT  "C1'" N1     sing N N 209 
DT  "C1'" "H1'"  sing N N 210 
DT  N1    C2     sing N N 211 
DT  N1    C6     sing N N 212 
DT  C2    O2     doub N N 213 
DT  C2    N3     sing N N 214 
DT  N3    C4     sing N N 215 
DT  N3    H3     sing N N 216 
DT  C4    O4     doub N N 217 
DT  C4    C5     sing N N 218 
DT  C5    C7     sing N N 219 
DT  C5    C6     doub N N 220 
DT  C7    H71    sing N N 221 
DT  C7    H72    sing N N 222 
DT  C7    H73    sing N N 223 
DT  C6    H6     sing N N 224 
HOH O     H1     sing N N 225 
HOH O     H2     sing N N 226 
# 
loop_
_ndb_struct_conf_na.entry_id 
_ndb_struct_conf_na.feature 
268D 'double helix'        
268D 'b-form double helix' 
# 
loop_
_ndb_struct_na_base_pair.model_number 
_ndb_struct_na_base_pair.i_label_asym_id 
_ndb_struct_na_base_pair.i_label_comp_id 
_ndb_struct_na_base_pair.i_label_seq_id 
_ndb_struct_na_base_pair.i_symmetry 
_ndb_struct_na_base_pair.j_label_asym_id 
_ndb_struct_na_base_pair.j_label_comp_id 
_ndb_struct_na_base_pair.j_label_seq_id 
_ndb_struct_na_base_pair.j_symmetry 
_ndb_struct_na_base_pair.shear 
_ndb_struct_na_base_pair.stretch 
_ndb_struct_na_base_pair.stagger 
_ndb_struct_na_base_pair.buckle 
_ndb_struct_na_base_pair.propeller 
_ndb_struct_na_base_pair.opening 
_ndb_struct_na_base_pair.pair_number 
_ndb_struct_na_base_pair.pair_name 
_ndb_struct_na_base_pair.i_auth_asym_id 
_ndb_struct_na_base_pair.i_auth_seq_id 
_ndb_struct_na_base_pair.i_PDB_ins_code 
_ndb_struct_na_base_pair.j_auth_asym_id 
_ndb_struct_na_base_pair.j_auth_seq_id 
_ndb_struct_na_base_pair.j_PDB_ins_code 
_ndb_struct_na_base_pair.hbond_type_28 
_ndb_struct_na_base_pair.hbond_type_12 
1 A DC  1  1_555 B DG  12 1_555 0.203  -0.225 0.010  4.183  -16.890 1.389  1  A_DC1:DG24_B  A 1  ? B 24 ? 19 1 
1 A DG  2  1_555 B DC  11 1_555 -0.439 -0.394 0.464  2.603  -15.194 3.556  2  A_DG2:DC23_B  A 2  ? B 23 ? 19 1 
1 A DC  3  1_555 B DG  10 1_555 -0.186 -0.368 0.221  -1.197 -6.202  -3.161 3  A_DC3:DG22_B  A 3  ? B 22 ? 19 1 
1 A DG  4  1_555 B 5CM 9  1_555 0.082  -0.131 -0.002 8.662  -11.527 -4.272 4  A_DG4:5CM21_B A 4  ? B 21 ? 19 1 
1 A DA  5  1_555 B DT  8  1_555 0.380  -0.063 -0.155 8.502  -17.275 1.853  5  A_DA5:DT20_B  A 5  ? B 20 ? 20 1 
1 A DA  6  1_555 B DT  7  1_555 0.389  -0.214 0.166  3.707  -13.446 1.761  6  A_DA6:DT19_B  A 6  ? B 19 ? 20 1 
1 A DT  7  1_555 B DA  6  1_555 0.041  -0.068 -0.154 5.803  -19.084 -0.103 7  A_DT7:DA18_B  A 7  ? B 18 ? 20 1 
1 A DT  8  1_555 B DA  5  1_555 0.099  -0.349 -0.013 -0.620 -18.285 7.539  8  A_DT8:DA17_B  A 8  ? B 17 ? 20 1 
1 A 5CM 9  1_555 B DG  4  1_555 0.082  -0.506 -0.080 -7.392 -9.529  -4.527 9  A_5CM9:DG16_B A 9  ? B 16 ? 19 1 
1 A DG  10 1_555 B DC  3  1_555 0.127  -0.326 0.127  1.610  -6.407  0.003  10 A_DG10:DC15_B A 10 ? B 15 ? 19 1 
1 A DC  11 1_555 B DG  2  1_555 -0.034 -0.458 0.379  -4.649 -18.946 -6.083 11 A_DC11:DG14_B A 11 ? B 14 ? 19 1 
1 A DG  12 1_555 B DC  1  1_555 -0.276 -0.392 -0.205 3.947  21.315  -5.308 12 A_DG12:DC13_B A 12 ? B 13 ? 19 1 
# 
loop_
_ndb_struct_na_base_pair_step.model_number 
_ndb_struct_na_base_pair_step.i_label_asym_id_1 
_ndb_struct_na_base_pair_step.i_label_comp_id_1 
_ndb_struct_na_base_pair_step.i_label_seq_id_1 
_ndb_struct_na_base_pair_step.i_symmetry_1 
_ndb_struct_na_base_pair_step.j_label_asym_id_1 
_ndb_struct_na_base_pair_step.j_label_comp_id_1 
_ndb_struct_na_base_pair_step.j_label_seq_id_1 
_ndb_struct_na_base_pair_step.j_symmetry_1 
_ndb_struct_na_base_pair_step.i_label_asym_id_2 
_ndb_struct_na_base_pair_step.i_label_comp_id_2 
_ndb_struct_na_base_pair_step.i_label_seq_id_2 
_ndb_struct_na_base_pair_step.i_symmetry_2 
_ndb_struct_na_base_pair_step.j_label_asym_id_2 
_ndb_struct_na_base_pair_step.j_label_comp_id_2 
_ndb_struct_na_base_pair_step.j_label_seq_id_2 
_ndb_struct_na_base_pair_step.j_symmetry_2 
_ndb_struct_na_base_pair_step.shift 
_ndb_struct_na_base_pair_step.slide 
_ndb_struct_na_base_pair_step.rise 
_ndb_struct_na_base_pair_step.tilt 
_ndb_struct_na_base_pair_step.roll 
_ndb_struct_na_base_pair_step.twist 
_ndb_struct_na_base_pair_step.x_displacement 
_ndb_struct_na_base_pair_step.y_displacement 
_ndb_struct_na_base_pair_step.helical_rise 
_ndb_struct_na_base_pair_step.inclination 
_ndb_struct_na_base_pair_step.tip 
_ndb_struct_na_base_pair_step.helical_twist 
_ndb_struct_na_base_pair_step.step_number 
_ndb_struct_na_base_pair_step.step_name 
_ndb_struct_na_base_pair_step.i_auth_asym_id_1 
_ndb_struct_na_base_pair_step.i_auth_seq_id_1 
_ndb_struct_na_base_pair_step.i_PDB_ins_code_1 
_ndb_struct_na_base_pair_step.j_auth_asym_id_1 
_ndb_struct_na_base_pair_step.j_auth_seq_id_1 
_ndb_struct_na_base_pair_step.j_PDB_ins_code_1 
_ndb_struct_na_base_pair_step.i_auth_asym_id_2 
_ndb_struct_na_base_pair_step.i_auth_seq_id_2 
_ndb_struct_na_base_pair_step.i_PDB_ins_code_2 
_ndb_struct_na_base_pair_step.j_auth_asym_id_2 
_ndb_struct_na_base_pair_step.j_auth_seq_id_2 
_ndb_struct_na_base_pair_step.j_PDB_ins_code_2 
1 A DC  1  1_555 B DG  12 1_555 A DG  2  1_555 B DC  11 1_555 -0.002 0.312  3.283 -3.744 5.976   33.452 -0.426 -0.597 3.270 10.242 
6.416  34.166 1  AA_DC1DG2:DC23DG24_BB   A 1  ? B 24 ? A 2  ? B 23 ? 
1 A DG  2  1_555 B DC  11 1_555 A DC  3  1_555 B DG  10 1_555 0.428  0.204  3.539 3.716  -4.908  39.782 0.900  -0.166 3.515 -7.161 
-5.422 40.237 2  AA_DG2DC3:DG22DC23_BB   A 2  ? B 23 ? A 3  ? B 22 ? 
1 A DC  3  1_555 B DG  10 1_555 A DG  4  1_555 B 5CM 9  1_555 -0.124 0.582  3.127 4.250  6.859   30.331 -0.180 1.009  3.134 12.825 
-7.947 31.362 3  AA_DC3DG4:5CM21DG22_BB  A 3  ? B 22 ? A 4  ? B 21 ? 
1 A DG  4  1_555 B 5CM 9  1_555 A DA  5  1_555 B DT  8  1_555 0.078  -0.030 3.257 0.357  3.465   38.049 -0.480 -0.075 3.243 5.302 
-0.545 38.202 4  AA_DG4DA5:DT205CM21_BB  A 4  ? B 21 ? A 5  ? B 20 ? 
1 A DA  5  1_555 B DT  8  1_555 A DA  6  1_555 B DT  7  1_555 0.034  -0.178 3.318 -3.464 3.842   36.913 -0.794 -0.517 3.267 6.032 
5.437  37.261 5  AA_DA5DA6:DT19DT20_BB   A 5  ? B 20 ? A 6  ? B 19 ? 
1 A DA  6  1_555 B DT  7  1_555 A DT  7  1_555 B DA  6  1_555 -0.259 -0.744 3.161 2.571  -0.717  29.965 -1.291 1.006  3.145 -1.383 
-4.959 30.081 6  AA_DA6DT7:DA18DT19_BB   A 6  ? B 19 ? A 7  ? B 18 ? 
1 A DT  7  1_555 B DA  6  1_555 A DT  8  1_555 B DA  5  1_555 -0.106 -0.258 3.351 0.638  1.426   34.705 -0.655 0.277  3.336 2.389 
-1.069 34.739 7  AA_DT7DT8:DA17DA18_BB   A 7  ? B 18 ? A 8  ? B 17 ? 
1 A DT  8  1_555 B DA  5  1_555 A 5CM 9  1_555 B DG  4  1_555 -0.324 -0.111 3.485 0.298  -1.288  42.140 -0.013 0.483  3.485 -1.791 
-0.414 42.159 8  AA_DT85CM9:DG16DA17_BB  A 8  ? B 17 ? A 9  ? B 16 ? 
1 A 5CM 9  1_555 B DG  4  1_555 A DG  10 1_555 B DC  3  1_555 0.537  0.983  3.167 -3.048 5.300   30.248 0.830  -1.595 3.221 10.028 
5.767  30.845 9  AA_5CM9DG10:DC15DG16_BB A 9  ? B 16 ? A 10 ? B 15 ? 
1 A DG  10 1_555 B DC  3  1_555 A DC  11 1_555 B DG  2  1_555 -1.212 0.482  3.601 -5.230 -11.780 38.489 2.155  1.103  3.444 
-17.290 7.676  40.512 10 AA_DG10DC11:DG14DC15_BB A 10 ? B 15 ? A 11 ? B 14 ? 
1 A DC  11 1_555 B DG  2  1_555 A DG  12 1_555 B DC  1  1_555 1.185  0.593  3.399 5.188  -14.486 36.877 2.604  -1.117 3.094 
-21.773 -7.798 39.855 11 AA_DC11DG12:DC13DG14_BB A 11 ? B 14 ? A 12 ? B 13 ? 
# 
_atom_sites.entry_id                    268D 
_atom_sites.fract_transf_matrix[1][1]   0.02548871 
_atom_sites.fract_transf_matrix[1][2]   0.02324654 
_atom_sites.fract_transf_matrix[1][3]   -0.02105268 
_atom_sites.fract_transf_matrix[2][1]   -0.01225596 
_atom_sites.fract_transf_matrix[2][2]   0.02028756 
_atom_sites.fract_transf_matrix[2][3]   0.00756445 
_atom_sites.fract_transf_matrix[3][1]   0.00918021 
_atom_sites.fract_transf_matrix[3][2]   0.00099216 
_atom_sites.fract_transf_matrix[3][3]   0.01221085 
_atom_sites.fract_transf_vector[1]      0.573525 
_atom_sites.fract_transf_vector[2]      0.521656 
_atom_sites.fract_transf_vector[3]      0.133089 
# 
loop_
_atom_type.symbol 
C  
MG 
N  
O  
P  
# 
loop_
_atom_site.group_PDB 
_atom_site.id 
_atom_site.type_symbol 
_atom_site.label_atom_id 
_atom_site.label_alt_id 
_atom_site.label_comp_id 
_atom_site.label_asym_id 
_atom_site.label_entity_id 
_atom_site.label_seq_id 
_atom_site.pdbx_PDB_ins_code 
_atom_site.Cartn_x 
_atom_site.Cartn_y 
_atom_site.Cartn_z 
_atom_site.occupancy 
_atom_site.B_iso_or_equiv 
_atom_site.pdbx_formal_charge 
_atom_site.auth_seq_id 
_atom_site.auth_comp_id 
_atom_site.auth_asym_id 
_atom_site.auth_atom_id 
_atom_site.pdbx_PDB_model_num 
ATOM   1   O  "O5'" . DC  A 1 1  ? 6.147   14.153  14.164  1.00 31.59 ? 1   DC  A "O5'" 1 
ATOM   2   C  "C5'" . DC  A 1 1  ? 6.520   14.884  12.980  1.00 20.36 ? 1   DC  A "C5'" 1 
ATOM   3   C  "C4'" . DC  A 1 1  ? 7.499   13.718  12.485  1.00 21.34 ? 1   DC  A "C4'" 1 
ATOM   4   O  "O4'" . DC  A 1 1  ? 7.664   12.533  13.139  1.00 23.11 ? 1   DC  A "O4'" 1 
ATOM   5   C  "C3'" . DC  A 1 1  ? 6.980   13.238  11.081  1.00 35.24 ? 1   DC  A "C3'" 1 
ATOM   6   O  "O3'" . DC  A 1 1  ? 7.997   13.596  10.222  1.00 40.25 ? 1   DC  A "O3'" 1 
ATOM   7   C  "C2'" . DC  A 1 1  ? 6.764   11.761  11.126  1.00 37.90 ? 1   DC  A "C2'" 1 
ATOM   8   C  "C1'" . DC  A 1 1  ? 7.802   11.435  12.132  1.00 13.26 ? 1   DC  A "C1'" 1 
ATOM   9   N  N1    . DC  A 1 1  ? 7.483   10.116  12.692  1.00 23.62 ? 1   DC  A N1    1 
ATOM   10  C  C2    . DC  A 1 1  ? 8.552   9.185   12.865  1.00 16.94 ? 1   DC  A C2    1 
ATOM   11  O  O2    . DC  A 1 1  ? 9.628   9.504   12.391  1.00 17.82 ? 1   DC  A O2    1 
ATOM   12  N  N3    . DC  A 1 1  ? 8.299   8.023   13.469  1.00 15.85 ? 1   DC  A N3    1 
ATOM   13  C  C4    . DC  A 1 1  ? 7.016   7.751   13.891  1.00 15.82 ? 1   DC  A C4    1 
ATOM   14  N  N4    . DC  A 1 1  ? 6.734   6.561   14.536  1.00 17.78 ? 1   DC  A N4    1 
ATOM   15  C  C5    . DC  A 1 1  ? 5.944   8.750   13.838  1.00 10.89 ? 1   DC  A C5    1 
ATOM   16  C  C6    . DC  A 1 1  ? 6.220   9.827   13.166  1.00 17.89 ? 1   DC  A C6    1 
ATOM   17  P  P     . DG  A 1 2  ? 8.278   14.122  8.845   1.00 29.56 ? 2   DG  A P     1 
ATOM   18  O  OP1   . DG  A 1 2  ? 9.128   15.342  8.812   1.00 34.73 ? 2   DG  A OP1   1 
ATOM   19  O  OP2   . DG  A 1 2  ? 7.033   14.026  8.101   1.00 24.62 ? 2   DG  A OP2   1 
ATOM   20  O  "O5'" . DG  A 1 2  ? 9.246   12.963  8.205   1.00 45.70 ? 2   DG  A "O5'" 1 
ATOM   21  C  "C5'" . DG  A 1 2  ? 10.666  12.750  8.620   1.00 23.14 ? 2   DG  A "C5'" 1 
ATOM   22  C  "C4'" . DG  A 1 2  ? 10.841  11.481  7.731   1.00 34.81 ? 2   DG  A "C4'" 1 
ATOM   23  O  "O4'" . DG  A 1 2  ? 10.464  10.388  8.480   1.00 24.85 ? 2   DG  A "O4'" 1 
ATOM   24  C  "C3'" . DG  A 1 2  ? 9.973   11.331  6.462   1.00 30.07 ? 2   DG  A "C3'" 1 
ATOM   25  O  "O3'" . DG  A 1 2  ? 10.714  10.731  5.479   1.00 30.12 ? 2   DG  A "O3'" 1 
ATOM   26  C  "C2'" . DG  A 1 2  ? 8.853   10.358  6.770   1.00 11.44 ? 2   DG  A "C2'" 1 
ATOM   27  C  "C1'" . DG  A 1 2  ? 9.601   9.464   7.787   1.00 19.77 ? 2   DG  A "C1'" 1 
ATOM   28  N  N9    . DG  A 1 2  ? 8.650   8.728   8.619   1.00 17.83 ? 2   DG  A N9    1 
ATOM   29  C  C8    . DG  A 1 2  ? 7.423   9.149   8.926   1.00 7.43  ? 2   DG  A C8    1 
ATOM   30  N  N7    . DG  A 1 2  ? 6.720   8.285   9.705   1.00 14.35 ? 2   DG  A N7    1 
ATOM   31  C  C5    . DG  A 1 2  ? 7.649   7.277   9.948   1.00 13.13 ? 2   DG  A C5    1 
ATOM   32  C  C6    . DG  A 1 2  ? 7.472   6.029   10.575  1.00 15.30 ? 2   DG  A C6    1 
ATOM   33  O  O6    . DG  A 1 2  ? 6.487   5.624   11.202  1.00 13.89 ? 2   DG  A O6    1 
ATOM   34  N  N1    . DG  A 1 2  ? 8.655   5.272   10.583  1.00 20.53 ? 2   DG  A N1    1 
ATOM   35  C  C2    . DG  A 1 2  ? 9.702   5.614   9.818   1.00 13.83 ? 2   DG  A C2    1 
ATOM   36  N  N2    . DG  A 1 2  ? 10.721  4.689   9.651   1.00 11.81 ? 2   DG  A N2    1 
ATOM   37  N  N3    . DG  A 1 2  ? 9.873   6.748   9.179   1.00 21.03 ? 2   DG  A N3    1 
ATOM   38  C  C4    . DG  A 1 2  ? 8.807   7.521   9.278   1.00 14.79 ? 2   DG  A C4    1 
ATOM   39  P  P     . DC  A 1 3  ? 10.976  10.788  3.951   1.00 31.75 ? 3   DC  A P     1 
ATOM   40  O  OP1   . DC  A 1 3  ? 12.103  11.714  3.758   1.00 28.83 ? 3   DC  A OP1   1 
ATOM   41  O  OP2   . DC  A 1 3  ? 9.671   11.323  3.407   1.00 42.90 ? 3   DC  A OP2   1 
ATOM   42  O  "O5'" . DC  A 1 3  ? 11.071  9.216   3.655   1.00 26.78 ? 3   DC  A "O5'" 1 
ATOM   43  C  "C5'" . DC  A 1 3  ? 12.257  8.459   3.907   1.00 30.34 ? 3   DC  A "C5'" 1 
ATOM   44  C  "C4'" . DC  A 1 3  ? 11.843  7.084   4.330   1.00 16.86 ? 3   DC  A "C4'" 1 
ATOM   45  O  "O4'" . DC  A 1 3  ? 10.858  7.042   5.320   1.00 19.13 ? 3   DC  A "O4'" 1 
ATOM   46  C  "C3'" . DC  A 1 3  ? 11.226  6.440   3.061   1.00 29.35 ? 3   DC  A "C3'" 1 
ATOM   47  O  "O3'" . DC  A 1 3  ? 12.080  5.616   2.321   1.00 33.90 ? 3   DC  A "O3'" 1 
ATOM   48  C  "C2'" . DC  A 1 3  ? 10.132  5.647   3.644   1.00 16.50 ? 3   DC  A "C2'" 1 
ATOM   49  C  "C1'" . DC  A 1 3  ? 10.214  5.739   5.115   1.00 24.52 ? 3   DC  A "C1'" 1 
ATOM   50  N  N1    . DC  A 1 3  ? 8.875   5.707   5.714   1.00 24.27 ? 3   DC  A N1    1 
ATOM   51  C  C2    . DC  A 1 3  ? 8.494   4.701   6.541   1.00 16.38 ? 3   DC  A C2    1 
ATOM   52  O  O2    . DC  A 1 3  ? 9.269   3.793   6.885   1.00 23.84 ? 3   DC  A O2    1 
ATOM   53  N  N3    . DC  A 1 3  ? 7.245   4.816   7.127   1.00 13.80 ? 3   DC  A N3    1 
ATOM   54  C  C4    . DC  A 1 3  ? 6.399   5.799   6.798   1.00 12.12 ? 3   DC  A C4    1 
ATOM   55  N  N4    . DC  A 1 3  ? 5.186   5.816   7.414   1.00 20.66 ? 3   DC  A N4    1 
ATOM   56  C  C5    . DC  A 1 3  ? 6.771   6.842   5.926   1.00 21.60 ? 3   DC  A C5    1 
ATOM   57  C  C6    . DC  A 1 3  ? 8.010   6.744   5.380   1.00 22.55 ? 3   DC  A C6    1 
ATOM   58  P  P     . DG  A 1 4  ? 11.789  5.063   0.807   1.00 34.09 ? 4   DG  A P     1 
ATOM   59  O  OP1   . DG  A 1 4  ? 12.859  5.506   -0.049  1.00 35.42 ? 4   DG  A OP1   1 
ATOM   60  O  OP2   . DG  A 1 4  ? 10.328  5.194   0.495   1.00 38.53 ? 4   DG  A OP2   1 
ATOM   61  O  "O5'" . DG  A 1 4  ? 12.061  3.476   1.118   1.00 44.29 ? 4   DG  A "O5'" 1 
ATOM   62  C  "C5'" . DG  A 1 4  ? 12.576  3.100   2.415   1.00 28.25 ? 4   DG  A "C5'" 1 
ATOM   63  C  "C4'" . DG  A 1 4  ? 11.960  1.707   2.353   1.00 22.00 ? 4   DG  A "C4'" 1 
ATOM   64  O  "O4'" . DG  A 1 4  ? 10.798  1.896   3.121   1.00 29.74 ? 4   DG  A "O4'" 1 
ATOM   65  C  "C3'" . DG  A 1 4  ? 11.466  1.075   1.039   1.00 21.02 ? 4   DG  A "C3'" 1 
ATOM   66  O  "O3'" . DG  A 1 4  ? 11.859  -0.253  1.008   1.00 37.32 ? 4   DG  A "O3'" 1 
ATOM   67  C  "C2'" . DG  A 1 4  ? 9.944   1.174   1.110   1.00 24.29 ? 4   DG  A "C2'" 1 
ATOM   68  C  "C1'" . DG  A 1 4  ? 9.664   1.297   2.613   1.00 19.85 ? 4   DG  A "C1'" 1 
ATOM   69  N  N9    . DG  A 1 4  ? 8.531   2.190   2.959   1.00 13.31 ? 4   DG  A N9    1 
ATOM   70  C  C8    . DG  A 1 4  ? 8.179   3.353   2.334   1.00 15.31 ? 4   DG  A C8    1 
ATOM   71  N  N7    . DG  A 1 4  ? 7.093   3.873   2.871   1.00 22.04 ? 4   DG  A N7    1 
ATOM   72  C  C5    . DG  A 1 4  ? 6.703   2.940   3.878   1.00 14.27 ? 4   DG  A C5    1 
ATOM   73  C  C6    . DG  A 1 4  ? 5.637   2.949   4.810   1.00 20.36 ? 4   DG  A C6    1 
ATOM   74  O  O6    . DG  A 1 4  ? 4.752   3.829   5.036   1.00 20.43 ? 4   DG  A O6    1 
ATOM   75  N  N1    . DG  A 1 4  ? 5.620   1.945   5.707   1.00 12.44 ? 4   DG  A N1    1 
ATOM   76  C  C2    . DG  A 1 4  ? 6.619   1.005   5.680   1.00 11.63 ? 4   DG  A C2    1 
ATOM   77  N  N2    . DG  A 1 4  ? 6.460   -0.032  6.523   1.00 13.70 ? 4   DG  A N2    1 
ATOM   78  N  N3    . DG  A 1 4  ? 7.666   0.917   4.851   1.00 24.39 ? 4   DG  A N3    1 
ATOM   79  C  C4    . DG  A 1 4  ? 7.654   1.996   3.986   1.00 14.24 ? 4   DG  A C4    1 
ATOM   80  P  P     . DA  A 1 5  ? 11.332  -1.645  0.452   1.00 49.10 ? 5   DA  A P     1 
ATOM   81  O  OP1   . DA  A 1 5  ? 12.626  -2.509  0.196   1.00 40.74 ? 5   DA  A OP1   1 
ATOM   82  O  OP2   . DA  A 1 5  ? 10.420  -1.203  -0.692  1.00 30.98 ? 5   DA  A OP2   1 
ATOM   83  O  "O5'" . DA  A 1 5  ? 10.438  -2.581  1.324   1.00 44.36 ? 5   DA  A "O5'" 1 
ATOM   84  C  "C5'" . DA  A 1 5  ? 10.631  -3.090  2.620   1.00 31.54 ? 5   DA  A "C5'" 1 
ATOM   85  C  "C4'" . DA  A 1 5  ? 9.346   -3.746  3.000   1.00 38.11 ? 5   DA  A "C4'" 1 
ATOM   86  O  "O4'" . DA  A 1 5  ? 8.474   -2.635  3.180   1.00 32.61 ? 5   DA  A "O4'" 1 
ATOM   87  C  "C3'" . DA  A 1 5  ? 8.668   -4.718  2.008   1.00 24.87 ? 5   DA  A "C3'" 1 
ATOM   88  O  "O3'" . DA  A 1 5  ? 8.540   -5.864  2.878   1.00 30.00 ? 5   DA  A "O3'" 1 
ATOM   89  C  "C2'" . DA  A 1 5  ? 7.455   -3.973  1.533   1.00 17.81 ? 5   DA  A "C2'" 1 
ATOM   90  C  "C1'" . DA  A 1 5  ? 7.196   -2.970  2.654   1.00 27.50 ? 5   DA  A "C1'" 1 
ATOM   91  N  N9    . DA  A 1 5  ? 6.589   -1.699  2.270   1.00 15.71 ? 5   DA  A N9    1 
ATOM   92  C  C8    . DA  A 1 5  ? 7.014   -0.866  1.333   1.00 18.27 ? 5   DA  A C8    1 
ATOM   93  N  N7    . DA  A 1 5  ? 6.226   0.202   1.183   1.00 23.19 ? 5   DA  A N7    1 
ATOM   94  C  C5    . DA  A 1 5  ? 5.331   0.121   2.248   1.00 19.22 ? 5   DA  A C5    1 
ATOM   95  C  C6    . DA  A 1 5  ? 4.289   1.015   2.673   1.00 12.74 ? 5   DA  A C6    1 
ATOM   96  N  N6    . DA  A 1 5  ? 3.916   2.103   2.111   1.00 15.61 ? 5   DA  A N6    1 
ATOM   97  N  N1    . DA  A 1 5  ? 3.561   0.518   3.620   1.00 17.64 ? 5   DA  A N1    1 
ATOM   98  C  C2    . DA  A 1 5  ? 3.832   -0.670  4.324   1.00 12.06 ? 5   DA  A C2    1 
ATOM   99  N  N3    . DA  A 1 5  ? 4.857   -1.489  4.030   1.00 23.28 ? 5   DA  A N3    1 
ATOM   100 C  C4    . DA  A 1 5  ? 5.569   -1.024  2.957   1.00 14.97 ? 5   DA  A C4    1 
ATOM   101 P  P     . DA  A 1 6  ? 7.722   -7.210  2.798   1.00 33.04 ? 6   DA  A P     1 
ATOM   102 O  OP1   . DA  A 1 6  ? 8.226   -8.147  3.905   1.00 31.41 ? 6   DA  A OP1   1 
ATOM   103 O  OP2   . DA  A 1 6  ? 7.866   -7.666  1.450   1.00 33.13 ? 6   DA  A OP2   1 
ATOM   104 O  "O5'" . DA  A 1 6  ? 6.185   -6.861  2.968   1.00 29.11 ? 6   DA  A "O5'" 1 
ATOM   105 C  "C5'" . DA  A 1 6  ? 5.419   -7.107  4.129   1.00 27.07 ? 6   DA  A "C5'" 1 
ATOM   106 C  "C4'" . DA  A 1 6  ? 4.006   -6.606  3.988   1.00 23.28 ? 6   DA  A "C4'" 1 
ATOM   107 O  "O4'" . DA  A 1 6  ? 3.920   -5.215  3.596   1.00 22.71 ? 6   DA  A "O4'" 1 
ATOM   108 C  "C3'" . DA  A 1 6  ? 3.296   -7.497  2.924   1.00 15.17 ? 6   DA  A "C3'" 1 
ATOM   109 O  "O3'" . DA  A 1 6  ? 2.300   -8.132  3.675   1.00 13.36 ? 6   DA  A "O3'" 1 
ATOM   110 C  "C2'" . DA  A 1 6  ? 2.961   -6.532  1.803   1.00 16.50 ? 6   DA  A "C2'" 1 
ATOM   111 C  "C1'" . DA  A 1 6  ? 2.866   -5.256  2.630   1.00 9.94  ? 6   DA  A "C1'" 1 
ATOM   112 N  N9    . DA  A 1 6  ? 3.154   -4.099  1.779   1.00 11.34 ? 6   DA  A N9    1 
ATOM   113 C  C8    . DA  A 1 6  ? 4.101   -3.960  0.917   1.00 8.19  ? 6   DA  A C8    1 
ATOM   114 N  N7    . DA  A 1 6  ? 4.034   -2.774  0.273   1.00 15.85 ? 6   DA  A N7    1 
ATOM   115 C  C5    . DA  A 1 6  ? 2.972   -2.161  0.809   1.00 10.49 ? 6   DA  A C5    1 
ATOM   116 C  C6    . DA  A 1 6  ? 2.373   -0.906  0.518   1.00 18.74 ? 6   DA  A C6    1 
ATOM   117 N  N6    . DA  A 1 6  ? 2.912   -0.085  -0.363  1.00 9.76  ? 6   DA  A N6    1 
ATOM   118 N  N1    . DA  A 1 6  ? 1.263   -0.622  1.338   1.00 20.17 ? 6   DA  A N1    1 
ATOM   119 C  C2    . DA  A 1 6  ? 0.753   -1.565  2.183   1.00 18.02 ? 6   DA  A C2    1 
ATOM   120 N  N3    . DA  A 1 6  ? 1.240   -2.823  2.541   1.00 21.93 ? 6   DA  A N3    1 
ATOM   121 C  C4    . DA  A 1 6  ? 2.375   -2.985  1.759   1.00 12.81 ? 6   DA  A C4    1 
ATOM   122 P  P     . DT  A 1 7  ? 1.238   -9.161  3.459   1.00 16.35 ? 7   DT  A P     1 
ATOM   123 O  OP1   . DT  A 1 7  ? 0.909   -10.157 4.540   1.00 24.04 ? 7   DT  A OP1   1 
ATOM   124 O  OP2   . DT  A 1 7  ? 1.576   -9.785  2.059   1.00 26.89 ? 7   DT  A OP2   1 
ATOM   125 O  "O5'" . DT  A 1 7  ? -0.116  -8.273  3.275   1.00 26.17 ? 7   DT  A "O5'" 1 
ATOM   126 C  "C5'" . DT  A 1 7  ? -0.666  -7.477  4.320   1.00 36.62 ? 7   DT  A "C5'" 1 
ATOM   127 C  "C4'" . DT  A 1 7  ? -1.648  -6.498  3.594   1.00 11.19 ? 7   DT  A "C4'" 1 
ATOM   128 O  "O4'" . DT  A 1 7  ? -0.972  -5.675  2.798   1.00 18.14 ? 7   DT  A "O4'" 1 
ATOM   129 C  "C3'" . DT  A 1 7  ? -2.565  -7.337  2.731   1.00 10.25 ? 7   DT  A "C3'" 1 
ATOM   130 O  "O3'" . DT  A 1 7  ? -3.740  -7.253  3.525   1.00 25.91 ? 7   DT  A "O3'" 1 
ATOM   131 C  "C2'" . DT  A 1 7  ? -2.460  -6.636  1.432   1.00 11.33 ? 7   DT  A "C2'" 1 
ATOM   132 C  "C1'" . DT  A 1 7  ? -1.840  -5.383  1.666   1.00 10.83 ? 7   DT  A "C1'" 1 
ATOM   133 N  N1    . DT  A 1 7  ? -0.974  -4.805  0.592   1.00 20.13 ? 7   DT  A N1    1 
ATOM   134 C  C2    . DT  A 1 7  ? -1.283  -3.460  0.346   1.00 13.35 ? 7   DT  A C2    1 
ATOM   135 O  O2    . DT  A 1 7  ? -2.215  -2.823  0.946   1.00 32.35 ? 7   DT  A O2    1 
ATOM   136 N  N3    . DT  A 1 7  ? -0.568  -2.830  -0.595  1.00 16.31 ? 7   DT  A N3    1 
ATOM   137 C  C4    . DT  A 1 7  ? 0.428   -3.398  -1.290  1.00 16.42 ? 7   DT  A C4    1 
ATOM   138 O  O4    . DT  A 1 7  ? 1.036   -2.676  -2.124  1.00 16.17 ? 7   DT  A O4    1 
ATOM   139 C  C5    . DT  A 1 7  ? 0.740   -4.759  -0.971  1.00 10.19 ? 7   DT  A C5    1 
ATOM   140 C  C7    . DT  A 1 7  ? 1.845   -5.395  -1.808  1.00 20.08 ? 7   DT  A C7    1 
ATOM   141 C  C6    . DT  A 1 7  ? 0.022   -5.384  -0.086  1.00 12.63 ? 7   DT  A C6    1 
ATOM   142 P  P     . DT  A 1 8  ? -5.169  -7.696  2.924   1.00 30.70 ? 8   DT  A P     1 
ATOM   143 O  OP1   . DT  A 1 8  ? -5.739  -8.125  4.198   1.00 28.95 ? 8   DT  A OP1   1 
ATOM   144 O  OP2   . DT  A 1 8  ? -4.806  -8.494  1.725   1.00 26.17 ? 8   DT  A OP2   1 
ATOM   145 O  "O5'" . DT  A 1 8  ? -5.916  -6.446  2.303   1.00 32.70 ? 8   DT  A "O5'" 1 
ATOM   146 C  "C5'" . DT  A 1 8  ? -5.975  -5.171  2.964   1.00 33.97 ? 8   DT  A "C5'" 1 
ATOM   147 C  "C4'" . DT  A 1 8  ? -6.495  -4.328  1.764   1.00 13.51 ? 8   DT  A "C4'" 1 
ATOM   148 O  "O4'" . DT  A 1 8  ? -5.480  -4.165  0.897   1.00 24.77 ? 8   DT  A "O4'" 1 
ATOM   149 C  "C3'" . DT  A 1 8  ? -7.612  -4.997  0.970   1.00 14.83 ? 8   DT  A "C3'" 1 
ATOM   150 O  "O3'" . DT  A 1 8  ? -8.835  -4.356  1.314   1.00 65.49 ? 8   DT  A "O3'" 1 
ATOM   151 C  "C2'" . DT  A 1 8  ? -7.211  -4.769  -0.463  1.00 22.87 ? 8   DT  A "C2'" 1 
ATOM   152 C  "C1'" . DT  A 1 8  ? -6.108  -3.792  -0.356  1.00 15.85 ? 8   DT  A "C1'" 1 
ATOM   153 N  N1    . DT  A 1 8  ? -5.014  -3.864  -1.321  1.00 13.22 ? 8   DT  A N1    1 
ATOM   154 C  C2    . DT  A 1 8  ? -4.580  -2.801  -2.003  1.00 26.55 ? 8   DT  A C2    1 
ATOM   155 O  O2    . DT  A 1 8  ? -5.251  -1.725  -1.906  1.00 39.44 ? 8   DT  A O2    1 
ATOM   156 N  N3    . DT  A 1 8  ? -3.530  -2.927  -2.888  1.00 18.83 ? 8   DT  A N3    1 
ATOM   157 C  C4    . DT  A 1 8  ? -2.817  -4.145  -2.933  1.00 13.91 ? 8   DT  A C4    1 
ATOM   158 O  O4    . DT  A 1 8  ? -1.926  -4.152  -3.823  1.00 21.24 ? 8   DT  A O4    1 
ATOM   159 C  C5    . DT  A 1 8  ? -3.317  -5.257  -2.254  1.00 14.64 ? 8   DT  A C5    1 
ATOM   160 C  C7    . DT  A 1 8  ? -2.620  -6.588  -2.276  1.00 22.82 ? 8   DT  A C7    1 
ATOM   161 C  C6    . DT  A 1 8  ? -4.360  -5.133  -1.382  1.00 26.07 ? 8   DT  A C6    1 
HETATM 162 N  N1    . 5CM A 1 9  ? -7.927  -2.154  -4.389  1.00 24.62 ? 9   5CM A N1    1 
HETATM 163 C  C2    . 5CM A 1 9  ? -6.968  -1.673  -5.237  1.00 16.48 ? 9   5CM A C2    1 
HETATM 164 N  N3    . 5CM A 1 9  ? -5.969  -2.517  -5.716  1.00 23.48 ? 9   5CM A N3    1 
HETATM 165 C  C4    . 5CM A 1 9  ? -5.920  -3.815  -5.303  1.00 25.83 ? 9   5CM A C4    1 
HETATM 166 C  C5    . 5CM A 1 9  ? -6.911  -4.299  -4.420  1.00 28.32 ? 9   5CM A C5    1 
HETATM 167 C  C5A   . 5CM A 1 9  ? -6.927  -5.725  -3.940  1.00 47.47 ? 9   5CM A C5A   1 
HETATM 168 C  C6    . 5CM A 1 9  ? -7.902  -3.495  -3.953  1.00 25.78 ? 9   5CM A C6    1 
HETATM 169 O  O2    . 5CM A 1 9  ? -7.003  -0.528  -5.706  1.00 34.28 ? 9   5CM A O2    1 
HETATM 170 N  N4    . 5CM A 1 9  ? -4.988  -4.609  -5.841  1.00 28.83 ? 9   5CM A N4    1 
HETATM 171 C  "C1'" . 5CM A 1 9  ? -8.979  -1.325  -3.837  1.00 28.73 ? 9   5CM A "C1'" 1 
HETATM 172 C  "C2'" . 5CM A 1 9  ? -10.330 -1.938  -3.958  1.00 44.40 ? 9   5CM A "C2'" 1 
HETATM 173 C  "C3'" . 5CM A 1 9  ? -10.900 -2.022  -2.541  1.00 38.49 ? 9   5CM A "C3'" 1 
HETATM 174 C  "C4'" . 5CM A 1 9  ? -9.981  -1.178  -1.679  1.00 45.95 ? 9   5CM A "C4'" 1 
HETATM 175 O  "O4'" . 5CM A 1 9  ? -8.749  -1.191  -2.382  1.00 33.17 ? 9   5CM A "O4'" 1 
HETATM 176 O  "O3'" . 5CM A 1 9  ? -12.194 -1.491  -2.519  1.00 60.12 ? 9   5CM A "O3'" 1 
HETATM 177 C  "C5'" . 5CM A 1 9  ? -9.628  -1.623  -0.295  1.00 44.49 ? 9   5CM A "C5'" 1 
HETATM 178 O  "O5'" . 5CM A 1 9  ? -10.504 -2.570  0.244   1.00 58.24 ? 9   5CM A "O5'" 1 
HETATM 179 P  P     . 5CM A 1 9  ? -10.172 -4.107  0.488   1.00 60.58 ? 9   5CM A P     1 
HETATM 180 O  OP1   . 5CM A 1 9  ? -11.230 -4.665  1.354   1.00 42.06 ? 9   5CM A OP1   1 
HETATM 181 O  OP2   . 5CM A 1 9  ? -9.930  -4.757  -0.852  1.00 48.05 ? 9   5CM A OP2   1 
ATOM   182 P  P     . DG  A 1 10 ? -12.873 -0.277  -3.255  1.00 61.08 ? 10  DG  A P     1 
ATOM   183 O  OP1   . DG  A 1 10 ? -13.139 0.972   -2.460  1.00 46.34 ? 10  DG  A OP1   1 
ATOM   184 O  OP2   . DG  A 1 10 ? -14.174 -0.928  -3.706  1.00 35.16 ? 10  DG  A OP2   1 
ATOM   185 O  "O5'" . DG  A 1 10 ? -11.996 0.185   -4.524  1.00 77.72 ? 10  DG  A "O5'" 1 
ATOM   186 C  "C5'" . DG  A 1 10 ? -12.490 1.370   -5.224  1.00 41.78 ? 10  DG  A "C5'" 1 
ATOM   187 C  "C4'" . DG  A 1 10 ? -12.014 1.341   -6.636  1.00 36.16 ? 10  DG  A "C4'" 1 
ATOM   188 O  "O4'" . DG  A 1 10 ? -10.831 0.542   -6.633  1.00 42.19 ? 10  DG  A "O4'" 1 
ATOM   189 C  "C3'" . DG  A 1 10 ? -12.992 0.731   -7.644  1.00 26.94 ? 10  DG  A "C3'" 1 
ATOM   190 O  "O3'" . DG  A 1 10 ? -12.934 1.261   -8.984  1.00 32.42 ? 10  DG  A "O3'" 1 
ATOM   191 C  "C2'" . DG  A 1 10 ? -12.538 -0.708  -7.558  1.00 34.79 ? 10  DG  A "C2'" 1 
ATOM   192 C  "C1'" . DG  A 1 10 ? -11.068 -0.377  -7.674  1.00 30.46 ? 10  DG  A "C1'" 1 
ATOM   193 N  N9    . DG  A 1 10 ? -10.395 -1.660  -7.519  1.00 30.14 ? 10  DG  A N9    1 
ATOM   194 C  C8    . DG  A 1 10 ? -10.838 -2.688  -6.775  1.00 31.47 ? 10  DG  A C8    1 
ATOM   195 N  N7    . DG  A 1 10 ? -10.050 -3.723  -6.767  1.00 31.61 ? 10  DG  A N7    1 
ATOM   196 C  C5    . DG  A 1 10 ? -9.034  -3.362  -7.676  1.00 39.98 ? 10  DG  A C5    1 
ATOM   197 C  C6    . DG  A 1 10 ? -7.852  -4.053  -8.114  1.00 23.60 ? 10  DG  A C6    1 
ATOM   198 O  O6    . DG  A 1 10 ? -7.558  -5.240  -7.796  1.00 20.73 ? 10  DG  A O6    1 
ATOM   199 N  N1    . DG  A 1 10 ? -7.055  -3.297  -8.914  1.00 23.52 ? 10  DG  A N1    1 
ATOM   200 C  C2    . DG  A 1 10 ? -7.417  -2.052  -9.308  1.00 9.48  ? 10  DG  A C2    1 
ATOM   201 N  N2    . DG  A 1 10 ? -6.652  -1.357  -10.121 1.00 10.07 ? 10  DG  A N2    1 
ATOM   202 N  N3    . DG  A 1 10 ? -8.479  -1.373  -8.925  1.00 35.02 ? 10  DG  A N3    1 
ATOM   203 C  C4    . DG  A 1 10 ? -9.248  -2.073  -8.094  1.00 18.47 ? 10  DG  A C4    1 
ATOM   204 P  P     . DC  A 1 11 ? -13.476 2.835   -9.270  1.00 34.05 ? 11  DC  A P     1 
ATOM   205 O  OP1   . DC  A 1 11 ? -13.296 3.754   -8.113  1.00 42.31 ? 11  DC  A OP1   1 
ATOM   206 O  OP2   . DC  A 1 11 ? -14.774 2.419   -9.833  1.00 22.57 ? 11  DC  A OP2   1 
ATOM   207 O  "O5'" . DC  A 1 11 ? -12.469 3.611   -10.237 1.00 35.25 ? 11  DC  A "O5'" 1 
ATOM   208 C  "C5'" . DC  A 1 11 ? -11.186 4.001   -9.652  1.00 21.62 ? 11  DC  A "C5'" 1 
ATOM   209 C  "C4'" . DC  A 1 11 ? -10.145 3.709   -10.780 1.00 47.58 ? 11  DC  A "C4'" 1 
ATOM   210 O  "O4'" . DC  A 1 11 ? -9.663  2.364   -10.845 1.00 59.35 ? 11  DC  A "O4'" 1 
ATOM   211 C  "C3'" . DC  A 1 11 ? -10.677 4.014   -12.207 1.00 32.83 ? 11  DC  A "C3'" 1 
ATOM   212 O  "O3'" . DC  A 1 11 ? -9.672  4.815   -12.806 1.00 25.78 ? 11  DC  A "O3'" 1 
ATOM   213 C  "C2'" . DC  A 1 11 ? -11.015 2.587   -12.697 1.00 61.42 ? 11  DC  A "C2'" 1 
ATOM   214 C  "C1'" . DC  A 1 11 ? -9.895  1.715   -12.124 1.00 43.47 ? 11  DC  A "C1'" 1 
ATOM   215 N  N1    . DC  A 1 11 ? -10.207 0.316   -11.932 1.00 41.70 ? 11  DC  A N1    1 
ATOM   216 C  C2    . DC  A 1 11 ? -9.245  -0.696  -12.246 1.00 19.81 ? 11  DC  A C2    1 
ATOM   217 O  O2    . DC  A 1 11 ? -8.209  -0.375  -12.723 1.00 29.50 ? 11  DC  A O2    1 
ATOM   218 N  N3    . DC  A 1 11 ? -9.568  -2.012  -12.043 1.00 16.52 ? 11  DC  A N3    1 
ATOM   219 C  C4    . DC  A 1 11 ? -10.706 -2.401  -11.442 1.00 15.09 ? 11  DC  A C4    1 
ATOM   220 N  N4    . DC  A 1 11 ? -11.047 -3.594  -11.138 1.00 29.15 ? 11  DC  A N4    1 
ATOM   221 C  C5    . DC  A 1 11 ? -11.670 -1.386  -11.071 1.00 45.30 ? 11  DC  A C5    1 
ATOM   222 C  C6    . DC  A 1 11 ? -11.381 -0.050  -11.307 1.00 39.30 ? 11  DC  A C6    1 
ATOM   223 P  P     . DG  A 1 12 ? -9.543  5.367   -14.290 1.00 38.21 ? 12  DG  A P     1 
ATOM   224 O  OP1   . DG  A 1 12 ? -8.424  6.267   -14.534 1.00 31.75 ? 12  DG  A OP1   1 
ATOM   225 O  OP2   . DG  A 1 12 ? -11.002 5.521   -14.648 1.00 29.25 ? 12  DG  A OP2   1 
ATOM   226 O  "O5'" . DG  A 1 12 ? -9.159  4.077   -15.245 1.00 48.07 ? 12  DG  A "O5'" 1 
ATOM   227 C  "C5'" . DG  A 1 12 ? -7.791  3.946   -15.837 1.00 27.67 ? 12  DG  A "C5'" 1 
ATOM   228 C  "C4'" . DG  A 1 12 ? -8.120  2.777   -16.724 1.00 23.58 ? 12  DG  A "C4'" 1 
ATOM   229 O  "O4'" . DG  A 1 12 ? -8.595  1.688   -15.909 1.00 29.08 ? 12  DG  A "O4'" 1 
ATOM   230 C  "C3'" . DG  A 1 12 ? -9.238  3.037   -17.739 1.00 28.86 ? 12  DG  A "C3'" 1 
ATOM   231 O  "O3'" . DG  A 1 12 ? -8.792  3.318   -19.054 1.00 27.67 ? 12  DG  A "O3'" 1 
ATOM   232 C  "C2'" . DG  A 1 12 ? -10.047 1.758   -17.722 1.00 43.05 ? 12  DG  A "C2'" 1 
ATOM   233 C  "C1'" . DG  A 1 12 ? -9.327  0.788   -16.809 1.00 30.29 ? 12  DG  A "C1'" 1 
ATOM   234 N  N9    . DG  A 1 12 ? -10.283 -0.075  -16.160 1.00 34.19 ? 12  DG  A N9    1 
ATOM   235 C  C8    . DG  A 1 12 ? -11.493 0.348   -15.595 1.00 28.54 ? 12  DG  A C8    1 
ATOM   236 N  N7    . DG  A 1 12 ? -12.170 -0.676  -15.110 1.00 46.79 ? 12  DG  A N7    1 
ATOM   237 C  C5    . DG  A 1 12 ? -11.301 -1.788  -15.214 1.00 50.74 ? 12  DG  A C5    1 
ATOM   238 C  C6    . DG  A 1 12 ? -11.410 -3.141  -14.760 1.00 33.54 ? 12  DG  A C6    1 
ATOM   239 O  O6    . DG  A 1 12 ? -12.399 -3.654  -14.196 1.00 42.51 ? 12  DG  A O6    1 
ATOM   240 N  N1    . DG  A 1 12 ? -10.317 -3.957  -15.007 1.00 21.27 ? 12  DG  A N1    1 
ATOM   241 C  C2    . DG  A 1 12 ? -9.277  -3.475  -15.738 1.00 19.59 ? 12  DG  A C2    1 
ATOM   242 N  N2    . DG  A 1 12 ? -8.294  -4.305  -15.886 1.00 17.57 ? 12  DG  A N2    1 
ATOM   243 N  N3    . DG  A 1 12 ? -9.131  -2.245  -16.235 1.00 34.47 ? 12  DG  A N3    1 
ATOM   244 C  C4    . DG  A 1 12 ? -10.156 -1.425  -15.891 1.00 38.37 ? 12  DG  A C4    1 
ATOM   245 O  "O5'" . DC  B 1 1  ? -9.546  -13.511 -14.377 1.00 44.27 ? 13  DC  B "O5'" 1 
ATOM   246 C  "C5'" . DC  B 1 1  ? -9.506  -12.669 -15.589 1.00 32.57 ? 13  DC  B "C5'" 1 
ATOM   247 C  "C4'" . DC  B 1 1  ? -8.457  -11.607 -15.284 1.00 25.97 ? 13  DC  B "C4'" 1 
ATOM   248 O  "O4'" . DC  B 1 1  ? -9.091  -10.372 -15.366 1.00 34.04 ? 13  DC  B "O4'" 1 
ATOM   249 C  "C3'" . DC  B 1 1  ? -7.832  -11.593 -13.913 1.00 32.88 ? 13  DC  B "C3'" 1 
ATOM   250 O  "O3'" . DC  B 1 1  ? -6.527  -11.183 -13.903 1.00 27.07 ? 13  DC  B "O3'" 1 
ATOM   251 C  "C2'" . DC  B 1 1  ? -8.685  -10.519 -13.138 1.00 29.50 ? 13  DC  B "C2'" 1 
ATOM   252 C  "C1'" . DC  B 1 1  ? -8.776  -9.534  -14.197 1.00 26.75 ? 13  DC  B "C1'" 1 
ATOM   253 N  N1    . DC  B 1 1  ? -9.916  -8.646  -14.142 1.00 43.22 ? 13  DC  B N1    1 
ATOM   254 C  C2    . DC  B 1 1  ? -9.708  -7.325  -14.438 1.00 23.50 ? 13  DC  B C2    1 
ATOM   255 O  O2    . DC  B 1 1  ? -8.609  -6.860  -14.630 1.00 25.28 ? 13  DC  B O2    1 
ATOM   256 N  N3    . DC  B 1 1  ? -10.828 -6.513  -14.415 1.00 35.86 ? 13  DC  B N3    1 
ATOM   257 C  C4    . DC  B 1 1  ? -12.081 -7.007  -14.245 1.00 31.11 ? 13  DC  B C4    1 
ATOM   258 N  N4    . DC  B 1 1  ? -13.115 -6.182  -14.353 1.00 31.92 ? 13  DC  B N4    1 
ATOM   259 C  C5    . DC  B 1 1  ? -12.281 -8.415  -13.980 1.00 39.60 ? 13  DC  B C5    1 
ATOM   260 C  C6    . DC  B 1 1  ? -11.182 -9.178  -13.933 1.00 42.02 ? 13  DC  B C6    1 
ATOM   261 P  P     . DG  B 1 2  ? -5.222  -11.936 -13.578 1.00 36.98 ? 14  DG  B P     1 
ATOM   262 O  OP1   . DG  B 1 2  ? -5.080  -13.316 -14.180 1.00 57.26 ? 14  DG  B OP1   1 
ATOM   263 O  OP2   . DG  B 1 2  ? -5.068  -11.907 -12.124 1.00 37.03 ? 14  DG  B OP2   1 
ATOM   264 O  "O5'" . DG  B 1 2  ? -4.016  -10.970 -14.162 1.00 41.43 ? 14  DG  B "O5'" 1 
ATOM   265 C  "C5'" . DG  B 1 2  ? -4.052  -10.449 -15.497 1.00 14.12 ? 14  DG  B "C5'" 1 
ATOM   266 C  "C4'" . DG  B 1 2  ? -3.628  -8.964  -15.396 1.00 24.96 ? 14  DG  B "C4'" 1 
ATOM   267 O  "O4'" . DG  B 1 2  ? -4.752  -8.181  -14.967 1.00 49.33 ? 14  DG  B "O4'" 1 
ATOM   268 C  "C3'" . DG  B 1 2  ? -2.499  -8.618  -14.455 1.00 37.50 ? 14  DG  B "C3'" 1 
ATOM   269 O  "O3'" . DG  B 1 2  ? -1.295  -8.245  -15.184 1.00 21.87 ? 14  DG  B "O3'" 1 
ATOM   270 C  "C2'" . DG  B 1 2  ? -2.918  -7.444  -13.604 1.00 35.28 ? 14  DG  B "C2'" 1 
ATOM   271 C  "C1'" . DG  B 1 2  ? -4.193  -7.048  -14.192 1.00 41.83 ? 14  DG  B "C1'" 1 
ATOM   272 N  N9    . DG  B 1 2  ? -5.282  -6.861  -13.233 1.00 31.22 ? 14  DG  B N9    1 
ATOM   273 C  C8    . DG  B 1 2  ? -5.803  -7.833  -12.411 1.00 18.17 ? 14  DG  B C8    1 
ATOM   274 N  N7    . DG  B 1 2  ? -6.808  -7.321  -11.722 1.00 23.87 ? 14  DG  B N7    1 
ATOM   275 C  C5    . DG  B 1 2  ? -7.056  -6.062  -12.194 1.00 26.00 ? 14  DG  B C5    1 
ATOM   276 C  C6    . DG  B 1 2  ? -7.963  -5.032  -11.866 1.00 19.13 ? 14  DG  B C6    1 
ATOM   277 O  O6    . DG  B 1 2  ? -8.886  -5.201  -11.044 1.00 26.37 ? 14  DG  B O6    1 
ATOM   278 N  N1    . DG  B 1 2  ? -7.797  -3.820  -12.507 1.00 27.12 ? 14  DG  B N1    1 
ATOM   279 C  C2    . DG  B 1 2  ? -6.810  -3.626  -13.372 1.00 29.03 ? 14  DG  B C2    1 
ATOM   280 N  N2    . DG  B 1 2  ? -6.548  -2.421  -13.920 1.00 10.75 ? 14  DG  B N2    1 
ATOM   281 N  N3    . DG  B 1 2  ? -5.897  -4.568  -13.702 1.00 38.36 ? 14  DG  B N3    1 
ATOM   282 C  C4    . DG  B 1 2  ? -6.050  -5.736  -13.091 1.00 30.13 ? 14  DG  B C4    1 
ATOM   283 P  P     . DC  B 1 3  ? -0.044  -7.556  -14.462 1.00 29.93 ? 15  DC  B P     1 
ATOM   284 O  OP1   . DC  B 1 3  ? 0.991   -7.653  -15.420 1.00 35.55 ? 15  DC  B OP1   1 
ATOM   285 O  OP2   . DC  B 1 3  ? -0.304  -8.044  -13.096 1.00 27.17 ? 15  DC  B OP2   1 
ATOM   286 O  "O5'" . DC  B 1 3  ? -0.454  -5.983  -14.257 1.00 22.37 ? 15  DC  B "O5'" 1 
ATOM   287 C  "C5'" . DC  B 1 3  ? -0.033  -4.942  -15.190 1.00 14.84 ? 15  DC  B "C5'" 1 
ATOM   288 C  "C4'" . DC  B 1 3  ? -0.880  -3.860  -14.412 1.00 23.12 ? 15  DC  B "C4'" 1 
ATOM   289 O  "O4'" . DC  B 1 3  ? -2.019  -4.321  -13.755 1.00 39.87 ? 15  DC  B "O4'" 1 
ATOM   290 C  "C3'" . DC  B 1 3  ? 0.024   -3.384  -13.288 1.00 20.87 ? 15  DC  B "C3'" 1 
ATOM   291 O  "O3'" . DC  B 1 3  ? 0.802   -2.344  -13.785 1.00 22.80 ? 15  DC  B "O3'" 1 
ATOM   292 C  "C2'" . DC  B 1 3  ? -0.927  -3.046  -12.100 1.00 22.22 ? 15  DC  B "C2'" 1 
ATOM   293 C  "C1'" . DC  B 1 3  ? -2.234  -3.419  -12.529 1.00 12.91 ? 15  DC  B "C1'" 1 
ATOM   294 N  N1    . DC  B 1 3  ? -2.949  -4.111  -11.485 1.00 16.78 ? 15  DC  B N1    1 
ATOM   295 C  C2    . DC  B 1 3  ? -4.110  -3.508  -10.914 1.00 12.53 ? 15  DC  B C2    1 
ATOM   296 O  O2    . DC  B 1 3  ? -4.460  -2.411  -11.462 1.00 23.43 ? 15  DC  B O2    1 
ATOM   297 N  N3    . DC  B 1 3  ? -4.816  -4.234  -10.006 1.00 13.45 ? 15  DC  B N3    1 
ATOM   298 C  C4    . DC  B 1 3  ? -4.404  -5.435  -9.513  1.00 24.88 ? 15  DC  B C4    1 
ATOM   299 N  N4    . DC  B 1 3  ? -5.074  -6.198  -8.644  1.00 22.46 ? 15  DC  B N4    1 
ATOM   300 C  C5    . DC  B 1 3  ? -3.199  -6.028  -10.044 1.00 21.51 ? 15  DC  B C5    1 
ATOM   301 C  C6    . DC  B 1 3  ? -2.544  -5.323  -11.003 1.00 25.91 ? 15  DC  B C6    1 
ATOM   302 P  P     . DG  B 1 4  ? 1.947   -1.491  -12.987 1.00 23.34 ? 16  DG  B P     1 
ATOM   303 O  OP1   . DG  B 1 4  ? 2.893   -0.944  -14.046 1.00 39.21 ? 16  DG  B OP1   1 
ATOM   304 O  OP2   . DG  B 1 4  ? 2.455   -2.486  -11.994 1.00 29.19 ? 16  DG  B OP2   1 
ATOM   305 O  "O5'" . DG  B 1 4  ? 1.180   -0.258  -12.380 1.00 31.59 ? 16  DG  B "O5'" 1 
ATOM   306 C  "C5'" . DG  B 1 4  ? 0.563   0.620   -13.371 1.00 18.95 ? 16  DG  B "C5'" 1 
ATOM   307 C  "C4'" . DG  B 1 4  ? -0.286  1.499   -12.436 1.00 26.38 ? 16  DG  B "C4'" 1 
ATOM   308 O  "O4'" . DG  B 1 4  ? -1.207  0.718   -11.688 1.00 26.87 ? 16  DG  B "O4'" 1 
ATOM   309 C  "C3'" . DG  B 1 4  ? 0.538   2.292   -11.416 1.00 36.95 ? 16  DG  B "C3'" 1 
ATOM   310 O  "O3'" . DG  B 1 4  ? -0.050  3.527   -11.123 1.00 45.69 ? 16  DG  B "O3'" 1 
ATOM   311 C  "C2'" . DG  B 1 4  ? 0.563   1.242   -10.253 1.00 24.95 ? 16  DG  B "C2'" 1 
ATOM   312 C  "C1'" . DG  B 1 4  ? -0.912  0.899   -10.270 1.00 27.59 ? 16  DG  B "C1'" 1 
ATOM   313 N  N9    . DG  B 1 4  ? -1.207  -0.321  -9.539  1.00 17.64 ? 16  DG  B N9    1 
ATOM   314 C  C8    . DG  B 1 4  ? -0.447  -1.429  -9.473  1.00 12.40 ? 16  DG  B C8    1 
ATOM   315 N  N7    . DG  B 1 4  ? -0.934  -2.404  -8.781  1.00 40.01 ? 16  DG  B N7    1 
ATOM   316 C  C5    . DG  B 1 4  ? -2.183  -1.856  -8.312  1.00 11.05 ? 16  DG  B C5    1 
ATOM   317 C  C6    . DG  B 1 4  ? -3.201  -2.440  -7.557  1.00 10.84 ? 16  DG  B C6    1 
ATOM   318 O  O6    . DG  B 1 4  ? -3.250  -3.636  -7.088  1.00 16.42 ? 16  DG  B O6    1 
ATOM   319 N  N1    . DG  B 1 4  ? -4.275  -1.680  -7.426  1.00 9.41  ? 16  DG  B N1    1 
ATOM   320 C  C2    . DG  B 1 4  ? -4.352  -0.419  -8.011  1.00 20.77 ? 16  DG  B C2    1 
ATOM   321 N  N2    . DG  B 1 4  ? -5.516  0.314   -7.802  1.00 17.35 ? 16  DG  B N2    1 
ATOM   322 N  N3    . DG  B 1 4  ? -3.413  0.211   -8.694  1.00 22.68 ? 16  DG  B N3    1 
ATOM   323 C  C4    . DG  B 1 4  ? -2.362  -0.618  -8.853  1.00 19.05 ? 16  DG  B C4    1 
ATOM   324 P  P     . DA  B 1 5  ? 0.086   4.739   -10.080 1.00 32.63 ? 17  DA  B P     1 
ATOM   325 O  OP1   . DA  B 1 5  ? 0.273   6.075   -10.730 1.00 33.26 ? 17  DA  B OP1   1 
ATOM   326 O  OP2   . DA  B 1 5  ? 1.488   4.387   -9.574  1.00 30.76 ? 17  DA  B OP2   1 
ATOM   327 O  "O5'" . DA  B 1 5  ? -1.137  4.653   -8.973  1.00 21.70 ? 17  DA  B "O5'" 1 
ATOM   328 C  "C5'" . DA  B 1 5  ? -2.404  4.882   -9.660  1.00 17.28 ? 17  DA  B "C5'" 1 
ATOM   329 C  "C4'" . DA  B 1 5  ? -3.484  4.763   -8.709  1.00 23.74 ? 17  DA  B "C4'" 1 
ATOM   330 O  "O4'" . DA  B 1 5  ? -3.575  3.596   -7.971  1.00 45.40 ? 17  DA  B "O4'" 1 
ATOM   331 C  "C3'" . DA  B 1 5  ? -3.173  5.818   -7.586  1.00 46.62 ? 17  DA  B "C3'" 1 
ATOM   332 O  "O3'" . DA  B 1 5  ? -4.422  6.290   -7.038  1.00 40.30 ? 17  DA  B "O3'" 1 
ATOM   333 C  "C2'" . DA  B 1 5  ? -2.217  5.014   -6.733  1.00 20.01 ? 17  DA  B "C2'" 1 
ATOM   334 C  "C1'" . DA  B 1 5  ? -3.126  3.761   -6.594  1.00 31.33 ? 17  DA  B "C1'" 1 
ATOM   335 N  N9    . DA  B 1 5  ? -2.466  2.528   -6.236  1.00 26.33 ? 17  DA  B N9    1 
ATOM   336 C  C8    . DA  B 1 5  ? -1.146  2.299   -6.695  1.00 15.00 ? 17  DA  B C8    1 
ATOM   337 N  N7    . DA  B 1 5  ? -0.674  1.157   -6.302  1.00 16.58 ? 17  DA  B N7    1 
ATOM   338 C  C5    . DA  B 1 5  ? -1.708  0.589   -5.478  1.00 12.01 ? 17  DA  B C5    1 
ATOM   339 C  C6    . DA  B 1 5  ? -1.855  -0.667  -4.848  1.00 15.62 ? 17  DA  B C6    1 
ATOM   340 N  N6    . DA  B 1 5  ? -0.798  -1.626  -4.950  1.00 13.41 ? 17  DA  B N6    1 
ATOM   341 N  N1    . DA  B 1 5  ? -3.045  -0.939  -4.300  1.00 21.38 ? 17  DA  B N1    1 
ATOM   342 C  C2    . DA  B 1 5  ? -4.083  -0.012  -4.291  1.00 10.58 ? 17  DA  B C2    1 
ATOM   343 N  N3    . DA  B 1 5  ? -3.985  1.184   -4.904  1.00 12.15 ? 17  DA  B N3    1 
ATOM   344 C  C4    . DA  B 1 5  ? -2.811  1.434   -5.462  1.00 22.05 ? 17  DA  B C4    1 
ATOM   345 P  P     . DA  B 1 6  ? -4.257  7.565   -5.963  1.00 39.48 ? 18  DA  B P     1 
ATOM   346 O  OP1   . DA  B 1 6  ? -5.070  8.650   -6.661  1.00 42.02 ? 18  DA  B OP1   1 
ATOM   347 O  OP2   . DA  B 1 6  ? -2.846  7.776   -5.869  1.00 32.95 ? 18  DA  B OP2   1 
ATOM   348 O  "O5'" . DA  B 1 6  ? -4.857  6.832   -4.691  1.00 69.00 ? 18  DA  B "O5'" 1 
ATOM   349 C  "C5'" . DA  B 1 6  ? -5.936  5.813   -4.657  1.00 28.06 ? 18  DA  B "C5'" 1 
ATOM   350 C  "C4'" . DA  B 1 6  ? -5.730  5.053   -3.399  1.00 30.73 ? 18  DA  B "C4'" 1 
ATOM   351 O  "O4'" . DA  B 1 6  ? -4.523  4.273   -3.554  1.00 26.05 ? 18  DA  B "O4'" 1 
ATOM   352 C  "C3'" . DA  B 1 6  ? -5.453  5.892   -2.143  1.00 60.66 ? 18  DA  B "C3'" 1 
ATOM   353 O  "O3'" . DA  B 1 6  ? -6.632  6.092   -1.339  1.00 77.64 ? 18  DA  B "O3'" 1 
ATOM   354 C  "C2'" . DA  B 1 6  ? -4.325  5.138   -1.415  1.00 55.77 ? 18  DA  B "C2'" 1 
ATOM   355 C  "C1'" . DA  B 1 6  ? -4.191  3.917   -2.244  1.00 23.51 ? 18  DA  B "C1'" 1 
ATOM   356 N  N9    . DA  B 1 6  ? -2.829  3.426   -2.491  1.00 26.09 ? 18  DA  B N9    1 
ATOM   357 C  C8    . DA  B 1 6  ? -1.774  3.884   -3.183  1.00 13.77 ? 18  DA  B C8    1 
ATOM   358 N  N7    . DA  B 1 6  ? -0.757  3.019   -3.196  1.00 16.88 ? 18  DA  B N7    1 
ATOM   359 C  C5    . DA  B 1 6  ? -1.282  1.864   -2.495  1.00 18.45 ? 18  DA  B C5    1 
ATOM   360 C  C6    . DA  B 1 6  ? -0.727  0.621   -2.098  1.00 12.45 ? 18  DA  B C6    1 
ATOM   361 N  N6    . DA  B 1 6  ? 0.510   0.262   -2.435  1.00 28.06 ? 18  DA  B N6    1 
ATOM   362 N  N1    . DA  B 1 6  ? -1.539  -0.174  -1.399  1.00 11.51 ? 18  DA  B N1    1 
ATOM   363 C  C2    . DA  B 1 6  ? -2.873  0.081   -0.965  1.00 13.78 ? 18  DA  B C2    1 
ATOM   364 N  N3    . DA  B 1 6  ? -3.397  1.210   -1.327  1.00 28.84 ? 18  DA  B N3    1 
ATOM   365 C  C4    . DA  B 1 6  ? -2.556  2.106   -2.024  1.00 26.43 ? 18  DA  B C4    1 
ATOM   366 P  P     . DT  B 1 7  ? -6.605  6.730   0.153   1.00 51.64 ? 19  DT  B P     1 
ATOM   367 O  OP1   . DT  B 1 7  ? -8.022  7.141   0.415   1.00 41.14 ? 19  DT  B OP1   1 
ATOM   368 O  OP2   . DT  B 1 7  ? -5.564  7.805   0.135   1.00 37.96 ? 19  DT  B OP2   1 
ATOM   369 O  "O5'" . DT  B 1 7  ? -6.172  5.517   1.081   1.00 35.39 ? 19  DT  B "O5'" 1 
ATOM   370 C  "C5'" . DT  B 1 7  ? -6.888  4.264   1.181   1.00 43.22 ? 19  DT  B "C5'" 1 
ATOM   371 C  "C4'" . DT  B 1 7  ? -5.876  3.364   1.942   1.00 49.21 ? 19  DT  B "C4'" 1 
ATOM   372 O  "O4'" . DT  B 1 7  ? -4.628  3.289   1.256   1.00 34.79 ? 19  DT  B "O4'" 1 
ATOM   373 C  "C3'" . DT  B 1 7  ? -5.480  3.854   3.332   1.00 31.34 ? 19  DT  B "C3'" 1 
ATOM   374 O  "O3'" . DT  B 1 7  ? -6.397  3.476   4.340   1.00 48.30 ? 19  DT  B "O3'" 1 
ATOM   375 C  "C2'" . DT  B 1 7  ? -4.068  3.221   3.534   1.00 25.80 ? 19  DT  B "C2'" 1 
ATOM   376 C  "C1'" . DT  B 1 7  ? -3.788  2.590   2.204   1.00 12.91 ? 19  DT  B "C1'" 1 
ATOM   377 N  N1    . DT  B 1 7  ? -2.417  2.661   1.684   1.00 23.23 ? 19  DT  B N1    1 
ATOM   378 C  C2    . DT  B 1 7  ? -1.635  1.486   1.790   1.00 18.43 ? 19  DT  B C2    1 
ATOM   379 O  O2    . DT  B 1 7  ? -2.114  0.522   2.383   1.00 22.74 ? 19  DT  B O2    1 
ATOM   380 N  N3    . DT  B 1 7  ? -0.398  1.516   1.259   1.00 11.23 ? 19  DT  B N3    1 
ATOM   381 C  C4    . DT  B 1 7  ? 0.148   2.512   0.578   1.00 15.23 ? 19  DT  B C4    1 
ATOM   382 O  O4    . DT  B 1 7  ? 1.263   2.465   0.014   1.00 22.70 ? 19  DT  B O4    1 
ATOM   383 C  C5    . DT  B 1 7  ? -0.672  3.705   0.467   1.00 22.88 ? 19  DT  B C5    1 
ATOM   384 C  C7    . DT  B 1 7  ? -0.240  4.912   -0.218  1.00 14.96 ? 19  DT  B C7    1 
ATOM   385 C  C6    . DT  B 1 7  ? -1.929  3.739   1.000   1.00 26.32 ? 19  DT  B C6    1 
ATOM   386 P  P     . DT  B 1 8  ? -6.201  3.343   5.923   1.00 31.09 ? 20  DT  B P     1 
ATOM   387 O  OP1   . DT  B 1 8  ? -7.455  2.912   6.597   1.00 36.96 ? 20  DT  B OP1   1 
ATOM   388 O  OP2   . DT  B 1 8  ? -5.402  4.446   6.510   1.00 20.93 ? 20  DT  B OP2   1 
ATOM   389 O  "O5'" . DT  B 1 8  ? -5.047  2.144   5.881   1.00 66.47 ? 20  DT  B "O5'" 1 
ATOM   390 C  "C5'" . DT  B 1 8  ? -5.399  0.864   6.472   1.00 49.14 ? 20  DT  B "C5'" 1 
ATOM   391 C  "C4'" . DT  B 1 8  ? -4.141  0.097   6.653   1.00 19.93 ? 20  DT  B "C4'" 1 
ATOM   392 O  "O4'" . DT  B 1 8  ? -3.153  0.389   5.738   1.00 19.36 ? 20  DT  B "O4'" 1 
ATOM   393 C  "C3'" . DT  B 1 8  ? -3.588  0.467   8.115   1.00 12.74 ? 20  DT  B "C3'" 1 
ATOM   394 O  "O3'" . DT  B 1 8  ? -3.971  -0.835  8.607   1.00 28.54 ? 20  DT  B "O3'" 1 
ATOM   395 C  "C2'" . DT  B 1 8  ? -2.206  0.895   7.950   1.00 19.84 ? 20  DT  B "C2'" 1 
ATOM   396 C  "C1'" . DT  B 1 8  ? -1.907  0.462   6.516   1.00 32.74 ? 20  DT  B "C1'" 1 
ATOM   397 N  N1    . DT  B 1 8  ? -1.042  1.350   5.735   1.00 29.58 ? 20  DT  B N1    1 
ATOM   398 C  C2    . DT  B 1 8  ? 0.092   0.707   5.264   1.00 22.18 ? 20  DT  B C2    1 
ATOM   399 O  O2    . DT  B 1 8  ? 0.427   -0.413  5.602   1.00 19.58 ? 20  DT  B O2    1 
ATOM   400 N  N3    . DT  B 1 8  ? 0.989   1.455   4.553   1.00 29.92 ? 20  DT  B N3    1 
ATOM   401 C  C4    . DT  B 1 8  ? 0.790   2.771   4.203   1.00 20.39 ? 20  DT  B C4    1 
ATOM   402 O  O4    . DT  B 1 8  ? 1.650   3.342   3.510   1.00 18.12 ? 20  DT  B O4    1 
ATOM   403 C  C5    . DT  B 1 8  ? -0.443  3.369   4.662   1.00 16.56 ? 20  DT  B C5    1 
ATOM   404 C  C7    . DT  B 1 8  ? -0.595  4.806   4.316   1.00 10.78 ? 20  DT  B C7    1 
ATOM   405 C  C6    . DT  B 1 8  ? -1.333  2.655   5.398   1.00 15.70 ? 20  DT  B C6    1 
HETATM 406 N  N1    . 5CM B 1 9  ? 1.939   0.281   8.847   1.00 25.17 ? 21  5CM B N1    1 
HETATM 407 C  C2    . 5CM B 1 9  ? 3.080   0.347   8.018   1.00 27.11 ? 21  5CM B C2    1 
HETATM 408 N  N3    . 5CM B 1 9  ? 3.339   1.561   7.363   1.00 14.47 ? 21  5CM B N3    1 
HETATM 409 C  C4    . 5CM B 1 9  ? 2.501   2.598   7.466   1.00 17.45 ? 21  5CM B C4    1 
HETATM 410 C  C5    . 5CM B 1 9  ? 1.328   2.489   8.252   1.00 20.94 ? 21  5CM B C5    1 
HETATM 411 C  C5A   . 5CM B 1 9  ? 0.372   3.631   8.452   1.00 26.80 ? 21  5CM B C5A   1 
HETATM 412 C  C6    . 5CM B 1 9  ? 1.063   1.336   8.986   1.00 14.05 ? 21  5CM B C6    1 
HETATM 413 O  O2    . 5CM B 1 9  ? 3.736   -0.661  7.818   1.00 25.10 ? 21  5CM B O2    1 
HETATM 414 N  N4    . 5CM B 1 9  ? 2.884   3.625   6.735   1.00 25.49 ? 21  5CM B N4    1 
HETATM 415 C  "C1'" . 5CM B 1 9  ? 1.672   -1.041  9.393   1.00 11.27 ? 21  5CM B "C1'" 1 
HETATM 416 C  "C2'" . 5CM B 1 9  ? 1.484   -1.242  10.870  1.00 19.03 ? 21  5CM B "C2'" 1 
HETATM 417 C  "C3'" . 5CM B 1 9  ? 0.532   -2.467  10.841  1.00 20.23 ? 21  5CM B "C3'" 1 
HETATM 418 C  "C4'" . 5CM B 1 9  ? 0.054   -2.591  9.384   1.00 32.26 ? 21  5CM B "C4'" 1 
HETATM 419 O  "O4'" . 5CM B 1 9  ? 0.410   -1.410  8.759   1.00 17.71 ? 21  5CM B "O4'" 1 
HETATM 420 O  "O3'" . 5CM B 1 9  ? 1.219   -3.591  11.415  1.00 37.41 ? 21  5CM B "O3'" 1 
HETATM 421 C  "C5'" . 5CM B 1 9  ? -1.466  -2.679  9.085   1.00 33.82 ? 21  5CM B "C5'" 1 
HETATM 422 O  "O5'" . 5CM B 1 9  ? -2.018  -1.726  10.011  1.00 37.49 ? 21  5CM B "O5'" 1 
HETATM 423 P  P     . 5CM B 1 9  ? -3.554  -1.182  10.083  1.00 34.58 ? 21  5CM B P     1 
HETATM 424 O  OP1   . 5CM B 1 9  ? -4.371  -2.386  10.466  1.00 35.90 ? 21  5CM B OP1   1 
HETATM 425 O  OP2   . 5CM B 1 9  ? -3.551  0.151   10.717  1.00 47.36 ? 21  5CM B OP2   1 
ATOM   426 P  P     . DG  B 1 10 ? 1.750   -3.779  12.923  1.00 35.93 ? 22  DG  B P     1 
ATOM   427 O  OP1   . DG  B 1 10 ? 1.626   -5.228  13.330  1.00 42.64 ? 22  DG  B OP1   1 
ATOM   428 O  OP2   . DG  B 1 10 ? 0.967   -2.932  13.852  1.00 43.39 ? 22  DG  B OP2   1 
ATOM   429 O  "O5'" . DG  B 1 10 ? 3.280   -3.281  12.927  1.00 41.02 ? 22  DG  B "O5'" 1 
ATOM   430 C  "C5'" . DG  B 1 10 ? 4.293   -4.224  12.537  1.00 26.00 ? 22  DG  B "C5'" 1 
ATOM   431 C  "C4'" . DG  B 1 10 ? 5.347   -3.152  12.256  1.00 20.75 ? 22  DG  B "C4'" 1 
ATOM   432 O  "O4'" . DG  B 1 10 ? 4.882   -2.023  11.597  1.00 28.44 ? 22  DG  B "O4'" 1 
ATOM   433 C  "C3'" . DG  B 1 10 ? 5.812   -2.543  13.544  1.00 21.66 ? 22  DG  B "C3'" 1 
ATOM   434 O  "O3'" . DG  B 1 10 ? 7.215   -2.853  13.424  1.00 35.65 ? 22  DG  B "O3'" 1 
ATOM   435 C  "C2'" . DG  B 1 10 ? 5.445   -1.103  13.531  1.00 13.55 ? 22  DG  B "C2'" 1 
ATOM   436 C  "C1'" . DG  B 1 10 ? 5.668   -0.894  12.036  1.00 21.36 ? 22  DG  B "C1'" 1 
ATOM   437 N  N9    . DG  B 1 10 ? 5.113   0.335   11.502  1.00 27.15 ? 22  DG  B N9    1 
ATOM   438 C  C8    . DG  B 1 10 ? 3.847   0.905   11.809  1.00 23.80 ? 22  DG  B C8    1 
ATOM   439 N  N7    . DG  B 1 10 ? 3.647   2.107   11.314  1.00 18.60 ? 22  DG  B N7    1 
ATOM   440 C  C5    . DG  B 1 10 ? 4.750   2.268   10.488  1.00 14.39 ? 22  DG  B C5    1 
ATOM   441 C  C6    . DG  B 1 10 ? 5.119   3.281   9.546   1.00 19.51 ? 22  DG  B C6    1 
ATOM   442 O  O6    . DG  B 1 10 ? 4.445   4.173   9.169   1.00 18.66 ? 22  DG  B O6    1 
ATOM   443 N  N1    . DG  B 1 10 ? 6.316   3.103   8.922   1.00 14.41 ? 22  DG  B N1    1 
ATOM   444 C  C2    . DG  B 1 10 ? 7.088   2.015   9.193   1.00 9.68  ? 22  DG  B C2    1 
ATOM   445 N  N2    . DG  B 1 10 ? 8.322   2.026   8.543   1.00 16.45 ? 22  DG  B N2    1 
ATOM   446 N  N3    . DG  B 1 10 ? 6.808   0.989   9.986   1.00 18.29 ? 22  DG  B N3    1 
ATOM   447 C  C4    . DG  B 1 10 ? 5.635   1.193   10.614  1.00 16.71 ? 22  DG  B C4    1 
ATOM   448 P  P     . DC  B 1 11 ? 7.905   -3.270  14.773  1.00 36.48 ? 23  DC  B P     1 
ATOM   449 O  OP1   . DC  B 1 11 ? 7.235   -4.495  15.401  1.00 43.34 ? 23  DC  B OP1   1 
ATOM   450 O  OP2   . DC  B 1 11 ? 7.750   -1.986  15.613  1.00 36.25 ? 23  DC  B OP2   1 
ATOM   451 O  "O5'" . DC  B 1 11 ? 9.456   -3.320  14.471  1.00 30.80 ? 23  DC  B "O5'" 1 
ATOM   452 C  "C5'" . DC  B 1 11 ? 9.795   -2.905  13.249  1.00 31.32 ? 23  DC  B "C5'" 1 
ATOM   453 C  "C4'" . DC  B 1 11 ? 10.770  -2.058  12.610  1.00 26.34 ? 23  DC  B "C4'" 1 
ATOM   454 O  "O4'" . DC  B 1 11 ? 9.811   -1.165  11.965  1.00 15.98 ? 23  DC  B "O4'" 1 
ATOM   455 C  "C3'" . DC  B 1 11 ? 11.719  -1.223  13.361  1.00 28.50 ? 23  DC  B "C3'" 1 
ATOM   456 O  "O3'" . DC  B 1 11 ? 12.916  -1.965  13.774  1.00 31.17 ? 23  DC  B "O3'" 1 
ATOM   457 C  "C2'" . DC  B 1 11 ? 11.953  -0.194  12.249  1.00 23.69 ? 23  DC  B "C2'" 1 
ATOM   458 C  "C1'" . DC  B 1 11 ? 10.605  0.088   11.783  1.00 39.58 ? 23  DC  B "C1'" 1 
ATOM   459 N  N1    . DC  B 1 11 ? 9.610   1.055   12.402  1.00 27.59 ? 23  DC  B N1    1 
ATOM   460 C  C2    . DC  B 1 11 ? 9.554   2.258   11.757  1.00 25.64 ? 23  DC  B C2    1 
ATOM   461 O  O2    . DC  B 1 11 ? 10.526  2.500   10.975  1.00 22.22 ? 23  DC  B O2    1 
ATOM   462 N  N3    . DC  B 1 11 ? 8.512   3.097   12.113  1.00 14.26 ? 23  DC  B N3    1 
ATOM   463 C  C4    . DC  B 1 11 ? 7.664   2.788   13.086  1.00 10.68 ? 23  DC  B C4    1 
ATOM   464 N  N4    . DC  B 1 11 ? 6.675   3.650   13.456  1.00 21.01 ? 23  DC  B N4    1 
ATOM   465 C  C5    . DC  B 1 11 ? 7.698   1.506   13.754  1.00 31.81 ? 23  DC  B C5    1 
ATOM   466 C  C6    . DC  B 1 11 ? 8.669   0.673   13.305  1.00 19.93 ? 23  DC  B C6    1 
ATOM   467 P  P     . DG  B 1 12 ? 13.986  -1.499  14.905  1.00 34.42 ? 24  DG  B P     1 
ATOM   468 O  OP1   . DG  B 1 12 ? 15.271  -2.221  14.825  1.00 64.52 ? 24  DG  B OP1   1 
ATOM   469 O  OP2   . DG  B 1 12 ? 13.299  -1.409  16.209  1.00 40.09 ? 24  DG  B OP2   1 
ATOM   470 O  "O5'" . DG  B 1 12 ? 14.525  -0.009  14.518  1.00 34.83 ? 24  DG  B "O5'" 1 
ATOM   471 C  "C5'" . DG  B 1 12 ? 15.634  -0.145  13.630  1.00 17.08 ? 24  DG  B "C5'" 1 
ATOM   472 C  "C4'" . DG  B 1 12 ? 15.618  1.228   12.933  1.00 51.68 ? 24  DG  B "C4'" 1 
ATOM   473 O  "O4'" . DG  B 1 12 ? 14.344  1.666   12.405  1.00 25.11 ? 24  DG  B "O4'" 1 
ATOM   474 C  "C3'" . DG  B 1 12 ? 16.123  2.212   13.980  1.00 15.69 ? 24  DG  B "C3'" 1 
ATOM   475 O  "O3'" . DG  B 1 12 ? 17.544  2.243   14.219  1.00 34.90 ? 24  DG  B "O3'" 1 
ATOM   476 C  "C2'" . DG  B 1 12 ? 15.642  3.535   13.383  1.00 22.70 ? 24  DG  B "C2'" 1 
ATOM   477 C  "C1'" . DG  B 1 12 ? 14.374  3.101   12.677  1.00 32.12 ? 24  DG  B "C1'" 1 
ATOM   478 N  N9    . DG  B 1 12 ? 13.135  3.293   13.460  1.00 29.07 ? 24  DG  B N9    1 
ATOM   479 C  C8    . DG  B 1 12 ? 12.615  2.454   14.378  1.00 17.65 ? 24  DG  B C8    1 
ATOM   480 N  N7    . DG  B 1 12 ? 11.508  2.959   14.892  1.00 27.63 ? 24  DG  B N7    1 
ATOM   481 C  C5    . DG  B 1 12 ? 11.268  4.167   14.237  1.00 20.16 ? 24  DG  B C5    1 
ATOM   482 C  C6    . DG  B 1 12 ? 10.160  5.066   14.275  1.00 16.35 ? 24  DG  B C6    1 
ATOM   483 O  O6    . DG  B 1 12 ? 9.188   4.969   15.007  1.00 26.00 ? 24  DG  B O6    1 
ATOM   484 N  N1    . DG  B 1 12 ? 10.243  6.160   13.486  1.00 16.85 ? 24  DG  B N1    1 
ATOM   485 C  C2    . DG  B 1 12 ? 11.331  6.278   12.633  1.00 16.33 ? 24  DG  B C2    1 
ATOM   486 N  N2    . DG  B 1 12 ? 11.408  7.445   11.925  1.00 34.77 ? 24  DG  B N2    1 
ATOM   487 N  N3    . DG  B 1 12 ? 12.395  5.507   12.576  1.00 21.22 ? 24  DG  B N3    1 
ATOM   488 C  C4    . DG  B 1 12 ? 12.246  4.391   13.344  1.00 24.93 ? 24  DG  B C4    1 
HETATM 489 C  C1    . BRN C 2 .  ? -6.470  -0.698  2.088   1.00 53.97 ? 25  BRN A C1    1 
HETATM 490 C  C2    . BRN C 2 .  ? -7.716  -0.313  1.642   1.00 60.05 ? 25  BRN A C2    1 
HETATM 491 C  C3    . BRN C 2 .  ? -7.859  0.317   0.421   1.00 71.68 ? 25  BRN A C3    1 
HETATM 492 C  C4    . BRN C 2 .  ? -6.733  0.594   -0.374  1.00 62.67 ? 25  BRN A C4    1 
HETATM 493 C  C5    . BRN C 2 .  ? -5.484  0.236   0.125   1.00 43.25 ? 25  BRN A C5    1 
HETATM 494 C  C6    . BRN C 2 .  ? -5.337  -0.394  1.327   1.00 55.85 ? 25  BRN A C6    1 
HETATM 495 C  C7    . BRN C 2 .  ? -6.882  1.232   -1.583  1.00 62.03 ? 25  BRN A C7    1 
HETATM 496 N  NA    . BRN C 2 .  ? -5.812  1.119   -2.484  1.00 92.58 ? 25  BRN A NA    1 
HETATM 497 N  NB    . BRN C 2 .  ? -7.998  1.969   -1.893  1.00 41.01 ? 25  BRN A NB    1 
HETATM 498 N  N1    . BRN C 2 .  ? -6.376  -1.393  3.312   1.00 47.55 ? 25  BRN A N1    1 
HETATM 499 N  N     . BRN C 2 .  ? -5.178  -2.031  3.592   1.00 65.43 ? 25  BRN A N     1 
HETATM 500 N  "N1'" . BRN C 2 .  ? -5.161  -2.569  4.720   1.00 58.18 ? 25  BRN A "N1'" 1 
HETATM 501 C  "C1'" . BRN C 2 .  ? -3.838  -3.020  5.072   1.00 47.57 ? 25  BRN A "C1'" 1 
HETATM 502 C  "C2'" . BRN C 2 .  ? -2.691  -2.706  4.423   1.00 47.06 ? 25  BRN A "C2'" 1 
HETATM 503 C  "C3'" . BRN C 2 .  ? -1.465  -3.204  4.836   1.00 50.57 ? 25  BRN A "C3'" 1 
HETATM 504 C  "C4'" . BRN C 2 .  ? -1.395  -3.971  5.992   1.00 65.51 ? 25  BRN A "C4'" 1 
HETATM 505 C  "C5'" . BRN C 2 .  ? -2.547  -4.257  6.700   1.00 64.81 ? 25  BRN A "C5'" 1 
HETATM 506 C  "C6'" . BRN C 2 .  ? -3.801  -3.803  6.214   1.00 36.82 ? 25  BRN A "C6'" 1 
HETATM 507 C  "C7'" . BRN C 2 .  ? -0.188  -4.456  6.442   1.00 51.82 ? 25  BRN A "C7'" 1 
HETATM 508 N  "NA'" . BRN C 2 .  ? 0.999   -3.951  5.967   1.00 40.05 ? 25  BRN A "NA'" 1 
HETATM 509 N  "NB'" . BRN C 2 .  ? -0.117  -5.561  7.248   1.00 59.70 ? 25  BRN A "NB'" 1 
HETATM 510 MG MG    . MG  D 3 .  ? 2.677   7.692   11.262  1.00 23.14 ? 26  MG  A MG    1 
HETATM 511 O  O     . HOH E 4 .  ? 5.162   -10.833 5.984   1.00 21.62 ? 28  HOH A O     1 
HETATM 512 O  O     . HOH E 4 .  ? 9.144   -10.563 5.778   1.00 22.85 ? 29  HOH A O     1 
HETATM 513 O  O     . HOH E 4 .  ? 4.340   -8.928  -0.997  1.00 25.31 ? 30  HOH A O     1 
HETATM 514 O  O     . HOH E 4 .  ? -4.891  -7.829  -5.309  1.00 25.44 ? 31  HOH A O     1 
HETATM 515 O  O     . HOH E 4 .  ? -0.131  -5.469  -5.000  1.00 25.81 ? 32  HOH A O     1 
HETATM 516 O  O     . HOH E 4 .  ? 10.149  17.013  10.111  1.00 26.28 ? 33  HOH A O     1 
HETATM 517 O  O     . HOH E 4 .  ? 2.714   -3.048  -3.789  1.00 26.40 ? 34  HOH A O     1 
HETATM 518 O  O     . HOH E 4 .  ? 8.907   -12.763 5.095   1.00 27.69 ? 35  HOH A O     1 
HETATM 519 O  O     . HOH E 4 .  ? 5.769   12.228  7.848   1.00 29.38 ? 38  HOH A O     1 
HETATM 520 O  O     . HOH E 4 .  ? 0.419   -8.635  -0.096  1.00 31.23 ? 40  HOH A O     1 
HETATM 521 O  O     . HOH E 4 .  ? 3.280   8.447   6.127   1.00 31.29 ? 41  HOH A O     1 
HETATM 522 O  O     . HOH E 4 .  ? 13.314  11.027  0.831   1.00 31.73 ? 42  HOH A O     1 
HETATM 523 O  O     . HOH E 4 .  ? 4.250   5.145   0.008   1.00 32.21 ? 43  HOH A O     1 
HETATM 524 O  O     . HOH E 4 .  ? 2.402   -11.893 5.058   1.00 32.43 ? 44  HOH A O     1 
HETATM 525 O  O     . HOH E 4 .  ? 14.343  -5.023  2.623   1.00 32.53 ? 45  HOH A O     1 
HETATM 526 O  O     . HOH E 4 .  ? -9.385  3.327   1.365   1.00 32.74 ? 46  HOH A O     1 
HETATM 527 O  O     . HOH E 4 .  ? 6.808   -7.537  -4.316  1.00 33.12 ? 48  HOH A O     1 
HETATM 528 O  O     . HOH E 4 .  ? 11.507  -0.177  -2.821  1.00 34.12 ? 50  HOH A O     1 
HETATM 529 O  O     . HOH E 4 .  ? -7.855  6.233   -18.505 1.00 35.36 ? 52  HOH A O     1 
HETATM 530 O  O     . HOH E 4 .  ? 12.917  2.622   -2.414  1.00 35.92 ? 54  HOH A O     1 
HETATM 531 O  O     . HOH E 4 .  ? 8.371   11.526  16.046  1.00 36.59 ? 55  HOH A O     1 
HETATM 532 O  O     . HOH E 4 .  ? -16.230 0.475   -0.333  1.00 37.92 ? 58  HOH A O     1 
HETATM 533 O  O     . HOH E 4 .  ? -2.396  -9.640  -1.157  1.00 39.77 ? 61  HOH A O     1 
HETATM 534 O  O     . HOH E 4 .  ? 8.194   -6.805  6.588   1.00 40.06 ? 62  HOH A O     1 
HETATM 535 O  O     . HOH E 4 .  ? -2.351  -11.139 5.392   1.00 40.81 ? 63  HOH A O     1 
HETATM 536 O  O     . HOH E 4 .  ? -12.379 5.081   -6.682  1.00 40.89 ? 64  HOH A O     1 
HETATM 537 O  O     . HOH E 4 .  ? -7.677  -1.269  8.129   1.00 41.51 ? 68  HOH A O     1 
HETATM 538 O  O     . HOH E 4 .  ? 5.514   -2.206  -2.146  1.00 41.96 ? 70  HOH A O     1 
HETATM 539 O  O     . HOH E 4 .  ? 9.743   13.705  0.874   1.00 43.42 ? 75  HOH A O     1 
HETATM 540 O  O     . HOH E 4 .  ? -7.859  10.215  -14.395 1.00 43.90 ? 77  HOH A O     1 
HETATM 541 O  O     . HOH E 4 .  ? -12.740 3.755   -16.516 1.00 45.89 ? 78  HOH A O     1 
HETATM 542 O  O     . HOH E 4 .  ? -13.619 -3.327  -5.220  1.00 46.34 ? 81  HOH A O     1 
HETATM 543 O  O     . HOH E 4 .  ? 4.721   5.449   18.473  1.00 46.50 ? 82  HOH A O     1 
HETATM 544 O  O     . HOH E 4 .  ? -9.234  -7.282  4.759   1.00 47.36 ? 85  HOH A O     1 
HETATM 545 O  O     . HOH E 4 .  ? -14.270 -2.324  -0.833  1.00 48.44 ? 87  HOH A O     1 
HETATM 546 O  O     . HOH E 4 .  ? 14.701  1.265   -0.696  1.00 48.72 ? 88  HOH A O     1 
HETATM 547 O  O     . HOH E 4 .  ? -11.870 2.460   -1.855  1.00 48.79 ? 89  HOH A O     1 
HETATM 548 O  O     . HOH E 4 .  ? 3.734   -6.089  -5.456  1.00 49.00 ? 91  HOH A O     1 
HETATM 549 O  O     . HOH E 4 .  ? 5.432   -6.938  -0.718  1.00 49.03 ? 92  HOH A O     1 
HETATM 550 O  O     . HOH E 4 .  ? 3.663   5.685   14.737  1.00 49.61 ? 93  HOH A O     1 
HETATM 551 O  O     . HOH E 4 .  ? -7.341  -3.850  6.103   1.00 49.69 ? 95  HOH A O     1 
HETATM 552 O  O     . HOH E 4 .  ? -10.105 -3.136  4.962   1.00 53.21 ? 100 HOH A O     1 
HETATM 553 O  O     . HOH E 4 .  ? 7.546   -6.449  -0.136  1.00 53.54 ? 101 HOH A O     1 
HETATM 554 O  O     . HOH E 4 .  ? -16.194 5.316   -7.517  1.00 53.63 ? 103 HOH A O     1 
HETATM 555 O  O     . HOH E 4 .  ? 16.209  -5.986  1.987   1.00 54.46 ? 105 HOH A O     1 
HETATM 556 O  O     . HOH E 4 .  ? 3.951   5.570   4.227   1.00 54.57 ? 106 HOH A O     1 
HETATM 557 O  O     . HOH E 4 .  ? -12.043 0.106   1.389   1.00 54.65 ? 107 HOH A O     1 
HETATM 558 O  O     . HOH E 4 .  ? -8.412  1.264   -7.576  1.00 55.92 ? 110 HOH A O     1 
HETATM 559 O  O     . HOH E 4 .  ? 15.933  2.306   -3.697  1.00 55.96 ? 111 HOH A O     1 
HETATM 560 O  O     . HOH E 4 .  ? 9.979   15.924  6.381   1.00 56.57 ? 112 HOH A O     1 
HETATM 561 O  O     . HOH E 4 .  ? 2.741   -5.326  8.815   1.00 56.86 ? 114 HOH A O     1 
HETATM 562 O  O     . HOH E 4 .  ? -17.672 2.666   -9.205  1.00 57.10 ? 115 HOH A O     1 
HETATM 563 O  O     . HOH E 4 .  ? 4.107   -4.676  5.810   1.00 59.39 ? 120 HOH A O     1 
HETATM 564 O  O     . HOH E 4 .  ? 8.519   3.716   -1.038  1.00 60.48 ? 123 HOH A O     1 
HETATM 565 O  O     . HOH E 4 .  ? 1.464   -8.131  -3.428  1.00 66.92 ? 126 HOH A O     1 
HETATM 566 O  O     . HOH E 4 .  ? -9.841  0.688   3.381   1.00 67.73 ? 127 HOH A O     1 
HETATM 567 O  O     . HOH E 4 .  ? 6.825   8.924   20.981  1.00 72.37 ? 130 HOH A O     1 
HETATM 568 O  O     . HOH E 4 .  ? 1.213   8.853   10.351  1.00 29.87 ? 132 HOH A O     1 
HETATM 569 O  O     . HOH E 4 .  ? 4.057   6.492   11.959  1.00 23.18 ? 133 HOH A O     1 
HETATM 570 O  O     . HOH E 4 .  ? 2.850   9.072   12.624  1.00 30.07 ? 135 HOH A O     1 
HETATM 571 O  O     . HOH E 4 .  ? 4.126   8.661   10.191  1.00 28.57 ? 136 HOH A O     1 
HETATM 572 O  O     . HOH E 4 .  ? 1.324   6.747   12.159  1.00 19.24 ? 137 HOH A O     1 
HETATM 573 O  O     . HOH F 4 .  ? -2.988  4.316   7.425   1.00 21.23 ? 27  HOH B O     1 
HETATM 574 O  O     . HOH F 4 .  ? -3.959  7.099   4.653   1.00 28.21 ? 36  HOH B O     1 
HETATM 575 O  O     . HOH F 4 .  ? 2.398   1.430   -4.228  1.00 29.32 ? 37  HOH B O     1 
HETATM 576 O  O     . HOH F 4 .  ? 8.574   -1.795  10.171  1.00 30.75 ? 39  HOH B O     1 
HETATM 577 O  O     . HOH F 4 .  ? 2.105   3.645   12.545  1.00 33.06 ? 47  HOH B O     1 
HETATM 578 O  O     . HOH F 4 .  ? 3.584   -3.206  16.960  1.00 33.75 ? 49  HOH B O     1 
HETATM 579 O  O     . HOH F 4 .  ? 18.896  0.556   12.103  1.00 35.10 ? 51  HOH B O     1 
HETATM 580 O  O     . HOH F 4 .  ? 3.392   -5.947  -15.284 1.00 35.45 ? 53  HOH B O     1 
HETATM 581 O  O     . HOH F 4 .  ? 11.356  0.216   15.883  1.00 36.88 ? 56  HOH B O     1 
HETATM 582 O  O     . HOH F 4 .  ? 1.875   -3.646  -17.410 1.00 37.37 ? 57  HOH B O     1 
HETATM 583 O  O     . HOH F 4 .  ? -4.694  -15.412 -11.409 1.00 39.27 ? 59  HOH B O     1 
HETATM 584 O  O     . HOH F 4 .  ? -13.953 7.231   -10.546 1.00 39.68 ? 60  HOH B O     1 
HETATM 585 O  O     . HOH F 4 .  ? 2.550   -5.371  -12.167 1.00 40.97 ? 65  HOH B O     1 
HETATM 586 O  O     . HOH F 4 .  ? -8.906  7.625   -10.506 1.00 41.07 ? 66  HOH B O     1 
HETATM 587 O  O     . HOH F 4 .  ? 0.851   6.847   -6.903  1.00 41.11 ? 67  HOH B O     1 
HETATM 588 O  O     . HOH F 4 .  ? 0.227   3.682   16.263  1.00 41.60 ? 69  HOH B O     1 
HETATM 589 O  O     . HOH F 4 .  ? -7.228  -15.468 -13.937 1.00 42.31 ? 71  HOH B O     1 
HETATM 590 O  O     . HOH F 4 .  ? 21.397  -0.950  12.222  1.00 42.64 ? 72  HOH B O     1 
HETATM 591 O  O     . HOH F 4 .  ? 1.753   4.135   -3.471  1.00 42.76 ? 73  HOH B O     1 
HETATM 592 O  O     . HOH F 4 .  ? 3.103   -7.071  10.855  1.00 43.20 ? 74  HOH B O     1 
HETATM 593 O  O     . HOH F 4 .  ? -1.930  -6.531  -6.731  1.00 43.49 ? 76  HOH B O     1 
HETATM 594 O  O     . HOH F 4 .  ? -0.456  -5.349  -7.845  1.00 45.99 ? 79  HOH B O     1 
HETATM 595 O  O     . HOH F 4 .  ? -3.378  6.733   1.698   1.00 46.15 ? 80  HOH B O     1 
HETATM 596 O  O     . HOH F 4 .  ? -8.392  -14.061 -11.825 1.00 46.60 ? 83  HOH B O     1 
HETATM 597 O  O     . HOH F 4 .  ? -5.963  10.106  3.344   1.00 47.04 ? 84  HOH B O     1 
HETATM 598 O  O     . HOH F 4 .  ? -8.063  8.074   -7.148  1.00 47.48 ? 86  HOH B O     1 
HETATM 599 O  O     . HOH F 4 .  ? -11.811 7.859   -11.438 1.00 48.83 ? 90  HOH B O     1 
HETATM 600 O  O     . HOH F 4 .  ? 4.030   -6.002  14.911  1.00 49.68 ? 94  HOH B O     1 
HETATM 601 O  O     . HOH F 4 .  ? 0.369   -7.315  -11.016 1.00 49.99 ? 96  HOH B O     1 
HETATM 602 O  O     . HOH F 4 .  ? -8.361  -8.540  -9.078  1.00 50.21 ? 97  HOH B O     1 
HETATM 603 O  O     . HOH F 4 .  ? 0.972   -11.678 -12.867 1.00 52.98 ? 98  HOH B O     1 
HETATM 604 O  O     . HOH F 4 .  ? 2.998   3.767   -6.973  1.00 53.18 ? 99  HOH B O     1 
HETATM 605 O  O     . HOH F 4 .  ? -4.309  3.852   10.634  1.00 53.62 ? 102 HOH B O     1 
HETATM 606 O  O     . HOH F 4 .  ? -6.374  1.833   -5.085  1.00 54.10 ? 104 HOH B O     1 
HETATM 607 O  O     . HOH F 4 .  ? -1.893  7.245   -3.456  1.00 54.79 ? 108 HOH B O     1 
HETATM 608 O  O     . HOH F 4 .  ? -3.488  -10.892 -10.659 1.00 55.36 ? 109 HOH B O     1 
HETATM 609 O  O     . HOH F 4 .  ? 7.366   -4.985  10.887  1.00 56.67 ? 113 HOH B O     1 
HETATM 610 O  O     . HOH F 4 .  ? 2.900   0.721   16.451  1.00 57.98 ? 116 HOH B O     1 
HETATM 611 O  O     . HOH F 4 .  ? -1.485  -12.357 -11.432 1.00 58.32 ? 117 HOH B O     1 
HETATM 612 O  O     . HOH F 4 .  ? 4.813   5.409   -3.475  1.00 58.48 ? 118 HOH B O     1 
HETATM 613 O  O     . HOH F 4 .  ? 2.363   7.939   -3.223  1.00 58.90 ? 119 HOH B O     1 
HETATM 614 O  O     . HOH F 4 .  ? -4.784  -8.939  -9.073  1.00 59.90 ? 121 HOH B O     1 
HETATM 615 O  O     . HOH F 4 .  ? 1.565   -0.616  14.017  1.00 60.44 ? 122 HOH B O     1 
HETATM 616 O  O     . HOH F 4 .  ? 3.950   3.193   15.345  1.00 65.05 ? 124 HOH B O     1 
HETATM 617 O  O     . HOH F 4 .  ? 4.033   -4.239  -13.898 1.00 65.55 ? 125 HOH B O     1 
HETATM 618 O  O     . HOH F 4 .  ? 4.915   -3.140  9.173   1.00 68.34 ? 128 HOH B O     1 
HETATM 619 O  O     . HOH F 4 .  ? 7.319   -5.884  13.657  1.00 69.74 ? 129 HOH B O     1 
HETATM 620 O  O     . HOH F 4 .  ? 3.510   1.282   -16.597 1.00 72.99 ? 131 HOH B O     1 
HETATM 621 O  O     . HOH F 4 .  ? 2.622   6.416   9.547   1.00 24.55 ? 134 HOH B O     1 
# 
